data_8I4L
#
_entry.id   8I4L
#
_entity_poly.entity_id   1
_entity_poly.type   'polypeptide(L)'
_entity_poly.pdbx_seq_one_letter_code
;MANFTPSRLGLVNNTGTGVKDLFLKTFAGEVLSAFRKATIFEDLHTVRTISSGKSAQFPIVGLSSTSYHSPGTQLTGNAI
KHAEAVINIDDKLVSNVFIADVDEAMNHYDVRSQYSVQMGNALAYTFDQNVAAMIAQAARTSTNPNTDLPGGTRIKILKS
GTANTAAAVAAVTGTDLATALFSAAEQMDINNLPEEDRYCAIDPTNYYKLVQNTTVINRDFGGRGAYAEGEVLKVAGIHI
VKSNHLPKTNRSAATGENNTYHANYTDNIGLVFNKQAVGTVKLMDLKMEQTGADIHALYQGTFMVGSMMHGSGVLRPDCA
IELYAANS
;
_entity_poly.pdbx_strand_id   D,A,B,C,E,F,G
#
# COMPACT_ATOMS: atom_id res chain seq x y z
N ALA A 2 58.98 43.71 21.04
CA ALA A 2 59.40 43.40 19.68
C ALA A 2 60.23 44.54 19.09
N ASN A 3 60.09 45.74 19.66
CA ASN A 3 60.85 46.92 19.27
C ASN A 3 60.70 47.22 17.78
N PHE A 4 59.47 47.55 17.40
CA PHE A 4 59.17 47.99 16.05
C PHE A 4 58.03 49.00 16.06
N THR A 5 58.25 50.12 15.38
CA THR A 5 57.19 51.08 15.06
C THR A 5 57.03 51.06 13.55
N PRO A 6 55.97 50.46 13.02
CA PRO A 6 55.95 50.07 11.60
C PRO A 6 55.66 51.25 10.67
N SER A 7 55.85 50.97 9.37
CA SER A 7 55.57 51.93 8.31
C SER A 7 54.14 51.81 7.78
N ARG A 8 53.54 50.63 7.91
CA ARG A 8 52.13 50.34 7.67
C ARG A 8 51.77 50.29 6.19
N LEU A 9 52.68 50.71 5.30
CA LEU A 9 52.61 50.43 3.87
C LEU A 9 51.33 50.91 3.19
N GLY A 10 50.42 51.52 3.94
CA GLY A 10 49.18 52.02 3.36
C GLY A 10 48.65 53.25 4.06
N LEU A 11 49.38 53.73 5.06
CA LEU A 11 48.86 54.75 5.94
C LEU A 11 48.87 56.10 5.23
N VAL A 12 48.09 57.04 5.79
CA VAL A 12 47.99 58.40 5.29
C VAL A 12 48.36 59.35 6.43
N ASN A 13 49.21 60.32 6.14
CA ASN A 13 49.69 61.32 7.09
C ASN A 13 50.42 60.72 8.28
N ASN A 14 50.67 59.41 8.28
CA ASN A 14 51.28 58.72 9.42
C ASN A 14 50.51 58.98 10.72
N THR A 15 49.22 59.31 10.59
CA THR A 15 48.39 59.71 11.70
C THR A 15 46.96 59.26 11.45
N GLY A 16 46.26 58.87 12.51
CA GLY A 16 44.87 58.50 12.40
C GLY A 16 44.68 57.12 11.79
N THR A 17 43.44 56.86 11.38
CA THR A 17 43.04 55.57 10.84
C THR A 17 43.24 55.57 9.33
N GLY A 18 42.74 54.53 8.67
CA GLY A 18 42.88 54.42 7.23
C GLY A 18 44.17 53.74 6.83
N VAL A 19 44.54 52.67 7.53
CA VAL A 19 45.81 52.00 7.28
C VAL A 19 45.74 51.00 6.14
N LYS A 20 44.56 50.75 5.59
CA LYS A 20 44.41 49.84 4.46
C LYS A 20 43.91 50.55 3.20
N ASP A 21 44.24 51.83 3.06
CA ASP A 21 43.76 52.62 1.93
C ASP A 21 44.47 52.31 0.62
N LEU A 22 45.76 51.99 0.65
CA LEU A 22 46.53 51.72 -0.55
C LEU A 22 46.42 50.28 -1.03
N PHE A 23 45.79 49.41 -0.25
CA PHE A 23 45.52 48.05 -0.65
C PHE A 23 44.26 48.02 -1.53
N LEU A 24 44.19 47.02 -2.39
CA LEU A 24 43.11 46.92 -3.36
C LEU A 24 42.47 45.54 -3.29
N LYS A 25 41.19 45.49 -3.63
CA LYS A 25 40.40 44.27 -3.51
C LYS A 25 40.50 43.44 -4.79
N THR A 26 40.32 42.14 -4.63
CA THR A 26 40.59 41.18 -5.70
C THR A 26 39.34 40.37 -6.03
N PHE A 27 39.21 40.04 -7.31
CA PHE A 27 38.12 39.21 -7.79
C PHE A 27 38.30 37.77 -7.28
N ALA A 28 37.22 37.19 -6.75
CA ALA A 28 37.31 35.85 -6.18
C ALA A 28 37.38 34.77 -7.24
N GLY A 29 36.77 35.00 -8.41
CA GLY A 29 36.82 34.06 -9.50
C GLY A 29 35.58 33.23 -9.74
N GLU A 30 34.45 33.58 -9.15
CA GLU A 30 33.25 32.76 -9.26
C GLU A 30 32.01 33.65 -9.23
N VAL A 31 31.10 33.40 -10.17
CA VAL A 31 29.83 34.13 -10.27
C VAL A 31 28.74 33.25 -9.70
N LEU A 32 27.76 33.90 -9.07
CA LEU A 32 26.76 33.18 -8.26
C LEU A 32 25.53 32.78 -9.07
N SER A 33 24.86 33.76 -9.68
CA SER A 33 23.62 33.55 -10.46
C SER A 33 22.52 32.93 -9.61
N ALA A 34 21.48 32.42 -10.26
CA ALA A 34 20.28 31.95 -9.57
C ALA A 34 19.91 30.55 -10.03
N PHE A 35 19.08 29.87 -9.23
CA PHE A 35 18.66 28.51 -9.48
C PHE A 35 17.55 28.47 -10.53
N ARG A 36 17.42 27.31 -11.18
CA ARG A 36 16.42 27.11 -12.22
C ARG A 36 15.21 26.37 -11.64
N LYS A 37 14.02 26.87 -11.95
CA LYS A 37 12.79 26.23 -11.49
C LYS A 37 12.53 24.94 -12.28
N ALA A 38 11.80 24.04 -11.65
CA ALA A 38 11.45 22.77 -12.27
C ALA A 38 10.23 22.95 -13.17
N THR A 39 10.39 22.66 -14.45
CA THR A 39 9.33 22.81 -15.45
C THR A 39 8.90 21.43 -15.92
N ILE A 40 7.64 21.10 -15.70
CA ILE A 40 7.13 19.76 -15.98
C ILE A 40 6.02 19.73 -17.01
N PHE A 41 5.38 20.86 -17.33
CA PHE A 41 4.24 20.88 -18.23
C PHE A 41 4.62 20.96 -19.71
N GLU A 42 5.91 21.06 -20.03
CA GLU A 42 6.30 21.07 -21.44
C GLU A 42 5.95 19.75 -22.12
N ASP A 43 6.18 18.63 -21.43
CA ASP A 43 5.62 17.36 -21.83
C ASP A 43 4.28 17.18 -21.11
N LEU A 44 3.74 15.96 -21.13
CA LEU A 44 2.43 15.66 -20.56
C LEU A 44 1.32 16.44 -21.25
N HIS A 45 1.52 16.79 -22.52
CA HIS A 45 0.44 17.34 -23.34
C HIS A 45 0.88 17.26 -24.80
N THR A 46 -0.08 17.56 -25.68
CA THR A 46 0.09 17.38 -27.12
C THR A 46 0.54 18.68 -27.77
N VAL A 47 1.51 18.57 -28.69
CA VAL A 47 2.05 19.73 -29.40
C VAL A 47 1.93 19.48 -30.89
N ARG A 48 1.27 20.40 -31.60
CA ARG A 48 1.11 20.34 -33.05
C ARG A 48 1.61 21.63 -33.67
N THR A 49 1.78 21.61 -34.99
CA THR A 49 2.23 22.79 -35.74
C THR A 49 1.34 22.98 -36.95
N ILE A 50 1.05 24.24 -37.28
CA ILE A 50 0.30 24.60 -38.48
C ILE A 50 1.09 25.65 -39.24
N SER A 51 0.77 25.79 -40.53
CA SER A 51 1.56 26.64 -41.40
C SER A 51 0.95 28.02 -41.62
N SER A 52 -0.34 28.21 -41.37
CA SER A 52 -0.98 29.50 -41.56
C SER A 52 -2.27 29.53 -40.75
N GLY A 53 -3.09 30.54 -40.98
CA GLY A 53 -4.37 30.66 -40.32
C GLY A 53 -4.27 31.29 -38.94
N LYS A 54 -5.42 31.68 -38.42
CA LYS A 54 -5.50 32.29 -37.10
C LYS A 54 -5.95 31.33 -36.01
N SER A 55 -6.39 30.12 -36.37
CA SER A 55 -6.80 29.12 -35.38
C SER A 55 -6.74 27.75 -36.03
N ALA A 56 -7.06 26.72 -35.25
CA ALA A 56 -7.04 25.34 -35.71
C ALA A 56 -8.24 24.59 -35.14
N GLN A 57 -8.68 23.57 -35.86
CA GLN A 57 -9.89 22.83 -35.53
C GLN A 57 -9.60 21.35 -35.36
N PHE A 58 -10.11 20.76 -34.27
CA PHE A 58 -10.00 19.33 -34.01
C PHE A 58 -11.38 18.70 -34.06
N PRO A 59 -11.70 17.90 -35.08
CA PRO A 59 -13.04 17.30 -35.14
C PRO A 59 -13.17 16.07 -34.22
N ILE A 60 -14.42 15.81 -33.81
CA ILE A 60 -14.74 14.73 -32.88
C ILE A 60 -15.83 13.87 -33.51
N VAL A 61 -15.79 12.56 -33.22
CA VAL A 61 -16.73 11.59 -33.79
C VAL A 61 -17.34 10.77 -32.67
N GLY A 62 -18.66 10.58 -32.72
CA GLY A 62 -19.39 9.89 -31.69
C GLY A 62 -19.54 8.40 -31.93
N LEU A 63 -20.48 7.78 -31.21
CA LEU A 63 -20.67 6.35 -31.22
C LEU A 63 -21.83 5.94 -32.14
N SER A 64 -21.82 4.67 -32.54
CA SER A 64 -22.82 4.07 -33.41
C SER A 64 -23.77 3.18 -32.60
N SER A 65 -24.67 2.50 -33.32
CA SER A 65 -25.69 1.67 -32.70
C SER A 65 -25.90 0.39 -33.49
N THR A 66 -26.83 -0.44 -33.01
CA THR A 66 -27.10 -1.75 -33.58
C THR A 66 -28.60 -2.02 -33.58
N SER A 67 -29.03 -2.98 -34.39
CA SER A 67 -30.44 -3.33 -34.50
C SER A 67 -30.55 -4.73 -35.11
N TYR A 68 -31.79 -5.19 -35.27
CA TYR A 68 -32.08 -6.49 -35.85
C TYR A 68 -32.68 -6.34 -37.25
N HIS A 69 -32.39 -7.31 -38.11
CA HIS A 69 -32.79 -7.26 -39.50
C HIS A 69 -33.88 -8.29 -39.76
N SER A 70 -34.91 -7.88 -40.49
CA SER A 70 -35.97 -8.79 -40.94
C SER A 70 -35.66 -9.24 -42.36
N PRO A 71 -35.84 -10.53 -42.68
CA PRO A 71 -35.43 -11.01 -44.01
C PRO A 71 -36.30 -10.46 -45.13
N GLY A 72 -35.66 -9.92 -46.18
CA GLY A 72 -36.34 -9.40 -47.35
C GLY A 72 -36.34 -7.89 -47.45
N THR A 73 -36.42 -7.20 -46.31
CA THR A 73 -36.54 -5.75 -46.31
C THR A 73 -35.20 -5.08 -46.60
N GLN A 74 -35.22 -3.76 -46.68
CA GLN A 74 -34.05 -2.96 -47.02
C GLN A 74 -33.60 -2.16 -45.80
N LEU A 75 -32.29 -2.09 -45.62
CA LEU A 75 -31.69 -1.29 -44.56
C LEU A 75 -31.55 0.16 -45.02
N THR A 76 -31.76 1.09 -44.10
CA THR A 76 -31.70 2.52 -44.42
C THR A 76 -30.48 3.20 -43.81
N GLY A 77 -30.30 3.10 -42.49
CA GLY A 77 -29.13 3.69 -41.86
C GLY A 77 -29.41 4.51 -40.63
N ASN A 78 -28.38 4.69 -39.79
CA ASN A 78 -28.50 5.49 -38.59
C ASN A 78 -27.54 6.68 -38.64
N ALA A 79 -27.67 7.57 -37.66
CA ALA A 79 -26.91 8.81 -37.63
C ALA A 79 -25.76 8.74 -36.66
N ILE A 80 -24.79 9.63 -36.86
CA ILE A 80 -23.58 9.72 -36.05
C ILE A 80 -23.40 11.17 -35.62
N LYS A 81 -23.14 11.38 -34.33
CA LYS A 81 -22.99 12.73 -33.79
C LYS A 81 -21.62 13.30 -34.16
N HIS A 82 -21.57 14.61 -34.38
CA HIS A 82 -20.33 15.29 -34.76
C HIS A 82 -20.20 16.59 -33.99
N ALA A 83 -18.95 17.05 -33.84
CA ALA A 83 -18.64 18.32 -33.18
C ALA A 83 -17.19 18.65 -33.50
N GLU A 84 -16.67 19.71 -32.87
CA GLU A 84 -15.26 20.06 -33.04
C GLU A 84 -14.81 20.91 -31.86
N ALA A 85 -13.49 21.10 -31.77
CA ALA A 85 -12.87 21.98 -30.80
C ALA A 85 -11.89 22.89 -31.53
N VAL A 86 -11.76 24.13 -31.05
CA VAL A 86 -10.98 25.16 -31.73
C VAL A 86 -9.94 25.72 -30.76
N ILE A 87 -8.75 25.98 -31.28
CA ILE A 87 -7.65 26.55 -30.51
C ILE A 87 -7.14 27.77 -31.26
N ASN A 88 -7.13 28.92 -30.59
CA ASN A 88 -6.68 30.16 -31.19
C ASN A 88 -5.16 30.32 -31.06
N ILE A 89 -4.64 31.32 -31.76
CA ILE A 89 -3.22 31.64 -31.75
C ILE A 89 -3.03 32.95 -31.01
N ASP A 90 -2.10 32.97 -30.06
CA ASP A 90 -1.83 34.16 -29.26
C ASP A 90 -0.96 35.14 -30.04
N ASP A 91 -0.59 36.23 -29.38
CA ASP A 91 0.35 37.19 -29.95
C ASP A 91 1.77 36.68 -29.76
N LYS A 92 2.75 37.53 -30.02
CA LYS A 92 4.15 37.14 -29.99
C LYS A 92 4.80 37.61 -28.70
N LEU A 93 5.45 36.68 -28.00
CA LEU A 93 6.19 36.98 -26.78
C LEU A 93 7.62 37.33 -27.11
N VAL A 94 8.18 38.31 -26.38
CA VAL A 94 9.54 38.77 -26.63
C VAL A 94 10.29 38.91 -25.31
N SER A 95 11.61 38.82 -25.39
CA SER A 95 12.51 39.09 -24.28
C SER A 95 13.80 39.66 -24.86
N ASN A 96 14.26 40.78 -24.32
CA ASN A 96 15.36 41.51 -24.96
C ASN A 96 16.18 42.25 -23.92
N VAL A 97 17.40 42.61 -24.31
CA VAL A 97 18.34 43.34 -23.47
C VAL A 97 19.33 44.06 -24.38
N PHE A 98 19.97 45.11 -23.85
CA PHE A 98 20.97 45.88 -24.57
C PHE A 98 22.22 45.99 -23.70
N ILE A 99 23.39 45.75 -24.31
CA ILE A 99 24.66 45.81 -23.60
C ILE A 99 25.55 46.84 -24.29
N ALA A 100 26.11 47.76 -23.50
CA ALA A 100 26.94 48.84 -24.01
C ALA A 100 28.39 48.36 -24.15
N ASP A 101 29.31 49.29 -24.38
CA ASP A 101 30.72 48.99 -24.55
C ASP A 101 31.58 49.54 -23.43
N VAL A 102 31.36 50.79 -23.03
CA VAL A 102 32.08 51.35 -21.89
C VAL A 102 31.71 50.61 -20.61
N ASP A 103 30.41 50.47 -20.34
CA ASP A 103 29.97 49.68 -19.19
C ASP A 103 30.46 48.25 -19.27
N GLU A 104 30.61 47.71 -20.48
CA GLU A 104 31.24 46.41 -20.64
C GLU A 104 32.69 46.45 -20.17
N ALA A 105 33.42 47.52 -20.51
CA ALA A 105 34.80 47.64 -20.06
C ALA A 105 34.88 47.79 -18.55
N MET A 106 33.82 48.32 -17.92
CA MET A 106 33.70 48.32 -16.47
C MET A 106 33.20 46.94 -16.01
N ASN A 107 33.98 45.92 -16.36
CA ASN A 107 33.66 44.55 -16.02
C ASN A 107 34.90 43.68 -16.15
N HIS A 108 34.97 42.65 -15.32
CA HIS A 108 36.07 41.71 -15.30
C HIS A 108 35.64 40.28 -15.54
N TYR A 109 34.35 40.04 -15.82
CA TYR A 109 33.86 38.72 -16.18
C TYR A 109 32.96 38.85 -17.39
N ASP A 110 32.60 37.71 -17.97
CA ASP A 110 31.84 37.66 -19.20
C ASP A 110 30.37 37.39 -18.90
N VAL A 111 29.48 38.15 -19.55
CA VAL A 111 28.06 38.13 -19.25
C VAL A 111 27.20 37.72 -20.44
N ARG A 112 27.80 37.40 -21.59
CA ARG A 112 26.99 37.11 -22.76
C ARG A 112 26.44 35.68 -22.77
N SER A 113 26.82 34.85 -21.81
CA SER A 113 26.31 33.49 -21.74
C SER A 113 25.15 33.35 -20.76
N GLN A 114 25.09 34.20 -19.73
CA GLN A 114 24.02 34.12 -18.75
C GLN A 114 22.71 34.68 -19.30
N TYR A 115 22.79 35.68 -20.17
CA TYR A 115 21.59 36.38 -20.61
C TYR A 115 20.69 35.49 -21.44
N SER A 116 21.28 34.69 -22.33
CA SER A 116 20.47 33.76 -23.13
C SER A 116 19.76 32.75 -22.24
N VAL A 117 20.45 32.25 -21.21
CA VAL A 117 19.84 31.32 -20.28
C VAL A 117 18.66 31.99 -19.57
N GLN A 118 18.84 33.23 -19.14
CA GLN A 118 17.75 33.91 -18.43
C GLN A 118 16.55 34.14 -19.34
N MET A 119 16.79 34.52 -20.60
CA MET A 119 15.67 34.71 -21.53
C MET A 119 14.93 33.41 -21.79
N GLY A 120 15.67 32.32 -22.02
CA GLY A 120 15.03 31.03 -22.21
C GLY A 120 14.21 30.62 -21.01
N ASN A 121 14.74 30.85 -19.81
CA ASN A 121 13.99 30.52 -18.59
C ASN A 121 12.70 31.32 -18.51
N ALA A 122 12.77 32.62 -18.84
CA ALA A 122 11.56 33.45 -18.83
C ALA A 122 10.49 32.88 -19.74
N LEU A 123 10.88 32.58 -20.98
CA LEU A 123 9.90 32.07 -21.95
C LEU A 123 9.32 30.75 -21.51
N ALA A 124 10.16 29.84 -21.00
CA ALA A 124 9.67 28.53 -20.56
C ALA A 124 8.70 28.67 -19.39
N TYR A 125 9.02 29.57 -18.44
CA TYR A 125 8.15 29.75 -17.29
C TYR A 125 6.77 30.25 -17.72
N THR A 126 6.74 31.24 -18.63
CA THR A 126 5.46 31.75 -19.09
C THR A 126 4.66 30.67 -19.81
N PHE A 127 5.32 29.89 -20.67
CA PHE A 127 4.64 28.81 -21.39
C PHE A 127 4.03 27.81 -20.42
N ASP A 128 4.78 27.41 -19.38
CA ASP A 128 4.27 26.39 -18.47
C ASP A 128 3.15 26.91 -17.59
N GLN A 129 3.23 28.18 -17.18
CA GLN A 129 2.11 28.76 -16.44
C GLN A 129 0.83 28.76 -17.28
N ASN A 130 0.96 29.13 -18.56
CA ASN A 130 -0.21 29.12 -19.44
C ASN A 130 -0.77 27.71 -19.59
N VAL A 131 0.12 26.71 -19.71
CA VAL A 131 -0.34 25.33 -19.86
C VAL A 131 -1.11 24.86 -18.63
N ALA A 132 -0.60 25.17 -17.44
CA ALA A 132 -1.31 24.79 -16.22
C ALA A 132 -2.67 25.48 -16.13
N ALA A 133 -2.72 26.76 -16.48
CA ALA A 133 -4.01 27.46 -16.49
C ALA A 133 -4.99 26.81 -17.44
N MET A 134 -4.52 26.41 -18.62
CA MET A 134 -5.42 25.76 -19.58
C MET A 134 -5.89 24.40 -19.09
N ILE A 135 -5.05 23.67 -18.35
CA ILE A 135 -5.49 22.40 -17.78
C ILE A 135 -6.62 22.64 -16.78
N ALA A 136 -6.47 23.65 -15.93
CA ALA A 136 -7.55 23.97 -15.00
C ALA A 136 -8.83 24.37 -15.74
N GLN A 137 -8.69 25.18 -16.78
CA GLN A 137 -9.86 25.60 -17.55
C GLN A 137 -10.54 24.41 -18.23
N ALA A 138 -9.76 23.43 -18.68
CA ALA A 138 -10.33 22.21 -19.23
C ALA A 138 -11.07 21.43 -18.16
N ALA A 139 -10.52 21.39 -16.94
CA ALA A 139 -11.21 20.71 -15.85
C ALA A 139 -12.50 21.42 -15.44
N ARG A 140 -12.64 22.71 -15.75
CA ARG A 140 -13.82 23.46 -15.35
C ARG A 140 -14.91 23.49 -16.43
N THR A 141 -14.86 22.63 -17.43
CA THR A 141 -15.87 22.59 -18.48
C THR A 141 -16.93 21.54 -18.13
N SER A 142 -18.18 21.98 -18.02
CA SER A 142 -19.24 21.10 -17.53
C SER A 142 -19.72 20.11 -18.60
N THR A 143 -19.80 20.55 -19.86
CA THR A 143 -20.40 19.73 -20.91
C THR A 143 -19.43 19.58 -22.07
N ASN A 144 -19.27 18.35 -22.54
CA ASN A 144 -18.40 18.08 -23.68
C ASN A 144 -18.99 18.72 -24.94
N PRO A 145 -18.14 19.22 -25.85
CA PRO A 145 -18.67 19.72 -27.13
C PRO A 145 -19.45 18.68 -27.91
N ASN A 146 -19.03 17.42 -27.85
CA ASN A 146 -19.77 16.31 -28.44
C ASN A 146 -20.60 15.65 -27.35
N THR A 147 -21.92 15.73 -27.50
CA THR A 147 -22.83 15.34 -26.43
C THR A 147 -22.76 13.84 -26.12
N ASP A 148 -22.14 13.06 -27.00
CA ASP A 148 -22.07 11.61 -26.77
C ASP A 148 -21.07 11.28 -25.66
N LEU A 149 -20.03 12.10 -25.50
CA LEU A 149 -18.98 11.87 -24.53
C LEU A 149 -19.24 12.68 -23.25
N PRO A 150 -18.66 12.27 -22.12
CA PRO A 150 -18.91 12.97 -20.86
C PRO A 150 -18.05 14.23 -20.73
N GLY A 151 -18.35 15.00 -19.68
CA GLY A 151 -17.72 16.28 -19.46
C GLY A 151 -16.72 16.25 -18.32
N GLY A 152 -16.32 17.46 -17.90
CA GLY A 152 -15.35 17.59 -16.83
C GLY A 152 -15.94 17.32 -15.47
N THR A 153 -15.05 17.19 -14.48
CA THR A 153 -15.45 16.84 -13.13
C THR A 153 -14.67 17.69 -12.13
N ARG A 154 -15.32 18.00 -11.00
CA ARG A 154 -14.67 18.68 -9.89
C ARG A 154 -15.01 17.96 -8.60
N ILE A 155 -14.02 17.78 -7.74
CA ILE A 155 -14.17 17.10 -6.46
C ILE A 155 -13.97 18.11 -5.36
N LYS A 156 -14.95 18.21 -4.46
CA LYS A 156 -14.96 19.21 -3.41
C LYS A 156 -14.67 18.57 -2.06
N ILE A 157 -13.78 19.18 -1.30
CA ILE A 157 -13.43 18.72 0.04
C ILE A 157 -14.19 19.61 1.01
N LEU A 158 -15.40 19.19 1.38
CA LEU A 158 -16.18 19.93 2.36
C LEU A 158 -15.48 19.94 3.71
N LYS A 159 -15.37 21.12 4.32
CA LYS A 159 -14.60 21.28 5.53
C LYS A 159 -15.47 21.62 6.74
N SER A 160 -16.21 22.72 6.69
CA SER A 160 -16.98 23.20 7.83
C SER A 160 -17.95 24.26 7.34
N GLY A 161 -18.59 24.94 8.29
CA GLY A 161 -19.48 26.06 8.00
C GLY A 161 -18.79 27.40 7.92
N THR A 162 -17.45 27.43 7.96
CA THR A 162 -16.70 28.67 7.91
C THR A 162 -17.03 29.45 6.64
N ALA A 163 -16.88 30.77 6.70
CA ALA A 163 -17.15 31.62 5.55
C ALA A 163 -16.17 31.33 4.42
N ASN A 164 -16.59 31.64 3.20
CA ASN A 164 -15.76 31.37 2.03
C ASN A 164 -14.46 32.15 2.16
N THR A 165 -13.36 31.45 2.41
CA THR A 165 -12.10 32.08 2.75
C THR A 165 -10.98 31.09 2.47
N ALA A 166 -9.74 31.57 2.55
CA ALA A 166 -8.58 30.69 2.53
C ALA A 166 -8.45 29.87 3.81
N ALA A 167 -9.26 30.16 4.83
CA ALA A 167 -9.25 29.37 6.05
C ALA A 167 -9.66 27.92 5.77
N ALA A 168 -10.51 27.70 4.78
CA ALA A 168 -10.86 26.34 4.40
C ALA A 168 -9.71 25.66 3.67
N VAL A 169 -9.00 26.39 2.82
CA VAL A 169 -7.85 25.84 2.12
C VAL A 169 -6.74 25.47 3.11
N ALA A 170 -6.55 26.29 4.14
CA ALA A 170 -5.48 26.06 5.11
C ALA A 170 -5.78 24.92 6.08
N ALA A 171 -7.02 24.44 6.14
CA ALA A 171 -7.40 23.42 7.11
C ALA A 171 -7.39 22.00 6.54
N VAL A 172 -7.03 21.84 5.27
CA VAL A 172 -7.06 20.52 4.65
C VAL A 172 -5.93 19.65 5.20
N THR A 173 -6.24 18.38 5.44
CA THR A 173 -5.28 17.40 5.94
C THR A 173 -5.01 16.35 4.86
N GLY A 174 -4.19 15.35 5.22
CA GLY A 174 -3.81 14.34 4.25
C GLY A 174 -4.86 13.28 4.00
N THR A 175 -5.70 12.99 4.99
CA THR A 175 -6.78 12.03 4.79
C THR A 175 -7.74 12.52 3.71
N ASP A 176 -8.08 13.81 3.74
CA ASP A 176 -8.94 14.37 2.71
C ASP A 176 -8.31 14.25 1.33
N LEU A 177 -7.00 14.47 1.24
CA LEU A 177 -6.31 14.36 -0.04
C LEU A 177 -6.32 12.92 -0.55
N ALA A 178 -6.11 11.95 0.34
CA ALA A 178 -6.15 10.55 -0.08
C ALA A 178 -7.55 10.15 -0.55
N THR A 179 -8.58 10.57 0.19
CA THR A 179 -9.95 10.28 -0.22
C THR A 179 -10.27 10.92 -1.57
N ALA A 180 -9.85 12.16 -1.78
CA ALA A 180 -10.08 12.83 -3.05
C ALA A 180 -9.36 12.12 -4.19
N LEU A 181 -8.14 11.64 -3.93
CA LEU A 181 -7.41 10.92 -4.97
C LEU A 181 -8.11 9.62 -5.34
N PHE A 182 -8.64 8.90 -4.35
CA PHE A 182 -9.38 7.68 -4.66
C PHE A 182 -10.65 7.98 -5.44
N SER A 183 -11.36 9.06 -5.07
CA SER A 183 -12.56 9.45 -5.82
C SER A 183 -12.21 9.81 -7.25
N ALA A 184 -11.10 10.53 -7.45
CA ALA A 184 -10.67 10.87 -8.81
C ALA A 184 -10.33 9.63 -9.61
N ALA A 185 -9.68 8.65 -8.99
CA ALA A 185 -9.38 7.39 -9.69
C ALA A 185 -10.65 6.67 -10.09
N GLU A 186 -11.64 6.62 -9.20
CA GLU A 186 -12.90 5.97 -9.53
C GLU A 186 -13.61 6.68 -10.68
N GLN A 187 -13.64 8.02 -10.65
CA GLN A 187 -14.29 8.76 -11.71
C GLN A 187 -13.56 8.59 -13.04
N MET A 188 -12.23 8.52 -13.00
CA MET A 188 -11.47 8.23 -14.21
C MET A 188 -11.81 6.86 -14.76
N ASP A 189 -12.01 5.88 -13.87
CA ASP A 189 -12.38 4.54 -14.32
C ASP A 189 -13.77 4.54 -14.96
N ILE A 190 -14.70 5.32 -14.43
CA ILE A 190 -16.04 5.37 -15.00
C ILE A 190 -16.02 5.93 -16.42
N ASN A 191 -15.15 6.92 -16.67
CA ASN A 191 -15.08 7.57 -17.97
C ASN A 191 -14.31 6.75 -19.01
N ASN A 192 -13.96 5.51 -18.70
CA ASN A 192 -13.34 4.59 -19.66
C ASN A 192 -11.95 5.07 -20.09
N LEU A 193 -11.21 5.63 -19.17
CA LEU A 193 -9.86 6.09 -19.47
C LEU A 193 -8.87 4.94 -19.39
N PRO A 194 -7.77 5.01 -20.15
CA PRO A 194 -6.74 3.96 -20.05
C PRO A 194 -6.14 3.90 -18.66
N GLU A 195 -5.46 2.79 -18.39
CA GLU A 195 -4.93 2.50 -17.06
C GLU A 195 -3.50 2.98 -16.86
N GLU A 196 -2.91 3.66 -17.85
CA GLU A 196 -1.54 4.10 -17.78
C GLU A 196 -1.44 5.61 -18.00
N ASP A 197 -0.41 6.21 -17.40
CA ASP A 197 -0.10 7.63 -17.55
C ASP A 197 -1.23 8.51 -17.00
N ARG A 198 -1.51 8.34 -15.72
CA ARG A 198 -2.37 9.26 -14.97
C ARG A 198 -1.50 10.03 -13.98
N TYR A 199 -1.61 11.35 -14.00
CA TYR A 199 -0.74 12.22 -13.21
C TYR A 199 -1.55 13.08 -12.25
N CYS A 200 -0.87 13.58 -11.23
CA CYS A 200 -1.47 14.48 -10.25
C CYS A 200 -0.44 15.54 -9.88
N ALA A 201 -0.72 16.80 -10.23
CA ALA A 201 0.16 17.91 -9.92
C ALA A 201 -0.29 18.57 -8.62
N ILE A 202 0.65 18.74 -7.69
CA ILE A 202 0.34 19.24 -6.36
C ILE A 202 1.49 20.12 -5.88
N ASP A 203 1.12 21.16 -5.12
CA ASP A 203 2.11 22.12 -4.62
C ASP A 203 2.82 21.56 -3.38
N PRO A 204 3.99 22.11 -3.05
CA PRO A 204 4.77 21.54 -1.94
C PRO A 204 4.04 21.47 -0.60
N THR A 205 3.22 22.47 -0.27
CA THR A 205 2.54 22.46 1.01
C THR A 205 1.62 21.24 1.14
N ASN A 206 0.75 21.03 0.15
CA ASN A 206 -0.12 19.88 0.19
C ASN A 206 0.65 18.58 0.00
N TYR A 207 1.75 18.61 -0.75
CA TYR A 207 2.58 17.42 -0.91
C TYR A 207 3.13 16.94 0.43
N TYR A 208 3.69 17.87 1.22
CA TYR A 208 4.23 17.49 2.51
C TYR A 208 3.15 17.35 3.58
N LYS A 209 1.93 17.82 3.33
CA LYS A 209 0.81 17.43 4.18
C LYS A 209 0.36 16.00 3.89
N LEU A 210 0.46 15.56 2.63
CA LEU A 210 0.09 14.20 2.26
C LEU A 210 1.14 13.20 2.69
N VAL A 211 2.42 13.58 2.65
CA VAL A 211 3.49 12.65 3.03
C VAL A 211 3.39 12.29 4.51
N GLN A 212 2.98 13.24 5.35
CA GLN A 212 2.87 13.00 6.78
C GLN A 212 1.78 12.01 7.14
N ASN A 213 0.90 11.65 6.22
CA ASN A 213 -0.10 10.62 6.45
C ASN A 213 0.55 9.26 6.27
N THR A 214 0.79 8.55 7.37
CA THR A 214 1.59 7.34 7.34
C THR A 214 0.91 6.19 6.60
N THR A 215 -0.41 6.24 6.44
CA THR A 215 -1.12 5.15 5.76
C THR A 215 -0.71 5.06 4.30
N VAL A 216 -0.55 6.20 3.63
CA VAL A 216 -0.26 6.19 2.21
C VAL A 216 1.15 5.70 1.91
N ILE A 217 2.06 5.76 2.89
CA ILE A 217 3.42 5.26 2.73
C ILE A 217 3.66 3.97 3.47
N ASN A 218 2.65 3.45 4.17
CA ASN A 218 2.80 2.21 4.92
C ASN A 218 3.08 1.06 3.96
N ARG A 219 4.23 0.41 4.14
CA ARG A 219 4.60 -0.70 3.27
C ARG A 219 3.86 -1.99 3.64
N ASP A 220 3.09 -1.97 4.73
CA ASP A 220 2.26 -3.12 5.08
C ASP A 220 1.21 -3.37 4.01
N PHE A 221 0.58 -2.31 3.48
CA PHE A 221 -0.45 -2.46 2.45
C PHE A 221 0.11 -2.29 1.04
N GLY A 222 0.57 -1.10 0.70
CA GLY A 222 1.04 -0.85 -0.65
C GLY A 222 2.41 -0.21 -0.77
N GLY A 223 2.86 0.46 0.30
CA GLY A 223 4.17 1.08 0.27
C GLY A 223 4.23 2.24 -0.71
N ARG A 224 5.31 2.26 -1.50
CA ARG A 224 5.60 3.33 -2.46
C ARG A 224 5.73 4.67 -1.74
N GLY A 225 6.72 4.76 -0.87
CA GLY A 225 7.01 6.00 -0.17
C GLY A 225 8.13 5.77 0.83
N ALA A 226 8.51 6.86 1.49
CA ALA A 226 9.60 6.81 2.46
C ALA A 226 9.49 8.02 3.37
N TYR A 227 9.37 7.78 4.68
CA TYR A 227 9.31 8.87 5.64
C TYR A 227 10.65 9.59 5.76
N ALA A 228 11.75 8.84 5.76
CA ALA A 228 13.06 9.45 5.89
C ALA A 228 13.45 10.21 4.63
N GLU A 229 13.26 9.61 3.47
CA GLU A 229 13.55 10.30 2.22
C GLU A 229 12.54 11.39 1.92
N GLY A 230 11.40 11.42 2.62
CA GLY A 230 10.43 12.48 2.46
C GLY A 230 9.78 12.53 1.09
N GLU A 231 9.29 11.40 0.60
CA GLU A 231 8.69 11.36 -0.72
C GLU A 231 7.58 10.32 -0.76
N VAL A 232 6.60 10.57 -1.63
CA VAL A 232 5.56 9.62 -1.98
C VAL A 232 5.48 9.59 -3.51
N LEU A 233 5.32 8.39 -4.07
CA LEU A 233 5.48 8.21 -5.51
C LEU A 233 4.20 7.87 -6.25
N LYS A 234 3.28 7.12 -5.63
CA LYS A 234 2.11 6.64 -6.36
C LYS A 234 0.99 6.37 -5.37
N VAL A 235 -0.19 6.90 -5.66
CA VAL A 235 -1.38 6.71 -4.83
C VAL A 235 -2.55 6.36 -5.75
N ALA A 236 -3.16 5.20 -5.52
CA ALA A 236 -4.35 4.76 -6.25
C ALA A 236 -4.11 4.74 -7.76
N GLY A 237 -2.91 4.34 -8.17
CA GLY A 237 -2.57 4.24 -9.57
C GLY A 237 -2.22 5.54 -10.26
N ILE A 238 -2.15 6.64 -9.52
CA ILE A 238 -1.87 7.96 -10.09
C ILE A 238 -0.48 8.39 -9.67
N HIS A 239 0.32 8.82 -10.65
CA HIS A 239 1.64 9.38 -10.34
C HIS A 239 1.48 10.77 -9.72
N ILE A 240 2.39 11.10 -8.82
CA ILE A 240 2.35 12.37 -8.08
C ILE A 240 3.63 13.13 -8.36
N VAL A 241 3.47 14.39 -8.80
CA VAL A 241 4.59 15.27 -9.09
C VAL A 241 4.36 16.61 -8.39
N LYS A 242 5.45 17.35 -8.21
CA LYS A 242 5.40 18.67 -7.59
C LYS A 242 5.62 19.75 -8.64
N SER A 243 4.91 20.86 -8.50
CA SER A 243 5.09 22.00 -9.38
C SER A 243 4.80 23.28 -8.62
N ASN A 244 5.51 24.34 -8.99
CA ASN A 244 5.33 25.66 -8.40
C ASN A 244 4.48 26.58 -9.27
N HIS A 245 3.91 26.07 -10.35
CA HIS A 245 3.19 26.89 -11.32
C HIS A 245 1.70 26.60 -11.34
N LEU A 246 1.18 25.98 -10.28
CA LEU A 246 -0.26 25.76 -10.20
C LEU A 246 -0.99 27.09 -10.06
N PRO A 247 -2.18 27.21 -10.63
CA PRO A 247 -2.94 28.47 -10.55
C PRO A 247 -3.65 28.59 -9.21
N LYS A 248 -3.30 29.62 -8.44
CA LYS A 248 -3.88 29.83 -7.12
C LYS A 248 -4.48 31.22 -6.91
N THR A 249 -4.20 32.18 -7.78
CA THR A 249 -4.70 33.53 -7.63
C THR A 249 -5.63 33.86 -8.79
N ASN A 250 -6.67 34.65 -8.50
CA ASN A 250 -7.62 35.02 -9.55
C ASN A 250 -6.91 35.87 -10.60
N ARG A 251 -7.16 35.54 -11.86
CA ARG A 251 -6.40 36.06 -12.98
C ARG A 251 -7.24 37.07 -13.77
N SER A 252 -6.59 38.13 -14.22
CA SER A 252 -7.23 39.15 -15.03
C SER A 252 -6.76 39.03 -16.48
N ALA A 253 -7.62 39.46 -17.40
CA ALA A 253 -7.32 39.34 -18.82
C ALA A 253 -6.29 40.37 -19.23
N ALA A 254 -5.27 39.94 -19.96
CA ALA A 254 -4.19 40.80 -20.42
C ALA A 254 -4.20 40.88 -21.95
N THR A 255 -3.80 42.03 -22.47
CA THR A 255 -3.79 42.22 -23.91
C THR A 255 -2.74 41.33 -24.57
N GLY A 256 -3.07 40.80 -25.74
CA GLY A 256 -2.22 39.88 -26.45
C GLY A 256 -2.62 38.43 -26.33
N GLU A 257 -3.51 38.10 -25.41
CA GLU A 257 -4.01 36.73 -25.25
C GLU A 257 -5.31 36.58 -26.05
N ASN A 258 -5.33 35.62 -26.96
CA ASN A 258 -6.50 35.36 -27.78
C ASN A 258 -7.33 34.19 -27.27
N ASN A 259 -6.95 33.62 -26.13
CA ASN A 259 -7.71 32.56 -25.47
C ASN A 259 -8.27 33.09 -24.15
N THR A 260 -8.89 32.20 -23.39
CA THR A 260 -9.49 32.56 -22.10
C THR A 260 -8.69 31.88 -20.99
N TYR A 261 -7.76 32.62 -20.40
CA TYR A 261 -6.98 32.12 -19.27
C TYR A 261 -7.46 32.65 -17.93
N HIS A 262 -8.22 33.74 -17.92
CA HIS A 262 -8.61 34.39 -16.67
C HIS A 262 -9.75 33.65 -15.99
N ALA A 263 -9.67 33.52 -14.68
CA ALA A 263 -10.68 32.88 -13.85
C ALA A 263 -10.38 33.23 -12.39
N ASN A 264 -11.07 32.58 -11.47
CA ASN A 264 -10.87 32.77 -10.04
C ASN A 264 -10.41 31.43 -9.45
N TYR A 265 -9.10 31.24 -9.39
CA TYR A 265 -8.51 29.98 -8.96
C TYR A 265 -8.20 29.95 -7.47
N THR A 266 -8.85 30.80 -6.67
CA THR A 266 -8.47 30.97 -5.27
C THR A 266 -8.71 29.72 -4.44
N ASP A 267 -9.59 28.81 -4.88
CA ASP A 267 -9.90 27.62 -4.12
C ASP A 267 -9.20 26.37 -4.63
N ASN A 268 -8.26 26.52 -5.56
CA ASN A 268 -7.60 25.36 -6.16
C ASN A 268 -6.73 24.63 -5.13
N ILE A 269 -6.63 23.31 -5.30
CA ILE A 269 -5.75 22.50 -4.46
C ILE A 269 -4.80 21.68 -5.34
N GLY A 270 -5.36 20.91 -6.27
CA GLY A 270 -4.57 20.05 -7.13
C GLY A 270 -5.27 19.82 -8.45
N LEU A 271 -4.59 19.09 -9.33
CA LEU A 271 -5.13 18.74 -10.64
C LEU A 271 -4.78 17.31 -10.97
N VAL A 272 -5.75 16.56 -11.49
CA VAL A 272 -5.55 15.21 -12.01
C VAL A 272 -5.95 15.22 -13.47
N PHE A 273 -5.02 14.84 -14.34
CA PHE A 273 -5.23 15.03 -15.78
C PHE A 273 -4.61 13.86 -16.53
N ASN A 274 -4.46 14.04 -17.84
CA ASN A 274 -3.97 13.01 -18.74
C ASN A 274 -3.27 13.70 -19.90
N LYS A 275 -2.50 12.91 -20.66
CA LYS A 275 -1.70 13.47 -21.74
C LYS A 275 -2.54 14.05 -22.87
N GLN A 276 -3.83 13.73 -22.92
CA GLN A 276 -4.69 14.15 -24.02
C GLN A 276 -5.67 15.25 -23.63
N ALA A 277 -5.53 15.84 -22.44
CA ALA A 277 -6.49 16.84 -22.00
C ALA A 277 -6.31 18.17 -22.74
N VAL A 278 -5.06 18.61 -22.91
CA VAL A 278 -4.77 19.95 -23.42
C VAL A 278 -3.73 19.82 -24.53
N GLY A 279 -3.92 20.58 -25.61
CA GLY A 279 -2.97 20.61 -26.69
C GLY A 279 -2.67 22.04 -27.11
N THR A 280 -1.52 22.21 -27.75
CA THR A 280 -1.08 23.50 -28.26
C THR A 280 -0.70 23.39 -29.73
N VAL A 281 -0.76 24.52 -30.43
CA VAL A 281 -0.36 24.62 -31.82
C VAL A 281 0.67 25.72 -31.96
N LYS A 282 1.75 25.44 -32.67
CA LYS A 282 2.85 26.38 -32.86
C LYS A 282 2.78 26.99 -34.25
N LEU A 283 3.08 28.29 -34.32
CA LEU A 283 3.23 28.99 -35.60
C LEU A 283 4.67 29.43 -35.85
N MET A 284 5.34 29.97 -34.83
CA MET A 284 6.76 30.28 -34.89
C MET A 284 7.41 29.75 -33.63
N ASP A 285 8.47 28.95 -33.79
CA ASP A 285 9.14 28.32 -32.66
C ASP A 285 10.13 29.31 -32.04
N LEU A 286 10.86 28.86 -31.03
CA LEU A 286 11.86 29.70 -30.38
C LEU A 286 12.96 30.08 -31.36
N LYS A 287 13.44 31.32 -31.25
CA LYS A 287 14.49 31.82 -32.13
C LYS A 287 15.21 32.96 -31.43
N MET A 288 16.51 32.79 -31.20
CA MET A 288 17.34 33.81 -30.58
C MET A 288 18.07 34.60 -31.66
N GLU A 289 18.04 35.92 -31.54
CA GLU A 289 18.65 36.82 -32.51
C GLU A 289 19.63 37.75 -31.83
N GLN A 290 20.48 38.38 -32.63
CA GLN A 290 21.52 39.27 -32.13
C GLN A 290 21.99 40.16 -33.27
N THR A 291 21.88 41.48 -33.09
CA THR A 291 22.17 42.44 -34.15
C THR A 291 23.27 43.38 -33.69
N GLY A 292 24.42 43.33 -34.36
CA GLY A 292 25.51 44.22 -34.01
C GLY A 292 26.20 44.90 -35.17
N ALA A 293 25.90 44.49 -36.40
CA ALA A 293 26.70 44.92 -37.54
C ALA A 293 26.56 46.42 -37.82
N ASP A 294 25.31 46.92 -37.88
CA ASP A 294 25.06 48.33 -38.13
C ASP A 294 24.35 48.97 -36.93
N ILE A 295 24.67 48.51 -35.73
CA ILE A 295 24.09 49.07 -34.52
C ILE A 295 25.09 49.94 -33.78
N HIS A 296 26.05 50.53 -34.50
CA HIS A 296 26.79 51.68 -34.02
C HIS A 296 26.36 52.98 -34.70
N ALA A 297 25.20 52.99 -35.35
CA ALA A 297 24.71 54.15 -36.07
C ALA A 297 24.44 55.33 -35.14
N LEU A 298 23.46 55.17 -34.25
CA LEU A 298 23.01 56.23 -33.36
C LEU A 298 23.32 55.91 -31.90
N TYR A 299 23.89 54.74 -31.63
CA TYR A 299 24.00 54.19 -30.28
C TYR A 299 25.02 53.07 -30.30
N GLN A 300 25.67 52.86 -29.16
CA GLN A 300 26.92 52.10 -29.10
C GLN A 300 26.71 50.82 -28.28
N GLY A 301 26.62 49.68 -28.96
CA GLY A 301 26.47 48.44 -28.22
C GLY A 301 25.87 47.34 -29.10
N THR A 302 25.20 46.39 -28.43
CA THR A 302 24.69 45.18 -29.04
C THR A 302 23.32 44.86 -28.47
N PHE A 303 22.45 44.30 -29.31
CA PHE A 303 21.07 44.01 -28.96
C PHE A 303 20.79 42.52 -29.13
N MET A 304 20.04 41.95 -28.18
CA MET A 304 19.71 40.53 -28.18
C MET A 304 18.21 40.35 -27.98
N VAL A 305 17.61 39.44 -28.76
CA VAL A 305 16.17 39.21 -28.73
C VAL A 305 15.89 37.72 -28.63
N GLY A 306 14.71 37.39 -28.12
CA GLY A 306 14.21 36.02 -28.10
C GLY A 306 12.69 36.00 -28.16
N SER A 307 12.11 35.28 -29.12
CA SER A 307 10.68 35.39 -29.36
C SER A 307 10.11 34.04 -29.77
N MET A 308 8.81 33.89 -29.55
CA MET A 308 8.09 32.66 -29.88
C MET A 308 6.60 33.00 -29.99
N MET A 309 5.87 32.15 -30.71
CA MET A 309 4.47 32.41 -31.04
C MET A 309 3.71 31.10 -31.12
N HIS A 310 2.68 30.95 -30.29
CA HIS A 310 1.87 29.73 -30.26
C HIS A 310 0.54 30.05 -29.58
N GLY A 311 -0.19 29.00 -29.21
CA GLY A 311 -1.44 29.15 -28.48
C GLY A 311 -1.86 27.83 -27.87
N SER A 312 -2.71 27.91 -26.85
CA SER A 312 -3.13 26.75 -26.09
C SER A 312 -4.65 26.73 -25.95
N GLY A 313 -5.20 25.53 -25.80
CA GLY A 313 -6.64 25.38 -25.71
C GLY A 313 -7.04 24.01 -25.20
N VAL A 314 -8.34 23.87 -24.97
CA VAL A 314 -8.92 22.66 -24.39
C VAL A 314 -9.26 21.69 -25.51
N LEU A 315 -8.90 20.42 -25.34
CA LEU A 315 -9.23 19.38 -26.30
C LEU A 315 -10.32 18.44 -25.77
N ARG A 316 -10.10 17.81 -24.62
CA ARG A 316 -11.04 16.82 -24.09
C ARG A 316 -11.33 17.14 -22.63
N PRO A 317 -12.51 17.69 -22.33
CA PRO A 317 -12.85 17.96 -20.92
C PRO A 317 -12.98 16.70 -20.08
N ASP A 318 -13.18 15.53 -20.68
CA ASP A 318 -13.40 14.31 -19.90
C ASP A 318 -12.12 13.66 -19.44
N CYS A 319 -10.96 14.26 -19.73
CA CYS A 319 -9.67 13.74 -19.30
C CYS A 319 -9.00 14.67 -18.28
N ALA A 320 -9.79 15.37 -17.47
CA ALA A 320 -9.26 16.30 -16.48
C ALA A 320 -10.17 16.33 -15.27
N ILE A 321 -9.57 16.46 -14.08
CA ILE A 321 -10.30 16.54 -12.83
C ILE A 321 -9.59 17.56 -11.94
N GLU A 322 -10.38 18.28 -11.14
CA GLU A 322 -9.88 19.29 -10.23
C GLU A 322 -10.35 19.00 -8.81
N LEU A 323 -9.43 19.11 -7.85
CA LEU A 323 -9.76 19.03 -6.43
C LEU A 323 -9.75 20.43 -5.84
N TYR A 324 -10.75 20.75 -5.02
CA TYR A 324 -10.82 22.07 -4.41
C TYR A 324 -11.51 21.98 -3.07
N ALA A 325 -11.30 22.99 -2.24
CA ALA A 325 -11.86 23.06 -0.90
C ALA A 325 -12.92 24.16 -0.84
N ALA A 326 -13.98 23.91 -0.08
CA ALA A 326 -15.09 24.84 -0.01
C ALA A 326 -15.88 24.58 1.27
N ASN A 327 -16.90 25.41 1.49
CA ASN A 327 -17.85 25.25 2.57
C ASN A 327 -19.27 25.22 2.02
N SER A 328 -20.15 24.53 2.74
CA SER A 328 -21.53 24.35 2.32
C SER A 328 -22.24 25.67 2.06
N ALA B 2 51.43 -14.00 66.17
CA ALA B 2 52.37 -12.89 66.11
C ALA B 2 53.72 -13.30 66.70
N ASN B 3 53.83 -13.17 68.03
CA ASN B 3 55.05 -13.52 68.77
C ASN B 3 56.27 -12.76 68.24
N PHE B 4 56.08 -11.49 67.87
CA PHE B 4 57.17 -10.67 67.36
C PHE B 4 56.83 -9.21 67.64
N THR B 5 57.89 -8.40 67.75
CA THR B 5 57.75 -6.96 68.00
C THR B 5 58.60 -6.21 66.99
N PRO B 6 58.18 -6.14 65.73
CA PRO B 6 58.93 -5.36 64.73
C PRO B 6 58.83 -3.87 65.01
N SER B 7 59.86 -3.15 64.59
CA SER B 7 59.88 -1.70 64.76
C SER B 7 58.82 -1.00 63.90
N ARG B 8 58.35 -1.67 62.85
CA ARG B 8 57.35 -1.17 61.89
C ARG B 8 57.95 -0.12 60.97
N LEU B 9 59.17 0.32 61.26
CA LEU B 9 59.96 1.21 60.40
C LEU B 9 59.19 2.46 59.97
N GLY B 10 58.21 2.92 60.75
CA GLY B 10 57.36 3.99 60.27
C GLY B 10 57.00 5.10 61.24
N LEU B 11 57.42 5.01 62.49
CA LEU B 11 57.05 6.00 63.50
C LEU B 11 58.30 6.67 64.06
N VAL B 12 58.32 7.99 64.02
CA VAL B 12 59.37 8.74 64.70
C VAL B 12 59.17 8.61 66.21
N ASN B 13 60.24 8.32 66.92
CA ASN B 13 60.24 8.08 68.37
C ASN B 13 59.36 6.91 68.77
N ASN B 14 58.80 6.18 67.80
CA ASN B 14 57.96 5.01 68.04
C ASN B 14 56.84 5.32 69.03
N THR B 15 56.06 6.36 68.73
CA THR B 15 55.02 6.83 69.63
C THR B 15 53.91 7.50 68.85
N GLY B 16 52.67 7.06 69.09
CA GLY B 16 51.49 7.74 68.59
C GLY B 16 51.09 7.34 67.18
N THR B 17 50.11 8.08 66.66
CA THR B 17 49.60 7.87 65.32
C THR B 17 50.48 8.61 64.30
N GLY B 18 50.07 8.52 63.04
CA GLY B 18 50.85 9.11 61.96
C GLY B 18 52.04 8.25 61.59
N VAL B 19 51.76 7.00 61.19
CA VAL B 19 52.81 6.04 60.86
C VAL B 19 53.40 6.26 59.47
N LYS B 20 52.95 7.29 58.75
CA LYS B 20 53.42 7.54 57.38
C LYS B 20 53.69 9.01 57.14
N ASP B 21 54.13 9.75 58.17
CA ASP B 21 54.57 11.12 57.95
C ASP B 21 55.96 11.17 57.34
N LEU B 22 56.82 10.21 57.68
CA LEU B 22 58.11 10.08 57.01
C LEU B 22 58.00 9.51 55.62
N PHE B 23 56.84 8.96 55.27
CA PHE B 23 56.54 8.52 53.91
C PHE B 23 55.72 9.60 53.21
N LEU B 24 56.12 9.95 52.00
CA LEU B 24 55.51 11.06 51.27
C LEU B 24 54.52 10.52 50.24
N LYS B 25 53.55 11.37 49.89
CA LYS B 25 52.62 11.01 48.83
C LYS B 25 53.35 10.93 47.50
N THR B 26 52.84 10.08 46.61
CA THR B 26 53.57 9.70 45.41
C THR B 26 52.79 10.09 44.15
N PHE B 27 53.54 10.24 43.06
CA PHE B 27 52.95 10.53 41.77
C PHE B 27 52.52 9.22 41.10
N ALA B 28 51.23 9.13 40.77
CA ALA B 28 50.69 7.89 40.22
C ALA B 28 51.28 7.60 38.83
N GLY B 29 51.45 8.62 38.01
CA GLY B 29 52.10 8.47 36.72
C GLY B 29 51.23 8.74 35.52
N GLU B 30 49.99 9.19 35.68
CA GLU B 30 49.11 9.44 34.53
C GLU B 30 48.42 10.79 34.71
N VAL B 31 48.52 11.63 33.69
CA VAL B 31 47.89 12.95 33.68
C VAL B 31 46.49 12.80 33.08
N LEU B 32 45.56 13.63 33.58
CA LEU B 32 44.15 13.50 33.20
C LEU B 32 43.80 14.33 31.97
N SER B 33 44.05 15.64 32.02
CA SER B 33 43.71 16.57 30.95
C SER B 33 42.21 16.59 30.70
N ALA B 34 41.80 16.97 29.49
CA ALA B 34 40.39 17.13 29.16
C ALA B 34 40.09 16.48 27.82
N PHE B 35 38.80 16.32 27.53
CA PHE B 35 38.33 15.68 26.32
C PHE B 35 38.24 16.69 25.17
N ARG B 36 38.31 16.17 23.95
CA ARG B 36 38.30 16.98 22.74
C ARG B 36 36.88 17.05 22.18
N LYS B 37 36.45 18.25 21.82
CA LYS B 37 35.13 18.45 21.23
C LYS B 37 35.16 18.12 19.74
N ALA B 38 33.97 18.10 19.14
CA ALA B 38 33.83 17.78 17.73
C ALA B 38 33.62 19.06 16.91
N THR B 39 34.25 19.11 15.74
CA THR B 39 34.16 20.26 14.84
C THR B 39 33.63 19.78 13.50
N ILE B 40 32.39 20.14 13.19
CA ILE B 40 31.74 19.68 11.97
C ILE B 40 31.59 20.78 10.92
N PHE B 41 31.68 22.05 11.30
CA PHE B 41 31.51 23.14 10.35
C PHE B 41 32.79 23.46 9.57
N GLU B 42 33.89 22.77 9.85
CA GLU B 42 35.10 22.97 9.05
C GLU B 42 34.86 22.59 7.59
N ASP B 43 34.17 21.48 7.36
CA ASP B 43 33.62 21.16 6.06
C ASP B 43 32.21 21.75 5.98
N LEU B 44 31.41 21.31 5.02
CA LEU B 44 30.04 21.79 4.80
C LEU B 44 29.99 23.25 4.36
N HIS B 45 31.12 23.79 3.91
CA HIS B 45 31.15 25.11 3.31
C HIS B 45 32.37 25.20 2.40
N THR B 46 32.55 26.34 1.75
CA THR B 46 33.55 26.51 0.71
C THR B 46 34.70 27.36 1.24
N VAL B 47 35.92 26.91 1.00
CA VAL B 47 37.13 27.60 1.46
C VAL B 47 37.97 27.94 0.24
N ARG B 48 38.36 29.21 0.13
CA ARG B 48 39.21 29.70 -0.95
C ARG B 48 40.44 30.37 -0.38
N THR B 49 41.39 30.68 -1.26
CA THR B 49 42.64 31.31 -0.88
C THR B 49 43.00 32.38 -1.89
N ILE B 50 43.44 33.53 -1.39
CA ILE B 50 43.89 34.63 -2.25
C ILE B 50 45.34 34.94 -1.91
N SER B 51 46.06 35.47 -2.90
CA SER B 51 47.48 35.75 -2.75
C SER B 51 47.77 37.12 -2.17
N SER B 52 46.90 38.10 -2.44
CA SER B 52 47.12 39.46 -1.96
C SER B 52 45.80 40.20 -1.98
N GLY B 53 45.74 41.30 -1.24
CA GLY B 53 44.56 42.13 -1.15
C GLY B 53 44.02 42.20 0.26
N LYS B 54 42.91 42.92 0.40
CA LYS B 54 42.27 43.12 1.67
C LYS B 54 40.86 42.55 1.75
N SER B 55 40.28 42.12 0.63
CA SER B 55 38.92 41.60 0.60
C SER B 55 38.71 40.90 -0.73
N ALA B 56 37.62 40.12 -0.81
CA ALA B 56 37.26 39.39 -2.01
C ALA B 56 35.85 39.78 -2.43
N GLN B 57 35.57 39.62 -3.72
CA GLN B 57 34.30 40.04 -4.30
C GLN B 57 33.65 38.88 -5.03
N PHE B 58 32.36 38.66 -4.77
CA PHE B 58 31.55 37.64 -5.45
C PHE B 58 30.37 38.33 -6.13
N PRO B 59 30.37 38.45 -7.45
CA PRO B 59 29.23 39.09 -8.12
C PRO B 59 28.01 38.18 -8.18
N ILE B 60 26.83 38.81 -8.16
CA ILE B 60 25.56 38.12 -8.23
C ILE B 60 24.78 38.69 -9.41
N VAL B 61 24.27 37.81 -10.27
CA VAL B 61 23.68 38.20 -11.54
C VAL B 61 22.36 37.46 -11.74
N GLY B 62 21.35 38.16 -12.23
CA GLY B 62 20.21 37.47 -12.81
C GLY B 62 18.82 38.01 -12.54
N LEU B 63 18.09 38.27 -13.62
CA LEU B 63 16.68 38.68 -13.60
C LEU B 63 15.97 37.93 -14.72
N SER B 64 14.74 38.36 -15.02
CA SER B 64 13.91 37.70 -16.00
C SER B 64 12.69 38.57 -16.28
N SER B 65 12.21 38.52 -17.52
CA SER B 65 11.06 39.29 -17.93
C SER B 65 10.62 38.87 -19.33
N THR B 66 9.32 39.03 -19.61
CA THR B 66 8.77 38.76 -20.92
C THR B 66 7.49 39.57 -21.08
N SER B 67 7.13 39.86 -22.33
CA SER B 67 5.96 40.67 -22.61
C SER B 67 5.47 40.41 -24.04
N TYR B 68 4.26 40.87 -24.32
CA TYR B 68 3.68 40.78 -25.65
C TYR B 68 4.03 42.03 -26.45
N HIS B 69 4.33 41.84 -27.73
CA HIS B 69 4.81 42.91 -28.58
C HIS B 69 3.67 43.49 -29.40
N SER B 70 3.54 44.82 -29.37
CA SER B 70 2.56 45.52 -30.18
C SER B 70 3.19 45.88 -31.53
N PRO B 71 2.63 45.44 -32.65
CA PRO B 71 3.33 45.61 -33.94
C PRO B 71 3.60 47.07 -34.27
N GLY B 72 4.76 47.30 -34.88
CA GLY B 72 5.13 48.64 -35.32
C GLY B 72 6.15 49.32 -34.43
N THR B 73 6.01 49.19 -33.12
CA THR B 73 6.89 49.89 -32.20
C THR B 73 8.26 49.22 -32.14
N GLN B 74 9.22 49.95 -31.60
CA GLN B 74 10.61 49.50 -31.51
C GLN B 74 10.93 49.09 -30.08
N LEU B 75 11.55 47.92 -29.95
CA LEU B 75 11.98 47.41 -28.65
C LEU B 75 13.18 48.20 -28.14
N THR B 76 13.20 48.46 -26.84
CA THR B 76 14.30 49.19 -26.20
C THR B 76 15.20 48.28 -25.37
N GLY B 77 14.61 47.47 -24.49
CA GLY B 77 15.40 46.56 -23.68
C GLY B 77 15.13 46.68 -22.20
N ASN B 78 15.06 45.56 -21.51
CA ASN B 78 14.85 45.51 -20.06
C ASN B 78 16.15 45.13 -19.38
N ALA B 79 16.50 45.85 -18.33
CA ALA B 79 17.82 45.72 -17.72
C ALA B 79 17.84 44.62 -16.67
N ILE B 80 18.81 43.71 -16.81
CA ILE B 80 19.14 42.74 -15.78
C ILE B 80 19.99 43.45 -14.74
N LYS B 81 19.66 43.27 -13.46
CA LYS B 81 20.34 44.01 -12.41
C LYS B 81 21.39 43.15 -11.72
N HIS B 82 22.45 43.80 -11.27
CA HIS B 82 23.59 43.14 -10.65
C HIS B 82 23.73 43.59 -9.20
N ALA B 83 24.54 42.84 -8.45
CA ALA B 83 24.85 43.15 -7.07
C ALA B 83 26.18 42.48 -6.74
N GLU B 84 26.57 42.54 -5.46
CA GLU B 84 27.86 41.99 -5.07
C GLU B 84 27.83 41.63 -3.58
N ALA B 85 28.73 40.72 -3.21
CA ALA B 85 28.95 40.34 -1.82
C ALA B 85 30.44 40.38 -1.54
N VAL B 86 30.81 40.96 -0.40
CA VAL B 86 32.21 41.18 -0.05
C VAL B 86 32.51 40.51 1.29
N ILE B 87 33.62 39.78 1.34
CA ILE B 87 34.09 39.11 2.55
C ILE B 87 35.41 39.74 2.94
N ASN B 88 35.42 40.48 4.04
CA ASN B 88 36.63 41.13 4.52
C ASN B 88 37.54 40.13 5.21
N ILE B 89 38.80 40.54 5.42
CA ILE B 89 39.80 39.71 6.08
C ILE B 89 40.06 40.29 7.46
N ASP B 90 39.98 39.44 8.48
CA ASP B 90 40.06 39.87 9.87
C ASP B 90 41.51 40.11 10.27
N ASP B 91 41.74 40.35 11.56
CA ASP B 91 43.08 40.51 12.10
C ASP B 91 43.71 39.12 12.28
N LYS B 92 44.85 39.07 12.95
CA LYS B 92 45.56 37.81 13.14
C LYS B 92 45.17 37.19 14.48
N LEU B 93 44.80 35.92 14.45
CA LEU B 93 44.45 35.17 15.66
C LEU B 93 45.70 34.53 16.23
N VAL B 94 45.99 34.80 17.50
CA VAL B 94 47.21 34.31 18.13
C VAL B 94 46.88 33.59 19.43
N SER B 95 47.64 32.54 19.70
CA SER B 95 47.59 31.83 20.98
C SER B 95 49.03 31.69 21.47
N ASN B 96 49.27 32.11 22.71
CA ASN B 96 50.64 32.18 23.22
C ASN B 96 50.67 31.84 24.70
N VAL B 97 51.83 31.39 25.17
CA VAL B 97 52.02 30.96 26.55
C VAL B 97 53.49 31.08 26.89
N PHE B 98 53.79 31.15 28.19
CA PHE B 98 55.15 31.29 28.69
C PHE B 98 55.38 30.33 29.85
N ILE B 99 56.56 29.70 29.87
CA ILE B 99 56.93 28.76 30.92
C ILE B 99 58.29 29.17 31.47
N ALA B 100 58.38 29.32 32.79
CA ALA B 100 59.62 29.71 33.44
C ALA B 100 60.57 28.51 33.52
N ASP B 101 61.69 28.69 34.22
CA ASP B 101 62.65 27.61 34.37
C ASP B 101 62.64 26.98 35.76
N VAL B 102 62.36 27.77 36.80
CA VAL B 102 62.29 27.20 38.14
C VAL B 102 61.10 26.26 38.27
N ASP B 103 59.99 26.58 37.61
CA ASP B 103 58.81 25.72 37.67
C ASP B 103 59.06 24.40 36.97
N GLU B 104 59.80 24.43 35.84
CA GLU B 104 60.18 23.18 35.19
C GLU B 104 61.21 22.41 36.01
N ALA B 105 62.06 23.12 36.75
CA ALA B 105 63.04 22.44 37.60
C ALA B 105 62.36 21.72 38.76
N MET B 106 61.34 22.33 39.35
CA MET B 106 60.67 21.75 40.51
C MET B 106 59.53 20.81 40.14
N ASN B 107 59.16 20.71 38.87
CA ASN B 107 58.05 19.86 38.47
C ASN B 107 58.49 18.40 38.38
N HIS B 108 57.50 17.51 38.31
CA HIS B 108 57.76 16.08 38.19
C HIS B 108 57.07 15.44 36.99
N TYR B 109 56.57 16.25 36.05
CA TYR B 109 56.02 15.73 34.81
C TYR B 109 56.16 16.78 33.73
N ASP B 110 56.28 16.33 32.48
CA ASP B 110 56.49 17.24 31.37
C ASP B 110 55.16 17.82 30.88
N VAL B 111 55.21 19.09 30.46
CA VAL B 111 54.01 19.80 30.03
C VAL B 111 54.18 20.45 28.66
N ARG B 112 55.34 20.32 28.02
CA ARG B 112 55.55 20.95 26.73
C ARG B 112 54.84 20.24 25.59
N SER B 113 54.27 19.06 25.84
CA SER B 113 53.56 18.33 24.79
C SER B 113 52.08 18.66 24.75
N GLN B 114 51.46 18.87 25.91
CA GLN B 114 50.02 19.13 25.97
C GLN B 114 49.67 20.55 25.50
N TYR B 115 50.57 21.51 25.70
CA TYR B 115 50.24 22.90 25.41
C TYR B 115 50.00 23.13 23.92
N SER B 116 50.78 22.48 23.06
CA SER B 116 50.57 22.61 21.62
C SER B 116 49.21 22.07 21.22
N VAL B 117 48.82 20.92 21.79
CA VAL B 117 47.49 20.37 21.53
C VAL B 117 46.41 21.34 21.97
N GLN B 118 46.59 21.95 23.15
CA GLN B 118 45.59 22.90 23.64
C GLN B 118 45.49 24.11 22.72
N MET B 119 46.63 24.61 22.23
CA MET B 119 46.61 25.76 21.32
C MET B 119 45.87 25.42 20.02
N GLY B 120 46.21 24.28 19.42
CA GLY B 120 45.52 23.87 18.21
C GLY B 120 44.03 23.70 18.42
N ASN B 121 43.65 23.08 19.54
CA ASN B 121 42.23 22.90 19.85
C ASN B 121 41.53 24.24 20.00
N ALA B 122 42.15 25.20 20.69
CA ALA B 122 41.52 26.51 20.86
C ALA B 122 41.31 27.21 19.53
N LEU B 123 42.31 27.15 18.64
CA LEU B 123 42.16 27.77 17.34
C LEU B 123 41.03 27.12 16.53
N ALA B 124 40.98 25.79 16.54
CA ALA B 124 39.92 25.10 15.80
C ALA B 124 38.54 25.43 16.36
N TYR B 125 38.42 25.48 17.68
CA TYR B 125 37.16 25.82 18.32
C TYR B 125 36.69 27.21 17.90
N THR B 126 37.61 28.19 17.92
CA THR B 126 37.23 29.55 17.55
C THR B 126 36.77 29.62 16.10
N PHE B 127 37.49 28.95 15.20
CA PHE B 127 37.08 28.94 13.80
C PHE B 127 35.70 28.32 13.64
N ASP B 128 35.44 27.20 14.31
CA ASP B 128 34.16 26.51 14.20
C ASP B 128 33.02 27.40 14.70
N GLN B 129 33.22 28.05 15.85
CA GLN B 129 32.20 28.94 16.40
C GLN B 129 31.91 30.10 15.45
N ASN B 130 32.96 30.68 14.86
CA ASN B 130 32.74 31.79 13.93
C ASN B 130 31.95 31.34 12.71
N VAL B 131 32.24 30.15 12.19
CA VAL B 131 31.50 29.65 11.03
C VAL B 131 30.03 29.44 11.38
N ALA B 132 29.76 28.87 12.56
CA ALA B 132 28.36 28.68 12.98
C ALA B 132 27.63 30.02 13.11
N ALA B 133 28.29 31.02 13.70
CA ALA B 133 27.68 32.33 13.84
C ALA B 133 27.39 32.97 12.49
N MET B 134 28.30 32.79 11.53
CA MET B 134 28.05 33.32 10.19
C MET B 134 26.87 32.63 9.53
N ILE B 135 26.71 31.33 9.76
CA ILE B 135 25.53 30.64 9.21
C ILE B 135 24.26 31.22 9.81
N ALA B 136 24.25 31.46 11.13
CA ALA B 136 23.07 32.06 11.75
C ALA B 136 22.78 33.45 11.18
N GLN B 137 23.83 34.26 10.99
CA GLN B 137 23.62 35.59 10.44
C GLN B 137 23.11 35.54 9.01
N ALA B 138 23.57 34.56 8.23
CA ALA B 138 23.01 34.36 6.90
C ALA B 138 21.54 33.98 6.97
N ALA B 139 21.16 33.20 7.98
CA ALA B 139 19.76 32.85 8.16
C ALA B 139 18.91 34.08 8.48
N ARG B 140 19.45 34.99 9.29
CA ARG B 140 18.67 36.13 9.80
C ARG B 140 18.64 37.33 8.85
N THR B 141 19.10 37.19 7.61
CA THR B 141 19.13 38.31 6.66
C THR B 141 17.83 38.34 5.88
N SER B 142 17.03 39.39 6.08
CA SER B 142 15.71 39.46 5.47
C SER B 142 15.78 39.73 3.98
N THR B 143 16.63 40.66 3.56
CA THR B 143 16.67 41.11 2.17
C THR B 143 17.98 40.67 1.52
N ASN B 144 17.86 40.01 0.37
CA ASN B 144 19.02 39.57 -0.37
C ASN B 144 19.81 40.76 -0.90
N PRO B 145 21.14 40.64 -0.99
CA PRO B 145 21.92 41.73 -1.62
C PRO B 145 21.50 42.03 -3.04
N ASN B 146 21.05 41.02 -3.79
CA ASN B 146 20.41 41.23 -5.08
C ASN B 146 18.90 41.20 -4.86
N THR B 147 18.21 42.21 -5.41
CA THR B 147 16.80 42.41 -5.05
C THR B 147 15.93 41.26 -5.53
N ASP B 148 16.17 40.75 -6.74
CA ASP B 148 15.30 39.71 -7.29
C ASP B 148 15.35 38.44 -6.45
N LEU B 149 16.54 38.02 -6.03
CA LEU B 149 16.69 36.76 -5.35
C LEU B 149 16.02 36.78 -3.98
N PRO B 150 15.51 35.64 -3.51
CA PRO B 150 14.84 35.61 -2.20
C PRO B 150 15.84 35.72 -1.06
N GLY B 151 15.29 36.00 0.13
CA GLY B 151 16.09 36.21 1.31
C GLY B 151 15.94 35.10 2.34
N GLY B 152 16.57 35.32 3.48
CA GLY B 152 16.54 34.33 4.54
C GLY B 152 15.18 34.23 5.21
N THR B 153 14.94 33.08 5.84
CA THR B 153 13.66 32.80 6.46
C THR B 153 13.87 32.19 7.84
N ARG B 154 12.87 32.37 8.70
CA ARG B 154 12.87 31.80 10.04
C ARG B 154 11.57 31.05 10.27
N ILE B 155 11.66 29.92 10.97
CA ILE B 155 10.51 29.08 11.25
C ILE B 155 10.27 29.08 12.75
N LYS B 156 9.07 29.46 13.16
CA LYS B 156 8.74 29.74 14.55
C LYS B 156 7.90 28.62 15.16
N ILE B 157 8.25 28.26 16.39
CA ILE B 157 7.50 27.27 17.15
C ILE B 157 6.81 27.97 18.32
N LEU B 158 5.55 28.35 18.12
CA LEU B 158 4.78 29.00 19.16
C LEU B 158 4.39 28.00 20.24
N LYS B 159 4.50 28.42 21.50
CA LYS B 159 4.27 27.52 22.62
C LYS B 159 3.04 27.89 23.45
N SER B 160 2.98 29.09 24.00
CA SER B 160 1.92 29.45 24.94
C SER B 160 1.96 30.95 25.15
N GLY B 161 1.18 31.43 26.12
CA GLY B 161 1.12 32.82 26.51
C GLY B 161 2.17 33.27 27.50
N THR B 162 3.11 32.41 27.86
CA THR B 162 4.20 32.80 28.74
C THR B 162 5.08 33.85 28.06
N ALA B 163 5.53 34.82 28.85
CA ALA B 163 6.31 35.93 28.31
C ALA B 163 7.66 35.44 27.80
N ASN B 164 8.45 36.38 27.26
CA ASN B 164 9.76 36.05 26.71
C ASN B 164 10.67 35.43 27.77
N THR B 165 10.94 34.15 27.65
CA THR B 165 11.72 33.41 28.63
C THR B 165 12.35 32.22 27.94
N ALA B 166 13.33 31.60 28.62
CA ALA B 166 13.89 30.35 28.14
C ALA B 166 13.01 29.15 28.44
N ALA B 167 11.92 29.35 29.19
CA ALA B 167 10.97 28.26 29.44
C ALA B 167 10.28 27.82 28.16
N ALA B 168 10.15 28.73 27.18
CA ALA B 168 9.62 28.34 25.88
C ALA B 168 10.57 27.39 25.16
N VAL B 169 11.88 27.67 25.23
CA VAL B 169 12.86 26.78 24.61
C VAL B 169 12.90 25.45 25.36
N ALA B 170 12.75 25.47 26.68
CA ALA B 170 12.81 24.25 27.47
C ALA B 170 11.60 23.34 27.29
N ALA B 171 10.55 23.81 26.63
CA ALA B 171 9.30 23.04 26.51
C ALA B 171 9.10 22.42 25.14
N VAL B 172 10.05 22.56 24.22
CA VAL B 172 9.87 22.05 22.86
C VAL B 172 9.87 20.53 22.88
N THR B 173 8.91 19.92 22.21
CA THR B 173 8.77 18.48 22.14
C THR B 173 9.29 17.95 20.81
N GLY B 174 9.11 16.65 20.58
CA GLY B 174 9.61 16.01 19.38
C GLY B 174 8.69 16.11 18.18
N THR B 175 7.38 16.06 18.42
CA THR B 175 6.42 16.24 17.32
C THR B 175 6.55 17.65 16.73
N ASP B 176 6.77 18.64 17.59
CA ASP B 176 7.01 20.00 17.11
C ASP B 176 8.27 20.06 16.25
N LEU B 177 9.32 19.34 16.66
CA LEU B 177 10.55 19.31 15.87
C LEU B 177 10.33 18.66 14.52
N ALA B 178 9.55 17.58 14.47
CA ALA B 178 9.26 16.92 13.20
C ALA B 178 8.46 17.84 12.28
N THR B 179 7.45 18.53 12.84
CA THR B 179 6.68 19.46 12.03
C THR B 179 7.55 20.60 11.52
N ALA B 180 8.46 21.10 12.37
CA ALA B 180 9.36 22.16 11.94
C ALA B 180 10.29 21.69 10.83
N LEU B 181 10.78 20.46 10.92
CA LEU B 181 11.64 19.92 9.88
C LEU B 181 10.89 19.78 8.55
N PHE B 182 9.63 19.34 8.62
CA PHE B 182 8.85 19.22 7.38
C PHE B 182 8.54 20.60 6.79
N SER B 183 8.27 21.59 7.64
CA SER B 183 8.10 22.96 7.16
C SER B 183 9.37 23.48 6.51
N ALA B 184 10.52 23.16 7.11
CA ALA B 184 11.80 23.57 6.51
C ALA B 184 12.00 22.92 5.15
N ALA B 185 11.64 21.65 5.02
CA ALA B 185 11.75 20.99 3.72
C ALA B 185 10.82 21.64 2.69
N GLU B 186 9.59 21.98 3.10
CA GLU B 186 8.68 22.64 2.18
C GLU B 186 9.22 24.00 1.73
N GLN B 187 9.74 24.79 2.68
CA GLN B 187 10.31 26.09 2.33
C GLN B 187 11.53 25.94 1.43
N MET B 188 12.35 24.93 1.69
CA MET B 188 13.51 24.68 0.85
C MET B 188 13.09 24.34 -0.57
N ASP B 189 12.01 23.57 -0.71
CA ASP B 189 11.51 23.23 -2.04
C ASP B 189 10.88 24.43 -2.73
N ILE B 190 10.31 25.37 -1.97
CA ILE B 190 9.72 26.57 -2.57
C ILE B 190 10.79 27.40 -3.27
N ASN B 191 11.98 27.50 -2.68
CA ASN B 191 13.06 28.31 -3.22
C ASN B 191 13.83 27.62 -4.35
N ASN B 192 13.30 26.53 -4.91
CA ASN B 192 13.91 25.82 -6.04
C ASN B 192 15.31 25.33 -5.72
N LEU B 193 15.57 25.02 -4.45
CA LEU B 193 16.89 24.54 -4.05
C LEU B 193 17.09 23.12 -4.55
N PRO B 194 18.33 22.70 -4.79
CA PRO B 194 18.59 21.33 -5.21
C PRO B 194 18.21 20.33 -4.13
N GLU B 195 17.92 19.11 -4.55
CA GLU B 195 17.40 18.07 -3.68
C GLU B 195 18.47 17.29 -2.95
N GLU B 196 19.74 17.63 -3.12
CA GLU B 196 20.84 16.92 -2.49
C GLU B 196 21.61 17.85 -1.55
N ASP B 197 22.27 17.24 -0.57
CA ASP B 197 23.15 17.95 0.36
C ASP B 197 22.39 19.00 1.17
N ARG B 198 21.36 18.55 1.88
CA ARG B 198 20.66 19.38 2.85
C ARG B 198 20.99 18.88 4.24
N TYR B 199 21.50 19.78 5.08
CA TYR B 199 22.00 19.41 6.40
C TYR B 199 21.23 20.17 7.49
N CYS B 200 21.23 19.58 8.68
CA CYS B 200 20.61 20.20 9.84
C CYS B 200 21.53 20.04 11.04
N ALA B 201 21.80 21.14 11.73
CA ALA B 201 22.63 21.14 12.92
C ALA B 201 21.76 21.37 14.14
N ILE B 202 21.91 20.51 15.14
CA ILE B 202 21.05 20.53 16.32
C ILE B 202 21.88 20.19 17.55
N ASP B 203 21.48 20.74 18.69
CA ASP B 203 22.16 20.46 19.95
C ASP B 203 21.63 19.16 20.55
N PRO B 204 22.42 18.51 21.41
CA PRO B 204 22.05 17.15 21.86
C PRO B 204 20.70 17.05 22.54
N THR B 205 20.27 18.07 23.30
CA THR B 205 18.98 17.99 23.98
C THR B 205 17.85 17.76 22.98
N ASN B 206 17.77 18.60 21.95
CA ASN B 206 16.72 18.45 20.96
C ASN B 206 16.91 17.18 20.13
N TYR B 207 18.15 16.76 19.90
CA TYR B 207 18.40 15.52 19.18
C TYR B 207 17.80 14.32 19.91
N TYR B 208 18.09 14.20 21.20
CA TYR B 208 17.58 13.07 21.97
C TYR B 208 16.11 13.24 22.34
N LYS B 209 15.57 14.44 22.24
CA LYS B 209 14.12 14.58 22.32
C LYS B 209 13.44 14.14 21.04
N LEU B 210 14.11 14.34 19.89
CA LEU B 210 13.56 13.92 18.61
C LEU B 210 13.65 12.41 18.41
N VAL B 211 14.70 11.78 18.92
CA VAL B 211 14.83 10.33 18.78
C VAL B 211 13.67 9.61 19.46
N GLN B 212 13.22 10.13 20.60
CA GLN B 212 12.15 9.49 21.36
C GLN B 212 10.84 9.39 20.58
N ASN B 213 10.62 10.28 19.62
CA ASN B 213 9.42 10.21 18.78
C ASN B 213 9.55 9.02 17.84
N THR B 214 8.83 7.93 18.14
CA THR B 214 9.03 6.66 17.45
C THR B 214 8.60 6.70 15.99
N THR B 215 7.83 7.71 15.56
CA THR B 215 7.38 7.75 14.18
C THR B 215 8.56 7.89 13.21
N VAL B 216 9.58 8.67 13.60
CA VAL B 216 10.71 8.92 12.72
C VAL B 216 11.69 7.75 12.64
N ILE B 217 11.53 6.74 13.50
CA ILE B 217 12.42 5.58 13.50
C ILE B 217 11.69 4.30 13.15
N ASN B 218 10.38 4.34 12.97
CA ASN B 218 9.62 3.17 12.56
C ASN B 218 9.99 2.80 11.13
N ARG B 219 10.44 1.57 10.92
CA ARG B 219 10.92 1.14 9.62
C ARG B 219 9.82 0.59 8.72
N ASP B 220 8.57 0.58 9.19
CA ASP B 220 7.46 0.32 8.28
C ASP B 220 7.28 1.46 7.29
N PHE B 221 7.48 2.70 7.73
CA PHE B 221 7.29 3.85 6.84
C PHE B 221 8.59 4.29 6.19
N GLY B 222 9.56 4.77 6.97
CA GLY B 222 10.81 5.20 6.41
C GLY B 222 12.05 4.79 7.17
N GLY B 223 11.87 4.34 8.41
CA GLY B 223 13.00 3.86 9.20
C GLY B 223 14.10 4.89 9.36
N ARG B 224 15.32 4.46 9.06
CA ARG B 224 16.53 5.28 9.16
C ARG B 224 16.74 5.78 10.59
N GLY B 225 16.87 4.82 11.50
CA GLY B 225 17.14 5.13 12.89
C GLY B 225 17.19 3.85 13.69
N ALA B 226 17.42 4.01 15.00
CA ALA B 226 17.49 2.86 15.89
C ALA B 226 17.23 3.32 17.31
N TYR B 227 16.30 2.65 18.00
CA TYR B 227 15.98 3.01 19.37
C TYR B 227 17.05 2.54 20.34
N ALA B 228 17.74 1.43 20.04
CA ALA B 228 18.76 0.94 20.94
C ALA B 228 20.01 1.80 20.89
N GLU B 229 20.45 2.18 19.69
CA GLU B 229 21.62 3.04 19.55
C GLU B 229 21.31 4.50 19.87
N GLY B 230 20.03 4.87 19.97
CA GLY B 230 19.67 6.25 20.22
C GLY B 230 20.10 7.21 19.13
N GLU B 231 19.86 6.84 17.87
CA GLU B 231 20.33 7.65 16.75
C GLU B 231 19.26 7.73 15.68
N VAL B 232 19.16 8.90 15.05
CA VAL B 232 18.29 9.12 13.90
C VAL B 232 19.12 9.77 12.81
N LEU B 233 19.00 9.26 11.58
CA LEU B 233 19.94 9.62 10.52
C LEU B 233 19.39 10.57 9.48
N LYS B 234 18.08 10.60 9.23
CA LYS B 234 17.55 11.40 8.15
C LYS B 234 16.06 11.58 8.32
N VAL B 235 15.59 12.83 8.29
CA VAL B 235 14.18 13.16 8.42
C VAL B 235 13.81 14.07 7.26
N ALA B 236 12.86 13.63 6.44
CA ALA B 236 12.34 14.41 5.31
C ALA B 236 13.44 14.80 4.32
N GLY B 237 14.45 13.95 4.16
CA GLY B 237 15.51 14.18 3.20
C GLY B 237 16.61 15.10 3.68
N ILE B 238 16.70 15.36 4.98
CA ILE B 238 17.69 16.29 5.53
C ILE B 238 18.55 15.51 6.51
N HIS B 239 19.86 15.47 6.25
CA HIS B 239 20.78 14.81 7.18
C HIS B 239 20.81 15.55 8.50
N ILE B 240 20.80 14.79 9.59
CA ILE B 240 20.77 15.35 10.95
C ILE B 240 22.13 15.08 11.60
N VAL B 241 22.77 16.15 12.06
CA VAL B 241 24.07 16.07 12.72
C VAL B 241 24.00 16.85 14.03
N LYS B 242 24.90 16.50 14.95
CA LYS B 242 24.97 17.13 16.26
C LYS B 242 26.17 18.06 16.33
N SER B 243 26.09 19.02 17.26
CA SER B 243 27.18 19.96 17.48
C SER B 243 26.98 20.65 18.82
N ASN B 244 28.08 20.98 19.47
CA ASN B 244 28.07 21.74 20.71
C ASN B 244 28.44 23.21 20.50
N HIS B 245 28.65 23.64 19.25
CA HIS B 245 29.11 24.99 18.95
C HIS B 245 28.03 25.83 18.27
N LEU B 246 26.76 25.56 18.57
CA LEU B 246 25.69 26.39 18.02
C LEU B 246 25.60 27.72 18.77
N PRO B 247 25.21 28.80 18.08
CA PRO B 247 25.08 30.10 18.76
C PRO B 247 23.87 30.13 19.68
N LYS B 248 24.10 30.25 20.98
CA LYS B 248 23.03 30.15 21.96
C LYS B 248 22.91 31.33 22.91
N THR B 249 23.91 32.22 22.97
CA THR B 249 23.88 33.38 23.85
C THR B 249 24.13 34.64 23.04
N ASN B 250 23.57 35.75 23.52
CA ASN B 250 23.76 37.02 22.85
C ASN B 250 25.23 37.41 22.85
N ARG B 251 25.73 37.81 21.69
CA ARG B 251 27.15 38.02 21.47
C ARG B 251 27.45 39.51 21.39
N SER B 252 28.70 39.86 21.69
CA SER B 252 29.16 41.25 21.69
C SER B 252 30.29 41.41 20.69
N ALA B 253 30.39 42.60 20.13
CA ALA B 253 31.45 42.90 19.17
C ALA B 253 32.82 42.82 19.84
N ALA B 254 33.79 42.31 19.10
CA ALA B 254 35.15 42.15 19.60
C ALA B 254 36.13 42.89 18.70
N THR B 255 37.12 43.54 19.31
CA THR B 255 38.12 44.27 18.56
C THR B 255 38.90 43.32 17.66
N GLY B 256 39.20 43.78 16.44
CA GLY B 256 39.90 42.98 15.46
C GLY B 256 39.02 42.19 14.53
N GLU B 257 37.71 42.23 14.72
CA GLU B 257 36.76 41.56 13.83
C GLU B 257 36.27 42.56 12.80
N ASN B 258 36.60 42.33 11.54
CA ASN B 258 36.19 43.21 10.45
C ASN B 258 34.88 42.79 9.82
N ASN B 259 34.32 41.65 10.22
CA ASN B 259 33.00 41.21 9.81
C ASN B 259 32.05 41.30 11.00
N THR B 260 30.79 40.96 10.76
CA THR B 260 29.75 41.07 11.77
C THR B 260 29.39 39.68 12.29
N TYR B 261 29.48 39.51 13.61
CA TYR B 261 29.07 38.28 14.28
C TYR B 261 28.09 38.50 15.41
N HIS B 262 28.15 39.65 16.08
CA HIS B 262 27.33 39.87 17.26
C HIS B 262 25.85 39.95 16.91
N ALA B 263 25.03 39.35 17.76
CA ALA B 263 23.57 39.38 17.67
C ALA B 263 23.03 38.79 18.96
N ASN B 264 21.71 38.61 19.03
CA ASN B 264 21.07 37.92 20.13
C ASN B 264 20.63 36.55 19.63
N TYR B 265 21.26 35.50 20.15
CA TYR B 265 21.00 34.13 19.72
C TYR B 265 20.31 33.31 20.79
N THR B 266 19.63 33.97 21.73
CA THR B 266 19.08 33.27 22.88
C THR B 266 17.87 32.41 22.52
N ASP B 267 17.26 32.63 21.37
CA ASP B 267 16.08 31.87 20.96
C ASP B 267 16.39 30.80 19.92
N ASN B 268 17.66 30.60 19.57
CA ASN B 268 18.04 29.65 18.54
C ASN B 268 17.78 28.22 19.00
N ILE B 269 17.36 27.37 18.06
CA ILE B 269 17.13 25.94 18.32
C ILE B 269 17.93 25.07 17.37
N GLY B 270 17.89 25.38 16.07
CA GLY B 270 18.61 24.61 15.08
C GLY B 270 18.78 25.40 13.81
N LEU B 271 19.54 24.83 12.88
CA LEU B 271 19.83 25.46 11.60
C LEU B 271 19.71 24.45 10.49
N VAL B 272 18.99 24.83 9.43
CA VAL B 272 18.91 24.05 8.20
C VAL B 272 19.55 24.88 7.10
N PHE B 273 20.56 24.32 6.44
CA PHE B 273 21.40 25.10 5.54
C PHE B 273 21.87 24.23 4.37
N ASN B 274 22.62 24.85 3.47
CA ASN B 274 23.24 24.21 2.32
C ASN B 274 24.75 24.38 2.42
N LYS B 275 25.45 23.87 1.42
CA LYS B 275 26.91 24.02 1.37
C LYS B 275 27.35 25.29 0.66
N GLN B 276 26.43 26.02 0.02
CA GLN B 276 26.75 27.23 -0.72
C GLN B 276 26.31 28.49 0.01
N ALA B 277 25.86 28.36 1.27
CA ALA B 277 25.31 29.52 1.97
C ALA B 277 26.40 30.45 2.48
N VAL B 278 27.53 29.91 2.92
CA VAL B 278 28.57 30.70 3.58
C VAL B 278 29.93 30.25 3.06
N GLY B 279 30.81 31.22 2.83
CA GLY B 279 32.16 30.93 2.40
C GLY B 279 33.18 31.67 3.26
N THR B 280 34.44 31.23 3.13
CA THR B 280 35.53 31.81 3.89
C THR B 280 36.72 32.07 2.96
N VAL B 281 37.53 33.06 3.33
CA VAL B 281 38.70 33.46 2.55
C VAL B 281 39.93 33.34 3.44
N LYS B 282 40.98 32.72 2.91
CA LYS B 282 42.20 32.46 3.66
C LYS B 282 43.36 33.25 3.06
N LEU B 283 44.18 33.84 3.94
CA LEU B 283 45.36 34.58 3.52
C LEU B 283 46.65 33.93 4.00
N MET B 284 46.77 33.67 5.30
CA MET B 284 47.94 33.00 5.86
C MET B 284 47.48 31.79 6.66
N ASP B 285 48.22 30.69 6.53
CA ASP B 285 47.86 29.44 7.18
C ASP B 285 48.58 29.29 8.51
N LEU B 286 48.24 28.22 9.23
CA LEU B 286 48.68 28.04 10.61
C LEU B 286 50.21 27.91 10.67
N LYS B 287 50.81 28.43 11.73
CA LYS B 287 52.25 28.37 11.93
C LYS B 287 52.55 28.42 13.41
N MET B 288 53.48 27.57 13.85
CA MET B 288 53.91 27.51 15.24
C MET B 288 55.36 27.98 15.35
N GLU B 289 55.68 28.62 16.47
CA GLU B 289 56.99 29.23 16.64
C GLU B 289 57.39 29.14 18.11
N GLN B 290 58.71 29.04 18.34
CA GLN B 290 59.24 28.93 19.69
C GLN B 290 60.63 29.56 19.72
N THR B 291 60.94 30.23 20.83
CA THR B 291 62.21 30.93 21.01
C THR B 291 63.03 30.25 22.09
N GLY B 292 64.32 30.05 21.84
CA GLY B 292 65.17 29.43 22.83
C GLY B 292 66.61 29.92 22.95
N ALA B 293 67.01 30.92 22.16
CA ALA B 293 68.43 31.27 22.07
C ALA B 293 68.79 32.49 22.91
N ASP B 294 68.21 33.65 22.62
CA ASP B 294 68.54 34.88 23.33
C ASP B 294 67.48 35.32 24.31
N ILE B 295 66.21 34.95 24.08
CA ILE B 295 65.15 35.26 25.04
C ILE B 295 65.39 34.52 26.35
N HIS B 296 66.02 33.35 26.28
CA HIS B 296 66.33 32.58 27.49
C HIS B 296 67.26 33.35 28.41
N ALA B 297 68.24 34.05 27.84
CA ALA B 297 69.23 34.75 28.66
C ALA B 297 68.64 35.98 29.33
N LEU B 298 67.87 36.78 28.59
CA LEU B 298 67.35 38.04 29.11
C LEU B 298 66.39 37.78 30.28
N TYR B 299 65.40 36.92 30.07
CA TYR B 299 64.56 36.44 31.16
C TYR B 299 64.34 34.95 30.98
N GLN B 300 64.59 34.18 32.04
CA GLN B 300 64.68 32.73 31.93
C GLN B 300 63.29 32.14 31.65
N GLY B 301 63.13 31.55 30.48
CA GLY B 301 61.86 30.95 30.11
C GLY B 301 61.84 30.58 28.65
N THR B 302 60.63 30.29 28.17
CA THR B 302 60.43 29.87 26.79
C THR B 302 59.05 30.34 26.33
N PHE B 303 58.95 30.77 25.08
CA PHE B 303 57.73 31.33 24.52
C PHE B 303 57.30 30.52 23.31
N MET B 304 56.00 30.25 23.20
CA MET B 304 55.42 29.52 22.09
C MET B 304 54.22 30.26 21.54
N VAL B 305 54.09 30.30 20.21
CA VAL B 305 53.04 31.05 19.54
C VAL B 305 52.36 30.16 18.52
N GLY B 306 51.14 30.55 18.14
CA GLY B 306 50.43 29.97 17.01
C GLY B 306 49.53 31.00 16.39
N SER B 307 49.57 31.15 15.07
CA SER B 307 48.92 32.29 14.44
C SER B 307 48.41 31.93 13.06
N MET B 308 47.28 32.54 12.68
CA MET B 308 46.66 32.31 11.39
C MET B 308 45.66 33.43 11.12
N MET B 309 45.29 33.58 9.84
CA MET B 309 44.51 34.73 9.40
C MET B 309 43.50 34.31 8.33
N HIS B 310 42.26 34.74 8.49
CA HIS B 310 41.20 34.37 7.56
C HIS B 310 40.07 35.39 7.64
N GLY B 311 38.94 35.08 7.01
CA GLY B 311 37.74 35.86 7.15
C GLY B 311 36.55 35.06 6.65
N SER B 312 35.37 35.36 7.21
CA SER B 312 34.15 34.66 6.84
C SER B 312 33.06 35.67 6.49
N GLY B 313 32.11 35.22 5.68
CA GLY B 313 31.05 36.10 5.21
C GLY B 313 29.87 35.32 4.69
N VAL B 314 28.81 36.06 4.40
CA VAL B 314 27.54 35.50 3.93
C VAL B 314 27.51 35.59 2.41
N LEU B 315 27.19 34.47 1.75
CA LEU B 315 27.17 34.41 0.31
C LEU B 315 25.75 34.39 -0.25
N ARG B 316 24.93 33.42 0.16
CA ARG B 316 23.56 33.31 -0.32
C ARG B 316 22.61 33.19 0.87
N PRO B 317 21.93 34.27 1.25
CA PRO B 317 21.01 34.18 2.39
C PRO B 317 19.80 33.30 2.14
N ASP B 318 19.49 32.96 0.89
CA ASP B 318 18.32 32.14 0.59
C ASP B 318 18.57 30.66 0.74
N CYS B 319 19.79 30.25 1.07
CA CYS B 319 20.13 28.84 1.26
C CYS B 319 20.20 28.45 2.72
N ALA B 320 19.70 29.30 3.63
CA ALA B 320 19.78 29.03 5.06
C ALA B 320 18.44 29.32 5.72
N ILE B 321 18.12 28.52 6.74
CA ILE B 321 16.87 28.63 7.49
C ILE B 321 17.20 28.48 8.97
N GLU B 322 16.36 29.08 9.82
CA GLU B 322 16.53 29.01 11.26
C GLU B 322 15.22 28.59 11.92
N LEU B 323 15.31 27.74 12.94
CA LEU B 323 14.18 27.34 13.75
C LEU B 323 14.34 27.91 15.15
N TYR B 324 13.34 28.65 15.62
CA TYR B 324 13.40 29.28 16.92
C TYR B 324 12.06 29.13 17.63
N ALA B 325 12.09 29.29 18.95
CA ALA B 325 10.91 29.15 19.79
C ALA B 325 10.51 30.51 20.34
N ALA B 326 9.22 30.81 20.29
CA ALA B 326 8.70 32.10 20.72
C ALA B 326 7.32 31.89 21.33
N ASN B 327 6.61 32.99 21.56
CA ASN B 327 5.27 32.94 22.13
C ASN B 327 4.29 33.75 21.30
N SER B 328 3.09 33.98 21.83
CA SER B 328 2.08 34.75 21.12
C SER B 328 2.55 36.17 20.84
N ALA C 2 -27.19 -6.32 -53.10
CA ALA C 2 -27.71 -7.66 -52.86
C ALA C 2 -28.85 -7.97 -53.81
N ASN C 3 -30.08 -7.61 -53.39
CA ASN C 3 -31.25 -7.62 -54.27
C ASN C 3 -31.59 -9.02 -54.78
N PHE C 4 -31.88 -9.95 -53.87
CA PHE C 4 -32.36 -11.28 -54.23
C PHE C 4 -33.27 -11.84 -53.15
N THR C 5 -33.99 -12.90 -53.52
CA THR C 5 -34.88 -13.62 -52.62
C THR C 5 -34.77 -15.11 -52.95
N PRO C 6 -33.75 -15.78 -52.44
CA PRO C 6 -33.52 -17.19 -52.84
C PRO C 6 -34.61 -18.11 -52.31
N SER C 7 -34.44 -19.40 -52.61
CA SER C 7 -35.44 -20.39 -52.21
C SER C 7 -35.37 -20.68 -50.71
N ARG C 8 -34.26 -20.33 -50.06
CA ARG C 8 -34.14 -20.29 -48.60
C ARG C 8 -34.28 -21.65 -47.92
N LEU C 9 -34.62 -22.69 -48.67
CA LEU C 9 -34.58 -24.08 -48.24
C LEU C 9 -35.60 -24.39 -47.14
N GLY C 10 -36.30 -23.39 -46.60
CA GLY C 10 -37.16 -23.64 -45.46
C GLY C 10 -38.47 -22.89 -45.46
N LEU C 11 -38.74 -22.11 -46.51
CA LEU C 11 -39.99 -21.37 -46.61
C LEU C 11 -41.13 -22.33 -46.91
N VAL C 12 -41.97 -22.58 -45.90
CA VAL C 12 -43.06 -23.53 -46.04
C VAL C 12 -44.09 -22.99 -47.04
N ASN C 13 -44.29 -23.73 -48.13
CA ASN C 13 -45.38 -23.49 -49.09
C ASN C 13 -45.42 -22.05 -49.59
N ASN C 14 -44.26 -21.38 -49.64
CA ASN C 14 -44.17 -19.99 -50.10
C ASN C 14 -45.24 -19.13 -49.46
N THR C 15 -45.48 -19.38 -48.17
CA THR C 15 -46.64 -18.85 -47.44
C THR C 15 -46.14 -18.01 -46.26
N GLY C 16 -46.00 -16.71 -46.49
CA GLY C 16 -45.73 -15.74 -45.43
C GLY C 16 -44.43 -15.99 -44.68
N THR C 17 -44.46 -15.65 -43.39
CA THR C 17 -43.31 -15.81 -42.50
C THR C 17 -43.42 -17.14 -41.75
N GLY C 18 -42.52 -17.31 -40.78
CA GLY C 18 -42.38 -18.58 -40.11
C GLY C 18 -41.37 -19.45 -40.83
N VAL C 19 -40.19 -18.88 -41.07
CA VAL C 19 -39.21 -19.44 -41.99
C VAL C 19 -38.56 -20.71 -41.44
N LYS C 20 -38.88 -21.09 -40.20
CA LYS C 20 -38.18 -22.20 -39.58
C LYS C 20 -39.12 -23.26 -39.04
N ASP C 21 -40.06 -23.70 -39.86
CA ASP C 21 -40.97 -24.78 -39.49
C ASP C 21 -40.50 -26.15 -39.96
N LEU C 22 -39.53 -26.19 -40.89
CA LEU C 22 -39.05 -27.44 -41.47
C LEU C 22 -37.58 -27.69 -41.17
N PHE C 23 -36.97 -26.93 -40.27
CA PHE C 23 -35.58 -27.12 -39.91
C PHE C 23 -35.44 -28.08 -38.75
N LEU C 24 -34.23 -28.60 -38.57
CA LEU C 24 -33.93 -29.55 -37.51
C LEU C 24 -33.05 -28.90 -36.44
N LYS C 25 -33.05 -29.50 -35.27
CA LYS C 25 -32.18 -29.07 -34.18
C LYS C 25 -31.01 -30.04 -34.08
N THR C 26 -29.83 -29.50 -33.78
CA THR C 26 -28.59 -30.24 -33.86
C THR C 26 -28.07 -30.62 -32.49
N PHE C 27 -27.20 -31.63 -32.48
CA PHE C 27 -26.54 -32.07 -31.26
C PHE C 27 -25.31 -31.20 -31.03
N ALA C 28 -25.23 -30.57 -29.86
CA ALA C 28 -24.12 -29.67 -29.56
C ALA C 28 -22.80 -30.42 -29.56
N GLY C 29 -22.76 -31.59 -28.91
CA GLY C 29 -21.58 -32.41 -28.94
C GLY C 29 -21.00 -32.79 -27.58
N GLU C 30 -21.77 -32.61 -26.51
CA GLU C 30 -21.28 -32.94 -25.18
C GLU C 30 -22.43 -33.14 -24.22
N VAL C 31 -22.22 -34.04 -23.25
CA VAL C 31 -23.16 -34.26 -22.16
C VAL C 31 -22.59 -33.59 -20.92
N LEU C 32 -23.48 -33.15 -20.02
CA LEU C 32 -23.08 -32.31 -18.89
C LEU C 32 -22.91 -33.09 -17.59
N SER C 33 -23.87 -33.94 -17.23
CA SER C 33 -23.81 -34.75 -16.02
C SER C 33 -23.76 -33.89 -14.75
N ALA C 34 -23.25 -34.45 -13.66
CA ALA C 34 -23.25 -33.80 -12.35
C ALA C 34 -21.84 -33.83 -11.75
N PHE C 35 -21.69 -33.20 -10.60
CA PHE C 35 -20.41 -33.07 -9.91
C PHE C 35 -20.31 -34.07 -8.77
N ARG C 36 -19.07 -34.38 -8.39
CA ARG C 36 -18.77 -35.41 -7.39
C ARG C 36 -18.46 -34.78 -6.05
N LYS C 37 -19.08 -35.31 -4.99
CA LYS C 37 -18.86 -34.78 -3.64
C LYS C 37 -17.59 -35.36 -3.05
N ALA C 38 -16.87 -34.53 -2.29
CA ALA C 38 -15.61 -34.93 -1.68
C ALA C 38 -15.87 -35.82 -0.48
N THR C 39 -15.14 -36.93 -0.40
CA THR C 39 -15.28 -37.91 0.67
C THR C 39 -14.00 -37.91 1.51
N ILE C 40 -14.14 -37.66 2.81
CA ILE C 40 -12.99 -37.61 3.71
C ILE C 40 -13.06 -38.62 4.83
N PHE C 41 -14.21 -39.25 5.07
CA PHE C 41 -14.38 -40.13 6.23
C PHE C 41 -14.02 -41.57 5.92
N GLU C 42 -13.61 -41.89 4.69
CA GLU C 42 -13.20 -43.25 4.37
C GLU C 42 -11.96 -43.64 5.16
N ASP C 43 -10.96 -42.77 5.19
CA ASP C 43 -9.84 -42.91 6.10
C ASP C 43 -10.22 -42.25 7.43
N LEU C 44 -9.22 -42.00 8.28
CA LEU C 44 -9.43 -41.44 9.62
C LEU C 44 -10.31 -42.33 10.47
N HIS C 45 -10.31 -43.64 10.20
CA HIS C 45 -11.00 -44.62 11.03
C HIS C 45 -10.48 -46.00 10.67
N THR C 46 -10.77 -46.96 11.55
CA THR C 46 -10.22 -48.30 11.45
C THR C 46 -11.07 -49.17 10.55
N VAL C 47 -10.42 -49.85 9.60
CA VAL C 47 -11.09 -50.78 8.69
C VAL C 47 -10.53 -52.17 8.94
N ARG C 48 -11.42 -53.10 9.28
CA ARG C 48 -11.07 -54.49 9.54
C ARG C 48 -11.81 -55.39 8.55
N THR C 49 -11.65 -56.70 8.75
CA THR C 49 -12.28 -57.70 7.88
C THR C 49 -12.35 -59.02 8.64
N ILE C 50 -13.50 -59.69 8.55
CA ILE C 50 -13.67 -61.01 9.13
C ILE C 50 -14.16 -61.96 8.03
N SER C 51 -13.97 -63.25 8.26
CA SER C 51 -14.32 -64.26 7.27
C SER C 51 -15.71 -64.85 7.48
N SER C 52 -16.17 -64.92 8.72
CA SER C 52 -17.47 -65.50 9.02
C SER C 52 -17.94 -65.00 10.38
N GLY C 53 -19.20 -65.28 10.69
CA GLY C 53 -19.81 -64.84 11.92
C GLY C 53 -20.80 -63.72 11.68
N LYS C 54 -21.41 -63.27 12.78
CA LYS C 54 -22.42 -62.23 12.73
C LYS C 54 -21.99 -60.91 13.36
N SER C 55 -21.00 -60.93 14.25
CA SER C 55 -20.51 -59.72 14.87
C SER C 55 -19.10 -59.95 15.39
N ALA C 56 -18.45 -58.88 15.83
CA ALA C 56 -17.09 -58.93 16.35
C ALA C 56 -17.05 -58.34 17.75
N GLN C 57 -16.03 -58.72 18.51
CA GLN C 57 -15.90 -58.31 19.89
C GLN C 57 -14.50 -57.73 20.14
N PHE C 58 -14.45 -56.56 20.74
CA PHE C 58 -13.18 -55.90 21.10
C PHE C 58 -13.11 -55.76 22.61
N PRO C 59 -12.41 -56.64 23.30
CA PRO C 59 -12.33 -56.54 24.77
C PRO C 59 -11.51 -55.33 25.22
N ILE C 60 -11.88 -54.81 26.39
CA ILE C 60 -11.23 -53.66 27.00
C ILE C 60 -10.78 -54.06 28.40
N VAL C 61 -9.68 -53.45 28.87
CA VAL C 61 -9.06 -53.81 30.13
C VAL C 61 -8.42 -52.57 30.74
N GLY C 62 -8.00 -52.70 31.99
CA GLY C 62 -7.18 -51.69 32.66
C GLY C 62 -7.75 -51.05 33.90
N LEU C 63 -7.21 -51.47 35.04
CA LEU C 63 -7.46 -50.93 36.37
C LEU C 63 -6.23 -51.22 37.20
N SER C 64 -5.91 -50.33 38.14
CA SER C 64 -4.76 -50.56 39.01
C SER C 64 -4.88 -49.71 40.25
N SER C 65 -4.19 -50.16 41.30
CA SER C 65 -4.22 -49.48 42.60
C SER C 65 -2.90 -49.72 43.31
N THR C 66 -2.69 -48.96 44.39
CA THR C 66 -1.51 -49.08 45.22
C THR C 66 -1.89 -48.74 46.66
N SER C 67 -1.13 -49.25 47.61
CA SER C 67 -1.45 -49.07 49.02
C SER C 67 -0.19 -49.25 49.86
N TYR C 68 -0.29 -48.82 51.11
CA TYR C 68 0.73 -49.13 52.12
C TYR C 68 0.31 -50.36 52.91
N HIS C 69 1.27 -51.25 53.14
CA HIS C 69 1.01 -52.55 53.72
C HIS C 69 1.19 -52.52 55.23
N SER C 70 0.23 -53.13 55.95
CA SER C 70 0.34 -53.28 57.39
C SER C 70 1.08 -54.57 57.71
N PRO C 71 2.14 -54.52 58.53
CA PRO C 71 2.93 -55.73 58.77
C PRO C 71 2.14 -56.80 59.50
N GLY C 72 2.48 -58.05 59.23
CA GLY C 72 1.84 -59.19 59.85
C GLY C 72 0.61 -59.71 59.14
N THR C 73 0.16 -59.05 58.09
CA THR C 73 -1.01 -59.48 57.33
C THR C 73 -0.60 -60.03 55.98
N GLN C 74 -1.57 -60.61 55.28
CA GLN C 74 -1.35 -61.26 53.99
C GLN C 74 -2.01 -60.44 52.90
N LEU C 75 -1.27 -60.18 51.81
CA LEU C 75 -1.82 -59.45 50.69
C LEU C 75 -2.95 -60.22 50.03
N THR C 76 -3.97 -59.49 49.56
CA THR C 76 -5.17 -60.08 48.99
C THR C 76 -5.29 -59.87 47.50
N GLY C 77 -5.24 -58.62 47.05
CA GLY C 77 -5.33 -58.30 45.64
C GLY C 77 -6.35 -57.21 45.40
N ASN C 78 -6.20 -56.52 44.28
CA ASN C 78 -7.12 -55.48 43.86
C ASN C 78 -7.88 -55.97 42.64
N ALA C 79 -9.20 -56.00 42.74
CA ALA C 79 -10.04 -56.61 41.71
C ALA C 79 -10.04 -55.76 40.45
N ILE C 80 -9.75 -56.39 39.32
CA ILE C 80 -9.76 -55.75 38.01
C ILE C 80 -10.82 -56.45 37.17
N LYS C 81 -11.77 -55.69 36.64
CA LYS C 81 -12.82 -56.24 35.79
C LYS C 81 -12.82 -55.52 34.45
N HIS C 82 -13.29 -56.23 33.43
CA HIS C 82 -13.15 -55.83 32.03
C HIS C 82 -14.50 -55.43 31.44
N ALA C 83 -14.50 -55.15 30.14
CA ALA C 83 -15.71 -54.87 29.38
C ALA C 83 -15.39 -55.13 27.91
N GLU C 84 -16.38 -54.93 27.05
CA GLU C 84 -16.18 -55.17 25.62
C GLU C 84 -17.13 -54.29 24.82
N ALA C 85 -16.78 -54.10 23.55
CA ALA C 85 -17.60 -53.38 22.60
C ALA C 85 -17.79 -54.24 21.36
N VAL C 86 -19.05 -54.53 21.03
CA VAL C 86 -19.38 -55.41 19.90
C VAL C 86 -19.90 -54.55 18.76
N ILE C 87 -19.66 -55.03 17.55
CA ILE C 87 -20.05 -54.34 16.33
C ILE C 87 -20.79 -55.33 15.44
N ASN C 88 -22.09 -55.10 15.23
CA ASN C 88 -22.89 -55.97 14.40
C ASN C 88 -22.73 -55.60 12.93
N ILE C 89 -23.29 -56.45 12.06
CA ILE C 89 -23.16 -56.30 10.62
C ILE C 89 -24.54 -56.05 10.02
N ASP C 90 -24.63 -55.00 9.20
CA ASP C 90 -25.90 -54.62 8.59
C ASP C 90 -26.29 -55.61 7.50
N ASP C 91 -27.41 -55.32 6.83
CA ASP C 91 -27.87 -56.15 5.72
C ASP C 91 -27.08 -55.78 4.46
N LYS C 92 -27.51 -56.29 3.32
CA LYS C 92 -26.79 -56.07 2.06
C LYS C 92 -27.31 -54.80 1.39
N LEU C 93 -26.40 -54.03 0.83
CA LEU C 93 -26.71 -52.78 0.15
C LEU C 93 -26.63 -53.01 -1.35
N VAL C 94 -27.63 -52.52 -2.08
CA VAL C 94 -27.71 -52.76 -3.52
C VAL C 94 -28.01 -51.47 -4.27
N SER C 95 -27.68 -51.48 -5.57
CA SER C 95 -27.92 -50.32 -6.44
C SER C 95 -27.99 -50.84 -7.88
N ASN C 96 -29.20 -50.93 -8.43
CA ASN C 96 -29.43 -51.60 -9.70
C ASN C 96 -30.12 -50.67 -10.70
N VAL C 97 -30.14 -51.10 -11.96
CA VAL C 97 -30.73 -50.32 -13.04
C VAL C 97 -31.01 -51.26 -14.21
N PHE C 98 -31.95 -50.87 -15.08
CA PHE C 98 -32.32 -51.64 -16.26
C PHE C 98 -32.42 -50.73 -17.46
N ILE C 99 -31.93 -51.19 -18.62
CA ILE C 99 -31.91 -50.41 -19.85
C ILE C 99 -32.56 -51.22 -20.96
N ALA C 100 -33.50 -50.61 -21.66
CA ALA C 100 -34.16 -51.25 -22.79
C ALA C 100 -33.29 -51.19 -24.04
N ASP C 101 -33.62 -52.03 -25.01
CA ASP C 101 -32.82 -52.13 -26.23
C ASP C 101 -33.19 -51.06 -27.25
N VAL C 102 -34.48 -50.78 -27.41
CA VAL C 102 -34.93 -49.78 -28.39
C VAL C 102 -34.44 -48.40 -27.99
N ASP C 103 -34.42 -48.11 -26.68
CA ASP C 103 -33.91 -46.84 -26.21
C ASP C 103 -32.45 -46.65 -26.59
N GLU C 104 -31.64 -47.71 -26.41
CA GLU C 104 -30.24 -47.65 -26.81
C GLU C 104 -30.09 -47.54 -28.33
N ALA C 105 -31.02 -48.13 -29.07
CA ALA C 105 -30.91 -48.09 -30.54
C ALA C 105 -31.26 -46.72 -31.09
N MET C 106 -32.25 -46.04 -30.50
CA MET C 106 -32.65 -44.73 -30.99
C MET C 106 -31.81 -43.59 -30.43
N ASN C 107 -31.00 -43.82 -29.41
CA ASN C 107 -30.24 -42.75 -28.78
C ASN C 107 -29.10 -42.28 -29.66
N HIS C 108 -28.65 -41.05 -29.41
CA HIS C 108 -27.54 -40.46 -30.15
C HIS C 108 -26.29 -40.29 -29.29
N TYR C 109 -26.25 -40.88 -28.11
CA TYR C 109 -25.04 -40.89 -27.28
C TYR C 109 -25.08 -42.11 -26.36
N ASP C 110 -23.91 -42.43 -25.81
CA ASP C 110 -23.76 -43.60 -24.95
C ASP C 110 -24.01 -43.24 -23.50
N VAL C 111 -24.58 -44.19 -22.76
CA VAL C 111 -24.90 -43.99 -21.35
C VAL C 111 -24.43 -45.13 -20.47
N ARG C 112 -23.69 -46.11 -21.00
CA ARG C 112 -23.32 -47.27 -20.20
C ARG C 112 -22.09 -47.02 -19.33
N SER C 113 -21.46 -45.86 -19.44
CA SER C 113 -20.33 -45.53 -18.57
C SER C 113 -20.73 -44.61 -17.43
N GLN C 114 -21.74 -43.77 -17.63
CA GLN C 114 -22.18 -42.85 -16.58
C GLN C 114 -22.84 -43.60 -15.42
N TYR C 115 -23.61 -44.65 -15.74
CA TYR C 115 -24.41 -45.31 -14.72
C TYR C 115 -23.53 -45.97 -13.65
N SER C 116 -22.44 -46.60 -14.06
CA SER C 116 -21.56 -47.24 -13.10
C SER C 116 -20.94 -46.23 -12.15
N VAL C 117 -20.52 -45.07 -12.69
CA VAL C 117 -20.01 -44.01 -11.85
C VAL C 117 -21.07 -43.55 -10.85
N GLN C 118 -22.31 -43.41 -11.31
CA GLN C 118 -23.37 -42.98 -10.40
C GLN C 118 -23.60 -44.00 -9.28
N MET C 119 -23.62 -45.29 -9.62
CA MET C 119 -23.81 -46.30 -8.58
C MET C 119 -22.68 -46.31 -7.56
N GLY C 120 -21.43 -46.25 -8.04
CA GLY C 120 -20.31 -46.20 -7.13
C GLY C 120 -20.35 -44.99 -6.22
N ASN C 121 -20.68 -43.82 -6.78
CA ASN C 121 -20.78 -42.61 -5.99
C ASN C 121 -21.86 -42.73 -4.93
N ALA C 122 -23.02 -43.30 -5.29
CA ALA C 122 -24.10 -43.43 -4.32
C ALA C 122 -23.69 -44.33 -3.15
N LEU C 123 -23.04 -45.46 -3.46
CA LEU C 123 -22.59 -46.34 -2.39
C LEU C 123 -21.57 -45.66 -1.49
N ALA C 124 -20.62 -44.93 -2.09
CA ALA C 124 -19.62 -44.21 -1.30
C ALA C 124 -20.28 -43.17 -0.39
N TYR C 125 -21.27 -42.45 -0.91
CA TYR C 125 -21.95 -41.43 -0.13
C TYR C 125 -22.67 -42.05 1.07
N THR C 126 -23.35 -43.18 0.84
CA THR C 126 -24.03 -43.84 1.96
C THR C 126 -23.04 -44.26 3.03
N PHE C 127 -21.90 -44.83 2.62
CA PHE C 127 -20.89 -45.24 3.60
C PHE C 127 -20.39 -44.04 4.41
N ASP C 128 -20.08 -42.93 3.72
CA ASP C 128 -19.59 -41.74 4.42
C ASP C 128 -20.61 -41.22 5.42
N GLN C 129 -21.88 -41.13 5.02
CA GLN C 129 -22.89 -40.63 5.94
C GLN C 129 -23.01 -41.50 7.17
N ASN C 130 -22.99 -42.83 6.99
CA ASN C 130 -23.06 -43.72 8.14
C ASN C 130 -21.87 -43.54 9.07
N VAL C 131 -20.67 -43.40 8.51
CA VAL C 131 -19.48 -43.22 9.35
C VAL C 131 -19.57 -41.93 10.15
N ALA C 132 -20.01 -40.84 9.53
CA ALA C 132 -20.14 -39.57 10.25
C ALA C 132 -21.18 -39.68 11.36
N ALA C 133 -22.31 -40.34 11.08
CA ALA C 133 -23.32 -40.53 12.12
C ALA C 133 -22.76 -41.33 13.29
N MET C 134 -21.94 -42.35 13.00
CA MET C 134 -21.34 -43.12 14.08
C MET C 134 -20.33 -42.31 14.87
N ILE C 135 -19.61 -41.39 14.21
CA ILE C 135 -18.71 -40.50 14.95
C ILE C 135 -19.50 -39.65 15.92
N ALA C 136 -20.62 -39.09 15.47
CA ALA C 136 -21.46 -38.28 16.37
C ALA C 136 -21.99 -39.12 17.52
N GLN C 137 -22.43 -40.34 17.24
CA GLN C 137 -22.94 -41.22 18.29
C GLN C 137 -21.86 -41.55 19.30
N ALA C 138 -20.63 -41.80 18.83
CA ALA C 138 -19.52 -42.03 19.73
C ALA C 138 -19.26 -40.80 20.59
N ALA C 139 -19.42 -39.61 20.03
CA ALA C 139 -19.26 -38.39 20.81
C ALA C 139 -20.30 -38.30 21.92
N ARG C 140 -21.54 -38.67 21.64
CA ARG C 140 -22.63 -38.44 22.59
C ARG C 140 -22.69 -39.45 23.73
N THR C 141 -21.86 -40.48 23.74
CA THR C 141 -21.92 -41.50 24.78
C THR C 141 -21.29 -40.96 26.06
N SER C 142 -22.10 -40.83 27.12
CA SER C 142 -21.63 -40.24 28.37
C SER C 142 -20.79 -41.20 29.19
N THR C 143 -21.18 -42.47 29.26
CA THR C 143 -20.54 -43.44 30.13
C THR C 143 -19.80 -44.48 29.29
N ASN C 144 -18.51 -44.63 29.55
CA ASN C 144 -17.70 -45.63 28.86
C ASN C 144 -18.17 -47.04 29.24
N PRO C 145 -18.19 -47.98 28.30
CA PRO C 145 -18.48 -49.37 28.67
C PRO C 145 -17.56 -49.90 29.76
N ASN C 146 -16.28 -49.51 29.75
CA ASN C 146 -15.39 -49.77 30.87
C ASN C 146 -15.49 -48.58 31.83
N THR C 147 -15.88 -48.86 33.08
CA THR C 147 -16.27 -47.80 33.98
C THR C 147 -15.12 -46.84 34.28
N ASP C 148 -13.92 -47.37 34.49
CA ASP C 148 -12.80 -46.53 34.91
C ASP C 148 -12.43 -45.51 33.83
N LEU C 149 -12.44 -45.92 32.57
CA LEU C 149 -12.03 -45.03 31.49
C LEU C 149 -13.06 -43.92 31.30
N PRO C 150 -12.62 -42.72 30.93
CA PRO C 150 -13.56 -41.60 30.80
C PRO C 150 -14.43 -41.72 29.57
N GLY C 151 -15.60 -41.08 29.64
CA GLY C 151 -16.55 -41.09 28.55
C GLY C 151 -16.48 -39.83 27.70
N GLY C 152 -17.36 -39.78 26.70
CA GLY C 152 -17.37 -38.65 25.78
C GLY C 152 -17.91 -37.39 26.42
N THR C 153 -17.54 -36.26 25.81
CA THR C 153 -17.89 -34.94 26.32
C THR C 153 -18.39 -34.06 25.18
N ARG C 154 -19.40 -33.24 25.47
CA ARG C 154 -19.94 -32.27 24.51
C ARG C 154 -19.66 -30.87 25.02
N ILE C 155 -19.24 -29.98 24.11
CA ILE C 155 -18.90 -28.60 24.44
C ILE C 155 -19.99 -27.70 23.90
N LYS C 156 -20.60 -26.92 24.77
CA LYS C 156 -21.75 -26.09 24.43
C LYS C 156 -21.32 -24.67 24.11
N ILE C 157 -22.14 -23.99 23.31
CA ILE C 157 -21.92 -22.58 22.94
C ILE C 157 -23.18 -21.84 23.35
N LEU C 158 -23.15 -21.22 24.53
CA LEU C 158 -24.31 -20.50 25.02
C LEU C 158 -24.54 -19.22 24.21
N LYS C 159 -25.78 -18.97 23.84
CA LYS C 159 -26.14 -17.78 23.08
C LYS C 159 -27.04 -16.83 23.84
N SER C 160 -28.20 -17.29 24.30
CA SER C 160 -29.19 -16.43 24.94
C SER C 160 -30.21 -17.34 25.63
N GLY C 161 -31.31 -16.74 26.10
CA GLY C 161 -32.37 -17.48 26.74
C GLY C 161 -33.53 -17.79 25.83
N THR C 162 -33.30 -17.71 24.52
CA THR C 162 -34.34 -17.98 23.54
C THR C 162 -34.75 -19.46 23.58
N ALA C 163 -35.93 -19.74 23.05
CA ALA C 163 -36.40 -21.12 22.95
C ALA C 163 -35.51 -21.91 22.00
N ASN C 164 -35.46 -23.22 22.22
CA ASN C 164 -34.60 -24.09 21.42
C ASN C 164 -34.94 -23.98 19.94
N THR C 165 -34.04 -23.40 19.17
CA THR C 165 -34.31 -23.03 17.79
C THR C 165 -33.01 -23.11 16.99
N ALA C 166 -33.13 -23.03 15.67
CA ALA C 166 -31.97 -22.94 14.80
C ALA C 166 -31.35 -21.55 14.77
N ALA C 167 -31.99 -20.58 15.43
CA ALA C 167 -31.42 -19.24 15.50
C ALA C 167 -30.11 -19.24 16.26
N ALA C 168 -30.01 -20.06 17.31
CA ALA C 168 -28.76 -20.16 18.05
C ALA C 168 -27.65 -20.72 17.17
N VAL C 169 -27.97 -21.71 16.34
CA VAL C 169 -26.98 -22.25 15.42
C VAL C 169 -26.59 -21.22 14.37
N ALA C 170 -27.56 -20.41 13.93
CA ALA C 170 -27.29 -19.39 12.92
C ALA C 170 -26.60 -18.16 13.50
N ALA C 171 -26.56 -18.00 14.82
CA ALA C 171 -25.97 -16.83 15.44
C ALA C 171 -24.55 -17.06 15.96
N VAL C 172 -23.95 -18.22 15.68
CA VAL C 172 -22.62 -18.52 16.17
C VAL C 172 -21.60 -17.73 15.37
N THR C 173 -20.66 -17.11 16.08
CA THR C 173 -19.60 -16.30 15.47
C THR C 173 -18.28 -17.05 15.48
N GLY C 174 -17.30 -16.48 14.78
CA GLY C 174 -16.01 -17.14 14.66
C GLY C 174 -15.23 -17.20 15.96
N THR C 175 -15.33 -16.14 16.78
CA THR C 175 -14.61 -16.11 18.04
C THR C 175 -15.07 -17.22 18.98
N ASP C 176 -16.38 -17.48 19.01
CA ASP C 176 -16.90 -18.59 19.79
C ASP C 176 -16.34 -19.91 19.27
N LEU C 177 -16.20 -20.04 17.95
CA LEU C 177 -15.63 -21.25 17.38
C LEU C 177 -14.18 -21.44 17.82
N ALA C 178 -13.39 -20.37 17.82
CA ALA C 178 -11.99 -20.48 18.24
C ALA C 178 -11.89 -20.84 19.73
N THR C 179 -12.73 -20.21 20.56
CA THR C 179 -12.73 -20.55 21.99
C THR C 179 -13.13 -22.00 22.21
N ALA C 180 -14.13 -22.48 21.48
CA ALA C 180 -14.53 -23.87 21.60
C ALA C 180 -13.44 -24.82 21.12
N LEU C 181 -12.71 -24.43 20.08
CA LEU C 181 -11.60 -25.26 19.61
C LEU C 181 -10.51 -25.37 20.68
N PHE C 182 -10.18 -24.26 21.34
CA PHE C 182 -9.19 -24.32 22.41
C PHE C 182 -9.70 -25.13 23.59
N SER C 183 -11.00 -25.03 23.90
CA SER C 183 -11.57 -25.86 24.96
C SER C 183 -11.50 -27.33 24.60
N ALA C 184 -11.76 -27.68 23.34
CA ALA C 184 -11.63 -29.06 22.90
C ALA C 184 -10.20 -29.55 23.03
N ALA C 185 -9.23 -28.71 22.66
CA ALA C 185 -7.83 -29.08 22.83
C ALA C 185 -7.50 -29.34 24.30
N GLU C 186 -7.99 -28.47 25.19
CA GLU C 186 -7.75 -28.69 26.62
C GLU C 186 -8.36 -30.00 27.09
N GLN C 187 -9.59 -30.28 26.67
CA GLN C 187 -10.26 -31.51 27.11
C GLN C 187 -9.54 -32.74 26.57
N MET C 188 -9.07 -32.68 25.33
CA MET C 188 -8.30 -33.79 24.77
C MET C 188 -6.97 -33.98 25.48
N ASP C 189 -6.33 -32.88 25.90
CA ASP C 189 -5.11 -32.99 26.70
C ASP C 189 -5.39 -33.61 28.07
N ILE C 190 -6.57 -33.34 28.64
CA ILE C 190 -6.88 -33.89 29.97
C ILE C 190 -6.96 -35.41 29.92
N ASN C 191 -7.50 -35.96 28.82
CA ASN C 191 -7.68 -37.40 28.69
C ASN C 191 -6.41 -38.15 28.30
N ASN C 192 -5.25 -37.49 28.36
CA ASN C 192 -3.95 -38.12 28.10
C ASN C 192 -3.87 -38.68 26.68
N LEU C 193 -4.50 -37.99 25.73
CA LEU C 193 -4.51 -38.43 24.34
C LEU C 193 -3.18 -38.09 23.68
N PRO C 194 -2.81 -38.82 22.62
CA PRO C 194 -1.61 -38.47 21.87
C PRO C 194 -1.75 -37.12 21.18
N GLU C 195 -0.62 -36.46 20.96
CA GLU C 195 -0.61 -35.09 20.48
C GLU C 195 -0.75 -34.97 18.96
N GLU C 196 -0.78 -36.07 18.23
CA GLU C 196 -0.88 -36.05 16.78
C GLU C 196 -2.23 -36.60 16.33
N ASP C 197 -2.47 -36.49 15.02
CA ASP C 197 -3.66 -37.04 14.38
C ASP C 197 -4.96 -36.52 15.01
N ARG C 198 -4.99 -35.23 15.31
CA ARG C 198 -6.19 -34.58 15.84
C ARG C 198 -6.87 -33.84 14.69
N TYR C 199 -8.14 -34.14 14.48
CA TYR C 199 -8.86 -33.63 13.32
C TYR C 199 -10.17 -32.97 13.75
N CYS C 200 -10.65 -32.04 12.93
CA CYS C 200 -11.92 -31.37 13.14
C CYS C 200 -12.58 -31.15 11.79
N ALA C 201 -13.77 -31.70 11.61
CA ALA C 201 -14.52 -31.57 10.36
C ALA C 201 -15.74 -30.70 10.60
N ILE C 202 -15.87 -29.64 9.81
CA ILE C 202 -16.99 -28.69 9.93
C ILE C 202 -17.54 -28.37 8.55
N ASP C 203 -18.81 -27.97 8.54
CA ASP C 203 -19.47 -27.60 7.30
C ASP C 203 -18.97 -26.24 6.80
N PRO C 204 -19.15 -25.94 5.51
CA PRO C 204 -18.58 -24.71 4.95
C PRO C 204 -19.04 -23.43 5.64
N THR C 205 -20.26 -23.39 6.18
CA THR C 205 -20.73 -22.16 6.82
C THR C 205 -19.87 -21.78 8.01
N ASN C 206 -19.66 -22.71 8.94
CA ASN C 206 -18.82 -22.41 10.10
C ASN C 206 -17.36 -22.27 9.70
N TYR C 207 -16.93 -22.98 8.67
CA TYR C 207 -15.55 -22.85 8.20
C TYR C 207 -15.27 -21.43 7.73
N TYR C 208 -16.16 -20.87 6.90
CA TYR C 208 -15.96 -19.53 6.41
C TYR C 208 -16.32 -18.46 7.44
N LYS C 209 -17.10 -18.80 8.46
CA LYS C 209 -17.26 -17.89 9.59
C LYS C 209 -16.02 -17.88 10.48
N LEU C 210 -15.23 -18.95 10.45
CA LEU C 210 -13.98 -18.99 11.20
C LEU C 210 -12.85 -18.29 10.45
N VAL C 211 -12.81 -18.45 9.13
CA VAL C 211 -11.74 -17.84 8.34
C VAL C 211 -11.77 -16.31 8.46
N GLN C 212 -12.96 -15.73 8.66
CA GLN C 212 -13.08 -14.28 8.74
C GLN C 212 -12.38 -13.72 9.96
N ASN C 213 -12.46 -14.41 11.10
CA ASN C 213 -11.74 -13.98 12.30
C ASN C 213 -10.25 -14.03 12.02
N THR C 214 -9.60 -12.86 12.03
CA THR C 214 -8.22 -12.74 11.56
C THR C 214 -7.18 -13.11 12.61
N THR C 215 -7.60 -13.39 13.85
CA THR C 215 -6.62 -13.77 14.86
C THR C 215 -6.03 -15.14 14.58
N VAL C 216 -6.86 -16.09 14.11
CA VAL C 216 -6.37 -17.41 13.72
C VAL C 216 -5.63 -17.40 12.40
N ILE C 217 -5.61 -16.24 11.73
CA ILE C 217 -4.98 -16.13 10.42
C ILE C 217 -3.69 -15.31 10.49
N ASN C 218 -3.53 -14.46 11.52
CA ASN C 218 -2.40 -13.55 11.62
C ASN C 218 -1.07 -14.28 11.57
N ARG C 219 -0.15 -13.79 10.74
CA ARG C 219 1.18 -14.37 10.65
C ARG C 219 2.05 -14.04 11.85
N ASP C 220 1.70 -12.99 12.61
CA ASP C 220 2.50 -12.61 13.75
C ASP C 220 2.52 -13.70 14.81
N PHE C 221 1.38 -14.34 15.06
CA PHE C 221 1.28 -15.30 16.15
C PHE C 221 1.54 -16.73 15.70
N GLY C 222 0.69 -17.27 14.83
CA GLY C 222 0.87 -18.63 14.37
C GLY C 222 0.72 -18.83 12.88
N GLY C 223 0.13 -17.86 12.19
CA GLY C 223 -0.05 -18.00 10.75
C GLY C 223 -0.86 -19.21 10.38
N ARG C 224 -0.36 -19.97 9.41
CA ARG C 224 -1.02 -21.17 8.87
C ARG C 224 -2.41 -20.83 8.33
N GLY C 225 -2.41 -19.99 7.30
CA GLY C 225 -3.65 -19.65 6.61
C GLY C 225 -3.41 -18.48 5.68
N ALA C 226 -4.50 -18.05 5.04
CA ALA C 226 -4.42 -16.94 4.11
C ALA C 226 -5.81 -16.33 3.93
N TYR C 227 -5.86 -15.03 3.71
CA TYR C 227 -7.11 -14.32 3.51
C TYR C 227 -7.53 -14.28 2.05
N ALA C 228 -6.56 -14.18 1.13
CA ALA C 228 -6.89 -14.19 -0.29
C ALA C 228 -7.39 -15.56 -0.73
N GLU C 229 -6.74 -16.63 -0.26
CA GLU C 229 -7.18 -17.98 -0.58
C GLU C 229 -8.37 -18.43 0.25
N GLY C 230 -8.65 -17.74 1.35
CA GLY C 230 -9.77 -18.10 2.21
C GLY C 230 -9.65 -19.49 2.81
N GLU C 231 -8.47 -19.83 3.30
CA GLU C 231 -8.24 -21.15 3.88
C GLU C 231 -7.55 -21.02 5.22
N VAL C 232 -7.94 -21.89 6.15
CA VAL C 232 -7.26 -22.05 7.43
C VAL C 232 -6.89 -23.52 7.57
N LEU C 233 -5.66 -23.77 8.00
CA LEU C 233 -5.11 -25.12 8.00
C LEU C 233 -5.11 -25.78 9.37
N LYS C 234 -4.66 -25.08 10.41
CA LYS C 234 -4.51 -25.70 11.73
C LYS C 234 -4.76 -24.64 12.78
N VAL C 235 -5.45 -25.03 13.86
CA VAL C 235 -5.77 -24.12 14.97
C VAL C 235 -5.64 -24.90 16.26
N ALA C 236 -4.80 -24.41 17.17
CA ALA C 236 -4.60 -25.02 18.49
C ALA C 236 -4.12 -26.46 18.39
N GLY C 237 -3.38 -26.79 17.33
CA GLY C 237 -2.86 -28.12 17.16
C GLY C 237 -3.83 -29.12 16.57
N ILE C 238 -4.95 -28.67 16.02
CA ILE C 238 -5.98 -29.55 15.48
C ILE C 238 -6.15 -29.25 14.00
N HIS C 239 -6.07 -30.28 13.17
CA HIS C 239 -6.30 -30.11 11.73
C HIS C 239 -7.75 -29.74 11.47
N ILE C 240 -7.96 -28.94 10.43
CA ILE C 240 -9.29 -28.48 10.05
C ILE C 240 -9.57 -28.95 8.64
N VAL C 241 -10.68 -29.67 8.46
CA VAL C 241 -11.09 -30.20 7.17
C VAL C 241 -12.58 -29.90 6.97
N LYS C 242 -12.98 -29.84 5.71
CA LYS C 242 -14.37 -29.58 5.35
C LYS C 242 -15.07 -30.88 4.96
N SER C 243 -16.39 -30.91 5.19
CA SER C 243 -17.18 -32.08 4.85
C SER C 243 -18.62 -31.66 4.62
N ASN C 244 -19.27 -32.30 3.65
CA ASN C 244 -20.67 -32.04 3.32
C ASN C 244 -21.61 -33.13 3.83
N HIS C 245 -21.11 -34.05 4.66
CA HIS C 245 -21.88 -35.21 5.08
C HIS C 245 -21.94 -35.33 6.61
N LEU C 246 -21.95 -34.21 7.31
CA LEU C 246 -22.13 -34.22 8.75
C LEU C 246 -23.60 -34.46 9.10
N PRO C 247 -23.87 -34.99 10.29
CA PRO C 247 -25.27 -35.16 10.73
C PRO C 247 -25.85 -33.84 11.21
N LYS C 248 -26.82 -33.31 10.46
CA LYS C 248 -27.40 -32.02 10.75
C LYS C 248 -28.90 -32.05 10.95
N THR C 249 -29.55 -33.22 10.78
CA THR C 249 -30.98 -33.35 10.95
C THR C 249 -31.28 -34.56 11.83
N ASN C 250 -32.46 -34.57 12.42
CA ASN C 250 -32.88 -35.73 13.20
C ASN C 250 -33.17 -36.90 12.26
N ARG C 251 -32.93 -38.11 12.77
CA ARG C 251 -32.90 -39.30 11.95
C ARG C 251 -33.78 -40.39 12.57
N SER C 252 -34.32 -41.24 11.71
CA SER C 252 -35.19 -42.33 12.13
C SER C 252 -34.62 -43.66 11.68
N ALA C 253 -34.98 -44.71 12.42
CA ALA C 253 -34.49 -46.05 12.11
C ALA C 253 -35.05 -46.55 10.79
N ALA C 254 -34.23 -47.26 10.04
CA ALA C 254 -34.64 -47.86 8.77
C ALA C 254 -34.41 -49.36 8.81
N THR C 255 -35.32 -50.10 8.19
CA THR C 255 -35.22 -51.55 8.18
C THR C 255 -34.00 -51.99 7.39
N GLY C 256 -33.19 -52.86 7.99
CA GLY C 256 -31.94 -53.29 7.40
C GLY C 256 -30.71 -52.78 8.11
N GLU C 257 -30.85 -52.03 9.20
CA GLU C 257 -29.73 -51.50 9.97
C GLU C 257 -29.69 -52.20 11.31
N ASN C 258 -28.57 -52.87 11.60
CA ASN C 258 -28.42 -53.59 12.86
C ASN C 258 -27.70 -52.79 13.92
N ASN C 259 -27.17 -51.62 13.58
CA ASN C 259 -26.55 -50.71 14.53
C ASN C 259 -27.46 -49.50 14.73
N THR C 260 -27.12 -48.69 15.74
CA THR C 260 -27.90 -47.51 16.07
C THR C 260 -27.28 -46.29 15.40
N TYR C 261 -27.97 -45.75 14.40
CA TYR C 261 -27.55 -44.53 13.73
C TYR C 261 -28.49 -43.36 13.97
N HIS C 262 -29.71 -43.61 14.46
CA HIS C 262 -30.72 -42.57 14.58
C HIS C 262 -30.54 -41.80 15.88
N ALA C 263 -30.69 -40.48 15.78
CA ALA C 263 -30.63 -39.57 16.92
C ALA C 263 -31.12 -38.20 16.44
N ASN C 264 -31.10 -37.23 17.35
CA ASN C 264 -31.50 -35.87 17.06
C ASN C 264 -30.23 -35.04 16.84
N TYR C 265 -29.85 -34.88 15.58
CA TYR C 265 -28.63 -34.16 15.22
C TYR C 265 -28.92 -32.71 14.79
N THR C 266 -29.96 -32.11 15.36
CA THR C 266 -30.37 -30.78 14.93
C THR C 266 -29.34 -29.72 15.31
N ASP C 267 -28.77 -29.82 16.51
CA ASP C 267 -27.92 -28.78 17.06
C ASP C 267 -26.44 -29.01 16.81
N ASN C 268 -26.08 -29.94 15.92
CA ASN C 268 -24.69 -30.22 15.64
C ASN C 268 -24.01 -29.04 14.97
N ILE C 269 -22.75 -28.80 15.34
CA ILE C 269 -21.93 -27.74 14.74
C ILE C 269 -20.64 -28.31 14.15
N GLY C 270 -19.96 -29.17 14.90
CA GLY C 270 -18.74 -29.78 14.41
C GLY C 270 -18.31 -30.91 15.32
N LEU C 271 -17.35 -31.69 14.83
CA LEU C 271 -16.85 -32.86 15.55
C LEU C 271 -15.34 -32.81 15.64
N VAL C 272 -14.81 -33.00 16.85
CA VAL C 272 -13.38 -33.17 17.07
C VAL C 272 -13.17 -34.61 17.52
N PHE C 273 -12.37 -35.35 16.75
CA PHE C 273 -12.24 -36.79 16.95
C PHE C 273 -10.81 -37.23 16.69
N ASN C 274 -10.55 -38.49 17.06
CA ASN C 274 -9.28 -39.16 16.82
C ASN C 274 -9.45 -40.19 15.70
N LYS C 275 -8.37 -40.92 15.42
CA LYS C 275 -8.40 -41.98 14.43
C LYS C 275 -8.81 -43.32 15.01
N GLN C 276 -9.08 -43.41 16.31
CA GLN C 276 -9.44 -44.65 16.98
C GLN C 276 -10.78 -44.53 17.69
N ALA C 277 -11.69 -43.73 17.16
CA ALA C 277 -13.01 -43.57 17.77
C ALA C 277 -14.05 -44.52 17.17
N VAL C 278 -13.90 -44.86 15.90
CA VAL C 278 -14.87 -45.68 15.18
C VAL C 278 -14.13 -46.83 14.49
N GLY C 279 -14.86 -47.91 14.23
CA GLY C 279 -14.30 -49.04 13.50
C GLY C 279 -15.36 -49.74 12.71
N THR C 280 -14.98 -50.14 11.50
CA THR C 280 -15.89 -50.83 10.58
C THR C 280 -15.39 -52.24 10.33
N VAL C 281 -16.33 -53.14 10.06
CA VAL C 281 -16.03 -54.55 9.78
C VAL C 281 -16.65 -54.89 8.44
N LYS C 282 -15.83 -55.44 7.54
CA LYS C 282 -16.27 -55.76 6.19
C LYS C 282 -16.41 -57.26 6.03
N LEU C 283 -17.57 -57.71 5.56
CA LEU C 283 -17.80 -59.11 5.22
C LEU C 283 -17.79 -59.36 3.72
N MET C 284 -18.34 -58.46 2.92
CA MET C 284 -18.23 -58.49 1.48
C MET C 284 -17.83 -57.11 0.98
N ASP C 285 -17.19 -57.08 -0.19
CA ASP C 285 -16.66 -55.85 -0.75
C ASP C 285 -17.39 -55.50 -2.05
N LEU C 286 -17.00 -54.37 -2.64
CA LEU C 286 -17.68 -53.87 -3.82
C LEU C 286 -17.54 -54.83 -5.00
N LYS C 287 -18.60 -54.95 -5.78
CA LYS C 287 -18.60 -55.80 -6.96
C LYS C 287 -19.69 -55.33 -7.90
N MET C 288 -19.44 -55.50 -9.20
CA MET C 288 -20.40 -55.15 -10.23
C MET C 288 -20.72 -56.38 -11.07
N GLU C 289 -22.00 -56.60 -11.32
CA GLU C 289 -22.46 -57.73 -12.11
C GLU C 289 -23.44 -57.25 -13.18
N GLN C 290 -23.64 -58.08 -14.19
CA GLN C 290 -24.62 -57.79 -15.23
C GLN C 290 -24.93 -59.08 -15.99
N THR C 291 -26.15 -59.13 -16.54
CA THR C 291 -26.66 -60.30 -17.23
C THR C 291 -26.78 -60.02 -18.72
N GLY C 292 -26.35 -60.97 -19.55
CA GLY C 292 -26.42 -60.78 -20.99
C GLY C 292 -26.77 -62.01 -21.81
N ALA C 293 -27.05 -63.13 -21.16
CA ALA C 293 -27.22 -64.39 -21.88
C ALA C 293 -28.67 -64.77 -22.10
N ASP C 294 -29.46 -64.90 -21.04
CA ASP C 294 -30.85 -65.33 -21.17
C ASP C 294 -31.85 -64.25 -20.80
N ILE C 295 -31.47 -63.26 -19.99
CA ILE C 295 -32.36 -62.15 -19.71
C ILE C 295 -32.63 -61.33 -20.96
N HIS C 296 -31.65 -61.21 -21.85
CA HIS C 296 -31.85 -60.47 -23.09
C HIS C 296 -32.94 -61.10 -23.94
N ALA C 297 -32.99 -62.43 -24.01
CA ALA C 297 -33.98 -63.09 -24.86
C ALA C 297 -35.38 -62.99 -24.27
N LEU C 298 -35.52 -63.26 -22.96
CA LEU C 298 -36.85 -63.32 -22.36
C LEU C 298 -37.54 -61.96 -22.41
N TYR C 299 -36.81 -60.89 -22.13
CA TYR C 299 -37.31 -59.53 -22.33
C TYR C 299 -36.13 -58.64 -22.66
N GLN C 300 -36.19 -58.03 -23.84
CA GLN C 300 -35.03 -57.35 -24.41
C GLN C 300 -34.52 -56.26 -23.47
N GLY C 301 -33.23 -56.34 -23.14
CA GLY C 301 -32.62 -55.34 -22.29
C GLY C 301 -31.41 -55.90 -21.57
N THR C 302 -30.78 -55.02 -20.80
CA THR C 302 -29.60 -55.33 -20.01
C THR C 302 -29.82 -54.82 -18.59
N PHE C 303 -29.24 -55.52 -17.61
CA PHE C 303 -29.50 -55.26 -16.20
C PHE C 303 -28.18 -55.23 -15.44
N MET C 304 -28.01 -54.23 -14.59
CA MET C 304 -26.75 -53.99 -13.89
C MET C 304 -26.99 -53.93 -12.38
N VAL C 305 -25.99 -54.38 -11.61
CA VAL C 305 -26.09 -54.46 -10.15
C VAL C 305 -24.73 -54.15 -9.53
N GLY C 306 -24.76 -53.48 -8.37
CA GLY C 306 -23.59 -53.31 -7.53
C GLY C 306 -23.97 -53.44 -6.07
N SER C 307 -23.13 -54.12 -5.27
CA SER C 307 -23.53 -54.44 -3.91
C SER C 307 -22.31 -54.52 -3.00
N MET C 308 -22.58 -54.44 -1.69
CA MET C 308 -21.55 -54.50 -0.65
C MET C 308 -22.24 -54.74 0.69
N MET C 309 -21.45 -55.17 1.67
CA MET C 309 -21.99 -55.52 2.99
C MET C 309 -20.92 -55.27 4.05
N HIS C 310 -21.28 -54.54 5.09
CA HIS C 310 -20.35 -54.19 6.17
C HIS C 310 -21.15 -53.68 7.37
N GLY C 311 -20.45 -53.16 8.36
CA GLY C 311 -21.07 -52.59 9.55
C GLY C 311 -20.14 -51.57 10.18
N SER C 312 -20.64 -50.92 11.23
CA SER C 312 -19.87 -49.90 11.94
C SER C 312 -20.31 -49.86 13.39
N GLY C 313 -19.44 -49.31 14.24
CA GLY C 313 -19.72 -49.26 15.66
C GLY C 313 -18.77 -48.35 16.39
N VAL C 314 -19.04 -48.18 17.68
CA VAL C 314 -18.29 -47.27 18.54
C VAL C 314 -17.31 -48.08 19.37
N LEU C 315 -16.04 -47.63 19.42
CA LEU C 315 -15.00 -48.32 20.16
C LEU C 315 -14.50 -47.51 21.36
N ARG C 316 -14.04 -46.28 21.13
CA ARG C 316 -13.50 -45.45 22.21
C ARG C 316 -14.28 -44.14 22.29
N PRO C 317 -15.22 -44.01 23.22
CA PRO C 317 -15.98 -42.76 23.33
C PRO C 317 -15.17 -41.58 23.81
N ASP C 318 -14.00 -41.80 24.43
CA ASP C 318 -13.21 -40.70 24.97
C ASP C 318 -12.34 -40.02 23.91
N CYS C 319 -12.35 -40.50 22.68
CA CYS C 319 -11.56 -39.91 21.60
C CYS C 319 -12.39 -38.99 20.71
N ALA C 320 -13.64 -38.73 21.06
CA ALA C 320 -14.52 -37.89 20.26
C ALA C 320 -15.13 -36.80 21.13
N ILE C 321 -15.23 -35.60 20.56
CA ILE C 321 -15.86 -34.45 21.21
C ILE C 321 -16.79 -33.77 20.22
N GLU C 322 -17.95 -33.36 20.68
CA GLU C 322 -18.98 -32.75 19.85
C GLU C 322 -19.20 -31.30 20.28
N LEU C 323 -19.25 -30.40 19.31
CA LEU C 323 -19.53 -28.99 19.54
C LEU C 323 -20.95 -28.68 19.09
N TYR C 324 -21.72 -28.04 19.96
CA TYR C 324 -23.12 -27.73 19.67
C TYR C 324 -23.49 -26.39 20.27
N ALA C 325 -24.54 -25.78 19.72
CA ALA C 325 -25.06 -24.51 20.18
C ALA C 325 -26.43 -24.72 20.82
N ALA C 326 -26.69 -24.01 21.90
CA ALA C 326 -27.94 -24.15 22.64
C ALA C 326 -28.29 -22.80 23.26
N ASN C 327 -29.23 -22.83 24.20
CA ASN C 327 -29.68 -21.63 24.89
C ASN C 327 -29.68 -21.88 26.39
N SER C 328 -29.98 -20.84 27.16
CA SER C 328 -29.98 -20.93 28.61
C SER C 328 -31.10 -21.84 29.10
N ALA D 2 7.31 53.80 -31.30
CA ALA D 2 6.46 53.48 -32.44
C ALA D 2 7.23 53.63 -33.75
N ASN D 3 7.18 54.83 -34.33
CA ASN D 3 7.94 55.18 -35.52
C ASN D 3 7.54 54.38 -36.76
N PHE D 4 6.45 53.62 -36.71
CA PHE D 4 6.03 52.86 -37.87
C PHE D 4 4.51 52.75 -37.90
N THR D 5 3.96 52.60 -39.10
CA THR D 5 2.52 52.48 -39.31
C THR D 5 2.23 51.24 -40.14
N PRO D 6 1.92 50.12 -39.51
CA PRO D 6 1.69 48.88 -40.26
C PRO D 6 0.34 48.88 -40.99
N SER D 7 0.27 48.04 -42.03
CA SER D 7 -0.97 47.87 -42.78
C SER D 7 -1.93 46.89 -42.11
N ARG D 8 -1.39 45.94 -41.34
CA ARG D 8 -2.11 45.00 -40.48
C ARG D 8 -2.82 43.87 -41.24
N LEU D 9 -2.99 44.01 -42.56
CA LEU D 9 -3.32 42.88 -43.44
C LEU D 9 -4.60 42.14 -43.06
N GLY D 10 -5.27 42.56 -41.99
CA GLY D 10 -6.44 41.85 -41.53
C GLY D 10 -7.63 42.75 -41.29
N LEU D 11 -7.37 44.04 -41.12
CA LEU D 11 -8.44 45.02 -41.02
C LEU D 11 -9.12 45.20 -42.37
N VAL D 12 -10.42 45.46 -42.35
CA VAL D 12 -11.17 45.78 -43.55
C VAL D 12 -11.31 47.30 -43.63
N ASN D 13 -10.91 47.86 -44.77
CA ASN D 13 -11.02 49.29 -45.07
C ASN D 13 -10.33 50.17 -44.03
N ASN D 14 -9.40 49.60 -43.26
CA ASN D 14 -8.60 50.36 -42.30
C ASN D 14 -9.46 51.08 -41.26
N THR D 15 -10.58 50.47 -40.87
CA THR D 15 -11.54 51.11 -39.99
C THR D 15 -11.85 50.18 -38.81
N GLY D 16 -11.80 50.74 -37.61
CA GLY D 16 -12.22 50.03 -36.42
C GLY D 16 -11.20 49.01 -35.92
N THR D 17 -11.67 48.17 -35.02
CA THR D 17 -10.89 47.09 -34.46
C THR D 17 -11.27 45.78 -35.15
N GLY D 18 -10.73 44.66 -34.65
CA GLY D 18 -10.95 43.38 -35.29
C GLY D 18 -9.94 43.12 -36.38
N VAL D 19 -8.66 43.08 -35.99
CA VAL D 19 -7.56 42.99 -36.95
C VAL D 19 -7.37 41.59 -37.50
N LYS D 20 -8.22 40.63 -37.13
CA LYS D 20 -8.13 39.25 -37.60
C LYS D 20 -9.43 38.82 -38.27
N ASP D 21 -9.95 39.65 -39.15
CA ASP D 21 -11.21 39.36 -39.83
C ASP D 21 -11.03 38.66 -41.16
N LEU D 22 -9.88 38.85 -41.81
CA LEU D 22 -9.64 38.27 -43.12
C LEU D 22 -8.75 37.03 -43.06
N PHE D 23 -8.49 36.50 -41.87
CA PHE D 23 -7.72 35.28 -41.71
C PHE D 23 -8.65 34.08 -41.54
N LEU D 24 -8.21 32.94 -42.03
CA LEU D 24 -9.00 31.72 -42.02
C LEU D 24 -8.52 30.78 -40.90
N LYS D 25 -9.32 29.73 -40.68
CA LYS D 25 -8.95 28.66 -39.75
C LYS D 25 -8.62 27.40 -40.53
N THR D 26 -7.66 26.63 -40.02
CA THR D 26 -7.10 25.51 -40.75
C THR D 26 -7.33 24.20 -40.01
N PHE D 27 -7.22 23.10 -40.76
CA PHE D 27 -7.33 21.77 -40.19
C PHE D 27 -6.03 21.42 -39.47
N ALA D 28 -6.13 21.04 -38.20
CA ALA D 28 -4.94 20.74 -37.41
C ALA D 28 -4.23 19.50 -37.93
N GLY D 29 -4.97 18.41 -38.10
CA GLY D 29 -4.38 17.19 -38.66
C GLY D 29 -4.70 15.93 -37.88
N GLU D 30 -5.48 16.05 -36.80
CA GLU D 30 -5.76 14.91 -35.93
C GLU D 30 -7.22 14.90 -35.54
N VAL D 31 -7.83 13.71 -35.57
CA VAL D 31 -9.24 13.50 -35.25
C VAL D 31 -9.32 12.80 -33.90
N LEU D 32 -10.23 13.25 -33.05
CA LEU D 32 -10.23 12.83 -31.65
C LEU D 32 -10.88 11.46 -31.45
N SER D 33 -12.15 11.33 -31.82
CA SER D 33 -12.92 10.10 -31.63
C SER D 33 -13.06 9.74 -30.14
N ALA D 34 -13.65 8.59 -29.86
CA ALA D 34 -13.98 8.16 -28.50
C ALA D 34 -13.08 7.00 -28.08
N PHE D 35 -13.23 6.57 -26.83
CA PHE D 35 -12.45 5.48 -26.27
C PHE D 35 -13.17 4.15 -26.44
N ARG D 36 -12.40 3.07 -26.36
CA ARG D 36 -12.90 1.71 -26.50
C ARG D 36 -13.07 1.09 -25.12
N LYS D 37 -14.31 0.75 -24.78
CA LYS D 37 -14.60 0.15 -23.48
C LYS D 37 -14.02 -1.26 -23.39
N ALA D 38 -13.56 -1.62 -22.21
CA ALA D 38 -13.02 -2.95 -21.99
C ALA D 38 -14.13 -3.99 -22.02
N THR D 39 -13.92 -5.05 -22.79
CA THR D 39 -14.88 -6.14 -22.95
C THR D 39 -14.24 -7.42 -22.43
N ILE D 40 -14.75 -7.94 -21.32
CA ILE D 40 -14.16 -9.11 -20.68
C ILE D 40 -15.06 -10.33 -20.72
N PHE D 41 -16.33 -10.19 -21.09
CA PHE D 41 -17.27 -11.30 -21.08
C PHE D 41 -17.16 -12.20 -22.32
N GLU D 42 -16.34 -11.83 -23.31
CA GLU D 42 -16.16 -12.68 -24.47
C GLU D 42 -15.62 -14.05 -24.07
N ASP D 43 -14.59 -14.07 -23.23
CA ASP D 43 -14.15 -15.31 -22.61
C ASP D 43 -14.94 -15.50 -21.32
N LEU D 44 -14.48 -16.41 -20.47
CA LEU D 44 -15.17 -16.77 -19.22
C LEU D 44 -16.58 -17.31 -19.49
N HIS D 45 -16.78 -17.94 -20.64
CA HIS D 45 -18.02 -18.65 -20.92
C HIS D 45 -17.78 -19.57 -22.11
N THR D 46 -18.72 -20.49 -22.31
CA THR D 46 -18.57 -21.57 -23.29
C THR D 46 -18.99 -21.10 -24.68
N VAL D 47 -18.13 -21.35 -25.67
CA VAL D 47 -18.39 -20.99 -27.05
C VAL D 47 -18.38 -22.24 -27.90
N ARG D 48 -19.46 -22.47 -28.65
CA ARG D 48 -19.58 -23.58 -29.56
C ARG D 48 -19.96 -23.05 -30.94
N THR D 49 -19.99 -23.96 -31.92
CA THR D 49 -20.29 -23.60 -33.30
C THR D 49 -20.98 -24.78 -33.98
N ILE D 50 -22.04 -24.48 -34.74
CA ILE D 50 -22.76 -25.47 -35.51
C ILE D 50 -22.81 -25.01 -36.97
N SER D 51 -22.90 -25.99 -37.88
CA SER D 51 -22.88 -25.70 -39.30
C SER D 51 -24.27 -25.58 -39.91
N SER D 52 -25.30 -26.09 -39.23
CA SER D 52 -26.67 -26.00 -39.72
C SER D 52 -27.61 -26.21 -38.55
N GLY D 53 -28.90 -26.02 -38.79
CA GLY D 53 -29.90 -26.23 -37.78
C GLY D 53 -30.34 -24.93 -37.13
N LYS D 54 -31.53 -24.97 -36.52
CA LYS D 54 -32.11 -23.80 -35.90
C LYS D 54 -31.79 -23.67 -34.41
N SER D 55 -31.15 -24.67 -33.81
CA SER D 55 -30.81 -24.62 -32.38
C SER D 55 -29.83 -25.75 -32.09
N ALA D 56 -29.43 -25.85 -30.83
CA ALA D 56 -28.55 -26.91 -30.35
C ALA D 56 -29.06 -27.39 -29.00
N GLN D 57 -28.83 -28.66 -28.71
CA GLN D 57 -29.36 -29.31 -27.51
C GLN D 57 -28.21 -29.85 -26.67
N PHE D 58 -28.28 -29.63 -25.35
CA PHE D 58 -27.29 -30.13 -24.40
C PHE D 58 -27.97 -31.09 -23.43
N PRO D 59 -27.84 -32.40 -23.61
CA PRO D 59 -28.44 -33.33 -22.65
C PRO D 59 -27.75 -33.28 -21.31
N ILE D 60 -28.51 -33.60 -20.25
CA ILE D 60 -28.00 -33.61 -18.89
C ILE D 60 -28.46 -34.89 -18.20
N VAL D 61 -27.58 -35.46 -17.38
CA VAL D 61 -27.77 -36.79 -16.78
C VAL D 61 -27.47 -36.68 -15.30
N GLY D 62 -27.80 -37.73 -14.55
CA GLY D 62 -27.38 -37.85 -13.17
C GLY D 62 -28.47 -38.04 -12.13
N LEU D 63 -28.46 -39.23 -11.53
CA LEU D 63 -29.31 -39.63 -10.42
C LEU D 63 -28.89 -41.04 -10.03
N SER D 64 -29.28 -41.45 -8.82
CA SER D 64 -29.08 -42.81 -8.36
C SER D 64 -29.80 -42.97 -7.04
N SER D 65 -29.78 -44.19 -6.52
CA SER D 65 -30.41 -44.48 -5.24
C SER D 65 -29.76 -45.72 -4.64
N THR D 66 -30.00 -45.91 -3.35
CA THR D 66 -29.43 -47.01 -2.60
C THR D 66 -30.45 -47.52 -1.62
N SER D 67 -30.53 -48.84 -1.46
CA SER D 67 -31.53 -49.46 -0.61
C SER D 67 -31.04 -50.81 -0.13
N TYR D 68 -31.67 -51.31 0.93
CA TYR D 68 -31.37 -52.64 1.42
C TYR D 68 -32.12 -53.70 0.63
N HIS D 69 -31.65 -54.93 0.74
CA HIS D 69 -32.20 -56.06 -0.01
C HIS D 69 -32.67 -57.15 0.95
N SER D 70 -33.82 -57.73 0.65
CA SER D 70 -34.34 -58.88 1.39
C SER D 70 -34.19 -60.13 0.54
N PRO D 71 -33.60 -61.19 1.08
CA PRO D 71 -33.32 -62.38 0.25
C PRO D 71 -34.61 -63.05 -0.20
N GLY D 72 -34.57 -63.59 -1.43
CA GLY D 72 -35.68 -64.27 -2.02
C GLY D 72 -36.48 -63.45 -3.02
N THR D 73 -36.36 -62.13 -2.98
CA THR D 73 -37.10 -61.25 -3.88
C THR D 73 -36.22 -60.82 -5.05
N GLN D 74 -36.87 -60.38 -6.12
CA GLN D 74 -36.20 -60.01 -7.36
C GLN D 74 -36.08 -58.49 -7.44
N LEU D 75 -34.89 -58.02 -7.78
CA LEU D 75 -34.68 -56.60 -8.02
C LEU D 75 -35.31 -56.19 -9.35
N THR D 76 -36.00 -55.06 -9.36
CA THR D 76 -36.65 -54.56 -10.56
C THR D 76 -35.83 -53.47 -11.26
N GLY D 77 -35.53 -52.40 -10.56
CA GLY D 77 -34.73 -51.31 -11.10
C GLY D 77 -35.19 -49.97 -10.55
N ASN D 78 -34.33 -48.97 -10.72
CA ASN D 78 -34.62 -47.59 -10.35
C ASN D 78 -34.27 -46.69 -11.52
N ALA D 79 -35.16 -45.77 -11.85
CA ALA D 79 -35.07 -45.02 -13.11
C ALA D 79 -34.24 -43.76 -12.93
N ILE D 80 -33.29 -43.56 -13.85
CA ILE D 80 -32.49 -42.35 -13.93
C ILE D 80 -32.95 -41.61 -15.18
N LYS D 81 -33.74 -40.55 -15.00
CA LYS D 81 -34.31 -39.83 -16.13
C LYS D 81 -33.57 -38.51 -16.34
N HIS D 82 -33.57 -38.06 -17.58
CA HIS D 82 -32.71 -36.98 -18.06
C HIS D 82 -33.53 -35.72 -18.36
N ALA D 83 -32.85 -34.71 -18.89
CA ALA D 83 -33.45 -33.46 -19.37
C ALA D 83 -32.50 -32.87 -20.41
N GLU D 84 -32.75 -31.63 -20.81
CA GLU D 84 -31.90 -31.02 -21.82
C GLU D 84 -31.97 -29.50 -21.69
N ALA D 85 -31.00 -28.84 -22.32
CA ALA D 85 -30.94 -27.39 -22.43
C ALA D 85 -30.83 -27.02 -23.91
N VAL D 86 -31.63 -26.06 -24.34
CA VAL D 86 -31.72 -25.67 -25.74
C VAL D 86 -31.35 -24.19 -25.85
N ILE D 87 -30.60 -23.85 -26.90
CA ILE D 87 -30.16 -22.49 -27.17
C ILE D 87 -30.65 -22.12 -28.57
N ASN D 88 -31.79 -21.46 -28.66
CA ASN D 88 -32.29 -20.99 -29.94
C ASN D 88 -31.39 -19.89 -30.49
N ILE D 89 -31.32 -19.81 -31.81
CA ILE D 89 -30.47 -18.84 -32.48
C ILE D 89 -31.28 -17.58 -32.77
N ASP D 90 -30.74 -16.43 -32.38
CA ASP D 90 -31.44 -15.16 -32.52
C ASP D 90 -31.42 -14.70 -33.98
N ASP D 91 -31.98 -13.52 -34.21
CA ASP D 91 -31.97 -12.93 -35.55
C ASP D 91 -30.58 -12.35 -35.83
N LYS D 92 -30.46 -11.66 -36.94
CA LYS D 92 -29.17 -11.12 -37.38
C LYS D 92 -29.01 -9.68 -36.90
N LEU D 93 -27.95 -9.43 -36.14
CA LEU D 93 -27.62 -8.08 -35.71
C LEU D 93 -26.92 -7.34 -36.83
N VAL D 94 -27.27 -6.06 -37.02
CA VAL D 94 -26.71 -5.25 -38.08
C VAL D 94 -26.28 -3.90 -37.52
N SER D 95 -25.39 -3.24 -38.26
CA SER D 95 -24.96 -1.88 -37.95
C SER D 95 -24.57 -1.22 -39.26
N ASN D 96 -25.29 -0.16 -39.63
CA ASN D 96 -25.18 0.41 -40.98
C ASN D 96 -25.16 1.94 -40.91
N VAL D 97 -24.73 2.55 -42.01
CA VAL D 97 -24.63 4.00 -42.10
C VAL D 97 -24.61 4.38 -43.57
N PHE D 98 -25.09 5.60 -43.87
CA PHE D 98 -25.12 6.13 -45.21
C PHE D 98 -24.38 7.46 -45.24
N ILE D 99 -23.47 7.61 -46.20
CA ILE D 99 -22.67 8.83 -46.35
C ILE D 99 -22.91 9.38 -47.76
N ALA D 100 -23.42 10.61 -47.83
CA ALA D 100 -23.64 11.24 -49.12
C ALA D 100 -22.31 11.69 -49.73
N ASP D 101 -22.33 11.98 -51.03
CA ASP D 101 -21.13 12.44 -51.72
C ASP D 101 -20.94 13.94 -51.64
N VAL D 102 -22.00 14.70 -51.34
CA VAL D 102 -21.87 16.12 -51.07
C VAL D 102 -20.99 16.35 -49.84
N ASP D 103 -21.29 15.63 -48.76
CA ASP D 103 -20.50 15.75 -47.55
C ASP D 103 -19.07 15.25 -47.76
N GLU D 104 -18.92 14.17 -48.54
CA GLU D 104 -17.59 13.66 -48.85
C GLU D 104 -16.77 14.68 -49.63
N ALA D 105 -17.40 15.39 -50.56
CA ALA D 105 -16.67 16.38 -51.35
C ALA D 105 -16.38 17.64 -50.56
N MET D 106 -17.27 18.03 -49.64
CA MET D 106 -17.08 19.24 -48.85
C MET D 106 -16.24 19.03 -47.60
N ASN D 107 -15.78 17.81 -47.34
CA ASN D 107 -15.05 17.50 -46.12
C ASN D 107 -13.54 17.59 -46.34
N HIS D 108 -12.80 17.70 -45.24
CA HIS D 108 -11.35 17.82 -45.27
C HIS D 108 -10.65 16.63 -44.62
N TYR D 109 -11.36 15.56 -44.31
CA TYR D 109 -10.75 14.33 -43.80
C TYR D 109 -11.63 13.15 -44.18
N ASP D 110 -11.08 11.95 -44.03
CA ASP D 110 -11.76 10.72 -44.43
C ASP D 110 -12.50 10.15 -43.22
N VAL D 111 -13.80 9.95 -43.37
CA VAL D 111 -14.63 9.42 -42.29
C VAL D 111 -14.84 7.92 -42.39
N ARG D 112 -14.47 7.29 -43.50
CA ARG D 112 -14.72 5.87 -43.68
C ARG D 112 -13.76 4.98 -42.88
N SER D 113 -12.72 5.56 -42.29
CA SER D 113 -11.82 4.79 -41.44
C SER D 113 -12.28 4.74 -39.98
N GLN D 114 -13.10 5.69 -39.55
CA GLN D 114 -13.60 5.71 -38.19
C GLN D 114 -14.93 4.99 -38.04
N TYR D 115 -15.75 5.01 -39.09
CA TYR D 115 -17.07 4.38 -39.01
C TYR D 115 -16.95 2.88 -38.82
N SER D 116 -15.98 2.23 -39.48
CA SER D 116 -15.81 0.80 -39.33
C SER D 116 -15.45 0.44 -37.89
N VAL D 117 -14.55 1.21 -37.28
CA VAL D 117 -14.19 0.98 -35.88
C VAL D 117 -15.40 1.16 -34.98
N GLN D 118 -16.19 2.21 -35.23
CA GLN D 118 -17.35 2.44 -34.38
C GLN D 118 -18.37 1.31 -34.49
N MET D 119 -18.60 0.81 -35.71
CA MET D 119 -19.56 -0.28 -35.90
C MET D 119 -19.08 -1.57 -35.24
N GLY D 120 -17.80 -1.91 -35.41
CA GLY D 120 -17.28 -3.10 -34.75
C GLY D 120 -17.37 -3.00 -33.24
N ASN D 121 -17.05 -1.83 -32.68
CA ASN D 121 -17.16 -1.65 -31.25
C ASN D 121 -18.60 -1.78 -30.78
N ALA D 122 -19.56 -1.24 -31.54
CA ALA D 122 -20.96 -1.35 -31.16
C ALA D 122 -21.41 -2.80 -31.11
N LEU D 123 -21.01 -3.60 -32.11
CA LEU D 123 -21.38 -5.00 -32.12
C LEU D 123 -20.78 -5.73 -30.91
N ALA D 124 -19.51 -5.45 -30.60
CA ALA D 124 -18.87 -6.11 -29.45
C ALA D 124 -19.56 -5.74 -28.14
N TYR D 125 -19.93 -4.45 -27.99
CA TYR D 125 -20.59 -4.02 -26.77
C TYR D 125 -21.94 -4.70 -26.61
N THR D 126 -22.70 -4.82 -27.70
CA THR D 126 -23.99 -5.49 -27.63
C THR D 126 -23.82 -6.95 -27.21
N PHE D 127 -22.83 -7.63 -27.78
CA PHE D 127 -22.60 -9.03 -27.40
C PHE D 127 -22.27 -9.15 -25.92
N ASP D 128 -21.40 -8.27 -25.41
CA ASP D 128 -21.03 -8.33 -23.99
C ASP D 128 -22.24 -8.09 -23.09
N GLN D 129 -23.06 -7.09 -23.42
CA GLN D 129 -24.23 -6.82 -22.59
C GLN D 129 -25.18 -8.00 -22.59
N ASN D 130 -25.36 -8.65 -23.74
CA ASN D 130 -26.23 -9.82 -23.80
C ASN D 130 -25.69 -10.96 -22.95
N VAL D 131 -24.38 -11.19 -23.00
CA VAL D 131 -23.78 -12.27 -22.21
C VAL D 131 -23.98 -12.00 -20.71
N ALA D 132 -23.73 -10.76 -20.28
CA ALA D 132 -23.91 -10.44 -18.87
C ALA D 132 -25.36 -10.60 -18.43
N ALA D 133 -26.30 -10.17 -19.28
CA ALA D 133 -27.71 -10.36 -18.97
C ALA D 133 -28.07 -11.83 -18.84
N MET D 134 -27.51 -12.68 -19.72
CA MET D 134 -27.78 -14.10 -19.63
C MET D 134 -27.20 -14.71 -18.36
N ILE D 135 -26.02 -14.25 -17.94
CA ILE D 135 -25.45 -14.75 -16.68
C ILE D 135 -26.35 -14.38 -15.51
N ALA D 136 -26.85 -13.14 -15.50
CA ALA D 136 -27.77 -12.74 -14.43
C ALA D 136 -29.04 -13.60 -14.45
N GLN D 137 -29.58 -13.85 -15.65
CA GLN D 137 -30.79 -14.67 -15.76
C GLN D 137 -30.54 -16.09 -15.26
N ALA D 138 -29.39 -16.66 -15.58
CA ALA D 138 -29.03 -17.96 -15.03
C ALA D 138 -28.96 -17.91 -13.51
N ALA D 139 -28.44 -16.80 -12.97
CA ALA D 139 -28.41 -16.65 -11.51
C ALA D 139 -29.82 -16.62 -10.92
N ARG D 140 -30.79 -16.06 -11.64
CA ARG D 140 -32.14 -15.91 -11.11
C ARG D 140 -33.02 -17.15 -11.30
N THR D 141 -32.52 -18.22 -11.92
CA THR D 141 -33.32 -19.40 -12.18
C THR D 141 -33.42 -20.26 -10.92
N SER D 142 -34.64 -20.44 -10.41
CA SER D 142 -34.85 -21.10 -9.12
C SER D 142 -34.73 -22.61 -9.21
N THR D 143 -35.13 -23.23 -10.32
CA THR D 143 -35.16 -24.68 -10.44
C THR D 143 -34.33 -25.11 -11.63
N ASN D 144 -33.52 -26.16 -11.43
CA ASN D 144 -32.74 -26.72 -12.53
C ASN D 144 -33.66 -27.44 -13.51
N PRO D 145 -33.34 -27.39 -14.81
CA PRO D 145 -34.11 -28.21 -15.77
C PRO D 145 -34.10 -29.69 -15.43
N ASN D 146 -33.00 -30.20 -14.86
CA ASN D 146 -32.98 -31.53 -14.30
C ASN D 146 -33.39 -31.44 -12.83
N THR D 147 -34.41 -32.22 -12.46
CA THR D 147 -35.04 -32.02 -11.15
C THR D 147 -34.08 -32.32 -10.01
N ASP D 148 -33.14 -33.24 -10.21
CA ASP D 148 -32.25 -33.63 -9.13
C ASP D 148 -31.23 -32.55 -8.80
N LEU D 149 -30.61 -31.95 -9.80
CA LEU D 149 -29.51 -31.03 -9.57
C LEU D 149 -30.02 -29.75 -8.92
N PRO D 150 -29.17 -29.03 -8.19
CA PRO D 150 -29.60 -27.79 -7.53
C PRO D 150 -29.59 -26.61 -8.50
N GLY D 151 -30.24 -25.53 -8.07
CA GLY D 151 -30.43 -24.36 -8.88
C GLY D 151 -29.67 -23.15 -8.37
N GLY D 152 -29.96 -22.01 -9.02
CA GLY D 152 -29.28 -20.78 -8.68
C GLY D 152 -29.72 -20.21 -7.35
N THR D 153 -28.89 -19.33 -6.80
CA THR D 153 -29.11 -18.75 -5.49
C THR D 153 -28.66 -17.30 -5.49
N ARG D 154 -29.44 -16.45 -4.83
CA ARG D 154 -29.13 -15.03 -4.69
C ARG D 154 -28.85 -14.71 -3.23
N ILE D 155 -27.93 -13.77 -3.00
CA ILE D 155 -27.52 -13.35 -1.66
C ILE D 155 -27.97 -11.91 -1.46
N LYS D 156 -28.64 -11.65 -0.34
CA LYS D 156 -29.30 -10.38 -0.08
C LYS D 156 -28.55 -9.62 1.00
N ILE D 157 -28.29 -8.33 0.72
CA ILE D 157 -27.64 -7.44 1.68
C ILE D 157 -28.74 -6.59 2.29
N LEU D 158 -29.18 -6.96 3.50
CA LEU D 158 -30.17 -6.17 4.21
C LEU D 158 -29.58 -4.83 4.62
N LYS D 159 -30.37 -3.77 4.47
CA LYS D 159 -29.84 -2.44 4.73
C LYS D 159 -30.57 -1.67 5.81
N SER D 160 -31.90 -1.56 5.74
CA SER D 160 -32.67 -0.77 6.69
C SER D 160 -34.14 -1.14 6.54
N GLY D 161 -35.00 -0.39 7.22
CA GLY D 161 -36.44 -0.53 7.14
C GLY D 161 -37.10 0.33 6.09
N THR D 162 -36.31 0.97 5.22
CA THR D 162 -36.85 1.82 4.17
C THR D 162 -37.58 0.96 3.13
N ALA D 163 -38.41 1.61 2.33
CA ALA D 163 -39.04 0.94 1.20
C ALA D 163 -38.00 0.68 0.10
N ASN D 164 -38.36 -0.19 -0.84
CA ASN D 164 -37.47 -0.56 -1.94
C ASN D 164 -37.05 0.66 -2.74
N THR D 165 -35.78 1.04 -2.65
CA THR D 165 -35.29 2.25 -3.29
C THR D 165 -33.82 2.04 -3.64
N ALA D 166 -33.28 2.97 -4.43
CA ALA D 166 -31.86 2.98 -4.74
C ALA D 166 -31.00 3.50 -3.58
N ALA D 167 -31.64 4.01 -2.53
CA ALA D 167 -30.88 4.41 -1.35
C ALA D 167 -30.19 3.23 -0.68
N ALA D 168 -30.78 2.04 -0.81
CA ALA D 168 -30.13 0.84 -0.29
C ALA D 168 -28.90 0.48 -1.14
N VAL D 169 -28.98 0.70 -2.45
CA VAL D 169 -27.83 0.46 -3.30
C VAL D 169 -26.72 1.46 -3.02
N ALA D 170 -27.09 2.71 -2.73
CA ALA D 170 -26.11 3.76 -2.51
C ALA D 170 -25.47 3.72 -1.13
N ALA D 171 -25.99 2.92 -0.20
CA ALA D 171 -25.48 2.89 1.17
C ALA D 171 -24.56 1.72 1.46
N VAL D 172 -24.27 0.88 0.47
CA VAL D 172 -23.45 -0.31 0.71
C VAL D 172 -22.02 0.09 1.02
N THR D 173 -21.42 -0.57 2.01
CA THR D 173 -20.05 -0.33 2.44
C THR D 173 -19.17 -1.50 2.01
N GLY D 174 -17.86 -1.37 2.27
CA GLY D 174 -16.92 -2.40 1.90
C GLY D 174 -16.99 -3.63 2.78
N THR D 175 -17.35 -3.45 4.06
CA THR D 175 -17.52 -4.60 4.95
C THR D 175 -18.65 -5.51 4.48
N ASP D 176 -19.77 -4.91 4.07
CA ASP D 176 -20.86 -5.70 3.52
C ASP D 176 -20.42 -6.47 2.28
N LEU D 177 -19.61 -5.83 1.43
CA LEU D 177 -19.13 -6.49 0.22
C LEU D 177 -18.22 -7.67 0.56
N ALA D 178 -17.34 -7.51 1.55
CA ALA D 178 -16.46 -8.60 1.93
C ALA D 178 -17.26 -9.77 2.52
N THR D 179 -18.22 -9.46 3.39
CA THR D 179 -19.05 -10.52 3.96
C THR D 179 -19.86 -11.23 2.89
N ALA D 180 -20.39 -10.47 1.93
CA ALA D 180 -21.15 -11.08 0.83
C ALA D 180 -20.26 -11.96 -0.03
N LEU D 181 -19.02 -11.55 -0.27
CA LEU D 181 -18.10 -12.37 -1.03
C LEU D 181 -17.79 -13.68 -0.31
N PHE D 182 -17.61 -13.61 1.01
CA PHE D 182 -17.38 -14.84 1.77
C PHE D 182 -18.59 -15.76 1.75
N SER D 183 -19.80 -15.19 1.86
CA SER D 183 -21.01 -15.99 1.74
C SER D 183 -21.12 -16.63 0.37
N ALA D 184 -20.76 -15.88 -0.68
CA ALA D 184 -20.78 -16.44 -2.03
C ALA D 184 -19.80 -17.60 -2.17
N ALA D 185 -18.61 -17.46 -1.59
CA ALA D 185 -17.63 -18.56 -1.62
C ALA D 185 -18.18 -19.78 -0.89
N GLU D 186 -18.83 -19.57 0.25
CA GLU D 186 -19.45 -20.68 0.96
C GLU D 186 -20.49 -21.38 0.12
N GLN D 187 -21.35 -20.60 -0.55
CA GLN D 187 -22.39 -21.19 -1.39
C GLN D 187 -21.79 -21.96 -2.57
N MET D 188 -20.73 -21.41 -3.18
CA MET D 188 -20.06 -22.13 -4.26
C MET D 188 -19.48 -23.44 -3.77
N ASP D 189 -18.95 -23.46 -2.55
CA ASP D 189 -18.39 -24.70 -2.01
C ASP D 189 -19.47 -25.69 -1.57
N ILE D 190 -20.68 -25.22 -1.30
CA ILE D 190 -21.76 -26.13 -0.92
C ILE D 190 -22.19 -26.97 -2.11
N ASN D 191 -22.23 -26.38 -3.30
CA ASN D 191 -22.67 -27.06 -4.51
C ASN D 191 -21.58 -27.90 -5.17
N ASN D 192 -20.48 -28.17 -4.47
CA ASN D 192 -19.43 -29.07 -4.94
C ASN D 192 -18.83 -28.61 -6.27
N LEU D 193 -18.64 -27.31 -6.42
CA LEU D 193 -17.96 -26.79 -7.59
C LEU D 193 -16.45 -26.95 -7.46
N PRO D 194 -15.73 -27.00 -8.58
CA PRO D 194 -14.26 -27.01 -8.51
C PRO D 194 -13.74 -25.71 -7.93
N GLU D 195 -12.52 -25.79 -7.38
CA GLU D 195 -11.90 -24.66 -6.71
C GLU D 195 -10.99 -23.86 -7.64
N GLU D 196 -11.26 -23.86 -8.94
CA GLU D 196 -10.51 -23.07 -9.91
C GLU D 196 -11.48 -22.33 -10.82
N ASP D 197 -10.99 -21.22 -11.38
CA ASP D 197 -11.73 -20.43 -12.36
C ASP D 197 -13.05 -19.90 -11.81
N ARG D 198 -13.03 -19.43 -10.57
CA ARG D 198 -14.15 -18.69 -10.00
C ARG D 198 -13.91 -17.21 -10.22
N TYR D 199 -14.97 -16.47 -10.50
CA TYR D 199 -14.85 -15.07 -10.88
C TYR D 199 -15.91 -14.23 -10.19
N CYS D 200 -15.67 -12.93 -10.14
CA CYS D 200 -16.62 -11.97 -9.61
C CYS D 200 -16.53 -10.68 -10.41
N ALA D 201 -17.67 -10.21 -10.92
CA ALA D 201 -17.73 -9.01 -11.74
C ALA D 201 -18.42 -7.91 -10.95
N ILE D 202 -17.73 -6.78 -10.77
CA ILE D 202 -18.24 -5.67 -9.98
C ILE D 202 -17.97 -4.36 -10.74
N ASP D 203 -18.70 -3.32 -10.36
CA ASP D 203 -18.62 -2.01 -11.00
C ASP D 203 -17.68 -1.10 -10.22
N PRO D 204 -17.11 -0.08 -10.88
CA PRO D 204 -16.02 0.69 -10.24
C PRO D 204 -16.38 1.31 -8.90
N THR D 205 -17.62 1.76 -8.71
CA THR D 205 -18.00 2.36 -7.43
C THR D 205 -17.83 1.36 -6.29
N ASN D 206 -18.42 0.17 -6.44
CA ASN D 206 -18.27 -0.86 -5.41
C ASN D 206 -16.84 -1.37 -5.33
N TYR D 207 -16.13 -1.43 -6.46
CA TYR D 207 -14.75 -1.89 -6.44
C TYR D 207 -13.89 -0.98 -5.58
N TYR D 208 -14.03 0.33 -5.75
CA TYR D 208 -13.22 1.26 -4.97
C TYR D 208 -13.77 1.47 -3.56
N LYS D 209 -15.03 1.13 -3.31
CA LYS D 209 -15.49 1.04 -1.93
C LYS D 209 -14.88 -0.17 -1.22
N LEU D 210 -14.63 -1.24 -1.97
CA LEU D 210 -14.01 -2.43 -1.41
C LEU D 210 -12.51 -2.25 -1.18
N VAL D 211 -11.82 -1.61 -2.13
CA VAL D 211 -10.36 -1.49 -2.03
C VAL D 211 -9.96 -0.68 -0.81
N GLN D 212 -10.67 0.41 -0.53
CA GLN D 212 -10.32 1.26 0.61
C GLN D 212 -10.46 0.54 1.94
N ASN D 213 -11.16 -0.58 1.98
CA ASN D 213 -11.18 -1.41 3.19
C ASN D 213 -9.82 -2.09 3.34
N THR D 214 -9.04 -1.65 4.32
CA THR D 214 -7.63 -2.01 4.41
C THR D 214 -7.40 -3.46 4.77
N THR D 215 -8.42 -4.17 5.27
CA THR D 215 -8.22 -5.56 5.70
C THR D 215 -7.91 -6.46 4.51
N VAL D 216 -8.56 -6.25 3.37
CA VAL D 216 -8.40 -7.13 2.23
C VAL D 216 -7.04 -7.02 1.57
N ILE D 217 -6.29 -5.95 1.81
CA ILE D 217 -4.97 -5.75 1.22
C ILE D 217 -3.85 -5.90 2.24
N ASN D 218 -4.18 -6.21 3.49
CA ASN D 218 -3.16 -6.38 4.52
C ASN D 218 -2.31 -7.59 4.22
N ARG D 219 -1.01 -7.37 3.95
CA ARG D 219 -0.11 -8.50 3.73
C ARG D 219 0.07 -9.34 4.98
N ASP D 220 -0.30 -8.81 6.14
CA ASP D 220 -0.11 -9.54 7.39
C ASP D 220 -1.04 -10.74 7.47
N PHE D 221 -2.24 -10.65 6.91
CA PHE D 221 -3.16 -11.77 6.90
C PHE D 221 -3.08 -12.58 5.60
N GLY D 222 -3.47 -11.98 4.47
CA GLY D 222 -3.43 -12.69 3.21
C GLY D 222 -2.90 -11.90 2.04
N GLY D 223 -2.77 -10.59 2.20
CA GLY D 223 -2.23 -9.75 1.15
C GLY D 223 -3.08 -9.77 -0.11
N ARG D 224 -2.40 -9.92 -1.25
CA ARG D 224 -3.02 -9.89 -2.57
C ARG D 224 -3.73 -8.55 -2.81
N GLY D 225 -2.94 -7.49 -2.81
CA GLY D 225 -3.44 -6.16 -3.10
C GLY D 225 -2.31 -5.16 -3.02
N ALA D 226 -2.65 -3.90 -3.30
CA ALA D 226 -1.66 -2.83 -3.32
C ALA D 226 -2.37 -1.49 -3.16
N TYR D 227 -2.06 -0.79 -2.06
CA TYR D 227 -2.61 0.56 -1.88
C TYR D 227 -2.08 1.52 -2.93
N ALA D 228 -0.80 1.39 -3.28
CA ALA D 228 -0.20 2.30 -4.25
C ALA D 228 -0.80 2.10 -5.64
N GLU D 229 -0.89 0.85 -6.08
CA GLU D 229 -1.48 0.56 -7.38
C GLU D 229 -2.99 0.64 -7.38
N GLY D 230 -3.62 0.73 -6.21
CA GLY D 230 -5.06 0.88 -6.10
C GLY D 230 -5.84 -0.31 -6.64
N GLU D 231 -5.44 -1.51 -6.28
CA GLU D 231 -6.07 -2.71 -6.81
C GLU D 231 -6.22 -3.76 -5.72
N VAL D 232 -7.24 -4.60 -5.88
CA VAL D 232 -7.38 -5.85 -5.16
C VAL D 232 -7.52 -6.95 -6.19
N LEU D 233 -6.97 -8.12 -5.88
CA LEU D 233 -6.85 -9.18 -6.88
C LEU D 233 -7.60 -10.45 -6.53
N LYS D 234 -7.84 -10.74 -5.25
CA LYS D 234 -8.43 -12.02 -4.88
C LYS D 234 -8.93 -11.94 -3.45
N VAL D 235 -10.19 -12.33 -3.25
CA VAL D 235 -10.80 -12.39 -1.92
C VAL D 235 -11.51 -13.73 -1.81
N ALA D 236 -11.19 -14.48 -0.76
CA ALA D 236 -11.80 -15.79 -0.50
C ALA D 236 -11.64 -16.75 -1.68
N GLY D 237 -10.57 -16.60 -2.45
CA GLY D 237 -10.32 -17.47 -3.58
C GLY D 237 -11.12 -17.16 -4.82
N ILE D 238 -11.60 -15.93 -4.97
CA ILE D 238 -12.43 -15.54 -6.11
C ILE D 238 -11.75 -14.35 -6.80
N HIS D 239 -11.41 -14.54 -8.08
CA HIS D 239 -10.83 -13.45 -8.86
C HIS D 239 -11.83 -12.30 -9.00
N ILE D 240 -11.32 -11.07 -8.89
CA ILE D 240 -12.16 -9.88 -8.90
C ILE D 240 -11.78 -9.03 -10.11
N VAL D 241 -12.78 -8.67 -10.91
CA VAL D 241 -12.60 -7.89 -12.12
C VAL D 241 -13.63 -6.76 -12.16
N LYS D 242 -13.35 -5.76 -12.99
CA LYS D 242 -14.24 -4.62 -13.17
C LYS D 242 -14.84 -4.64 -14.56
N SER D 243 -16.09 -4.17 -14.66
CA SER D 243 -16.78 -4.09 -15.93
C SER D 243 -17.84 -3.02 -15.87
N ASN D 244 -18.02 -2.29 -16.98
CA ASN D 244 -19.04 -1.25 -17.08
C ASN D 244 -20.31 -1.73 -17.75
N HIS D 245 -20.42 -3.02 -18.06
CA HIS D 245 -21.54 -3.56 -18.82
C HIS D 245 -22.40 -4.51 -18.00
N LEU D 246 -22.49 -4.29 -16.69
CA LEU D 246 -23.36 -5.10 -15.85
C LEU D 246 -24.82 -4.71 -16.07
N PRO D 247 -25.76 -5.62 -15.80
CA PRO D 247 -27.19 -5.27 -15.90
C PRO D 247 -27.64 -4.45 -14.70
N LYS D 248 -27.99 -3.19 -14.96
CA LYS D 248 -28.31 -2.25 -13.89
C LYS D 248 -29.64 -1.53 -14.10
N THR D 249 -30.39 -1.87 -15.14
CA THR D 249 -31.68 -1.25 -15.43
C THR D 249 -32.74 -2.33 -15.54
N ASN D 250 -33.97 -1.93 -15.81
CA ASN D 250 -35.00 -2.88 -16.19
C ASN D 250 -35.04 -3.00 -17.71
N ARG D 251 -35.33 -4.19 -18.19
CA ARG D 251 -35.20 -4.50 -19.61
C ARG D 251 -36.52 -5.02 -20.15
N SER D 252 -36.82 -4.64 -21.38
CA SER D 252 -38.05 -5.03 -22.06
C SER D 252 -37.72 -5.90 -23.27
N ALA D 253 -38.67 -6.74 -23.64
CA ALA D 253 -38.48 -7.64 -24.77
C ALA D 253 -38.40 -6.85 -26.07
N ALA D 254 -37.50 -7.27 -26.95
CA ALA D 254 -37.29 -6.64 -28.25
C ALA D 254 -37.50 -7.66 -29.36
N THR D 255 -37.85 -7.16 -30.53
CA THR D 255 -38.03 -8.03 -31.69
C THR D 255 -36.71 -8.65 -32.10
N GLY D 256 -36.76 -9.90 -32.54
CA GLY D 256 -35.57 -10.61 -32.97
C GLY D 256 -34.82 -11.35 -31.90
N GLU D 257 -35.33 -11.39 -30.67
CA GLU D 257 -34.68 -12.10 -29.57
C GLU D 257 -35.46 -13.38 -29.30
N ASN D 258 -34.83 -14.52 -29.60
CA ASN D 258 -35.44 -15.82 -29.37
C ASN D 258 -35.09 -16.41 -28.00
N ASN D 259 -34.33 -15.69 -27.20
CA ASN D 259 -34.05 -16.07 -25.82
C ASN D 259 -34.53 -14.96 -24.89
N THR D 260 -34.76 -15.32 -23.63
CA THR D 260 -35.32 -14.39 -22.65
C THR D 260 -34.19 -13.61 -22.00
N TYR D 261 -34.04 -12.35 -22.40
CA TYR D 261 -33.04 -11.45 -21.82
C TYR D 261 -33.64 -10.42 -20.86
N HIS D 262 -34.96 -10.31 -20.81
CA HIS D 262 -35.61 -9.20 -20.12
C HIS D 262 -35.98 -9.57 -18.69
N ALA D 263 -35.72 -8.65 -17.78
CA ALA D 263 -36.06 -8.77 -16.36
C ALA D 263 -35.91 -7.39 -15.74
N ASN D 264 -35.97 -7.33 -14.41
CA ASN D 264 -35.79 -6.08 -13.68
C ASN D 264 -34.52 -6.19 -12.84
N TYR D 265 -33.46 -5.53 -13.28
CA TYR D 265 -32.14 -5.60 -12.65
C TYR D 265 -31.82 -4.34 -11.85
N THR D 266 -32.82 -3.79 -11.17
CA THR D 266 -32.64 -2.48 -10.54
C THR D 266 -31.74 -2.55 -9.30
N ASP D 267 -31.74 -3.69 -8.60
CA ASP D 267 -31.01 -3.82 -7.34
C ASP D 267 -29.75 -4.67 -7.47
N ASN D 268 -29.20 -4.79 -8.68
CA ASN D 268 -28.00 -5.60 -8.87
C ASN D 268 -26.78 -4.89 -8.29
N ILE D 269 -25.85 -5.70 -7.78
CA ILE D 269 -24.57 -5.22 -7.27
C ILE D 269 -23.40 -5.88 -7.98
N GLY D 270 -23.43 -7.20 -8.12
CA GLY D 270 -22.36 -7.92 -8.78
C GLY D 270 -22.75 -9.36 -9.02
N LEU D 271 -21.92 -10.04 -9.81
CA LEU D 271 -22.15 -11.43 -10.19
C LEU D 271 -20.96 -12.27 -9.77
N VAL D 272 -21.25 -13.45 -9.22
CA VAL D 272 -20.24 -14.47 -8.92
C VAL D 272 -20.63 -15.71 -9.70
N PHE D 273 -19.78 -16.11 -10.65
CA PHE D 273 -20.15 -17.12 -11.63
C PHE D 273 -18.96 -18.02 -11.90
N ASN D 274 -19.11 -18.87 -12.92
CA ASN D 274 -18.10 -19.82 -13.33
C ASN D 274 -18.01 -19.80 -14.85
N LYS D 275 -17.11 -20.61 -15.42
CA LYS D 275 -16.96 -20.68 -16.86
C LYS D 275 -17.99 -21.57 -17.53
N GLN D 276 -18.74 -22.37 -16.77
CA GLN D 276 -19.69 -23.32 -17.32
C GLN D 276 -21.14 -22.90 -17.09
N ALA D 277 -21.38 -21.67 -16.64
CA ALA D 277 -22.74 -21.26 -16.31
C ALA D 277 -23.56 -20.93 -17.55
N VAL D 278 -22.93 -20.36 -18.58
CA VAL D 278 -23.64 -19.85 -19.75
C VAL D 278 -22.84 -20.20 -21.00
N GLY D 279 -23.54 -20.62 -22.06
CA GLY D 279 -22.91 -20.95 -23.31
C GLY D 279 -23.52 -20.17 -24.45
N THR D 280 -22.76 -20.08 -25.54
CA THR D 280 -23.20 -19.37 -26.74
C THR D 280 -22.96 -20.25 -27.96
N VAL D 281 -23.76 -20.02 -29.00
CA VAL D 281 -23.68 -20.77 -30.25
C VAL D 281 -23.56 -19.78 -31.39
N LYS D 282 -22.61 -20.01 -32.29
CA LYS D 282 -22.36 -19.14 -33.42
C LYS D 282 -22.71 -19.86 -34.72
N LEU D 283 -23.35 -19.14 -35.63
CA LEU D 283 -23.72 -19.66 -36.94
C LEU D 283 -23.06 -18.91 -38.09
N MET D 284 -23.09 -17.58 -38.06
CA MET D 284 -22.40 -16.75 -39.03
C MET D 284 -21.48 -15.78 -38.31
N ASP D 285 -20.26 -15.63 -38.83
CA ASP D 285 -19.26 -14.78 -38.21
C ASP D 285 -19.44 -13.33 -38.66
N LEU D 286 -18.55 -12.46 -38.18
CA LEU D 286 -18.61 -11.05 -38.53
C LEU D 286 -18.31 -10.85 -40.02
N LYS D 287 -18.81 -9.75 -40.56
CA LYS D 287 -18.67 -9.46 -41.98
C LYS D 287 -18.87 -7.97 -42.21
N MET D 288 -17.99 -7.38 -43.01
CA MET D 288 -18.07 -5.97 -43.36
C MET D 288 -18.23 -5.84 -44.87
N GLU D 289 -19.24 -5.08 -45.30
CA GLU D 289 -19.58 -4.93 -46.71
C GLU D 289 -19.82 -3.47 -47.04
N GLN D 290 -19.62 -3.12 -48.31
CA GLN D 290 -19.74 -1.74 -48.77
C GLN D 290 -20.15 -1.73 -50.23
N THR D 291 -21.12 -0.89 -50.57
CA THR D 291 -21.72 -0.85 -51.89
C THR D 291 -21.36 0.45 -52.61
N GLY D 292 -20.78 0.33 -53.80
CA GLY D 292 -20.45 1.51 -54.57
C GLY D 292 -20.58 1.40 -56.07
N ALA D 293 -21.13 0.30 -56.59
CA ALA D 293 -21.13 0.09 -58.04
C ALA D 293 -22.26 0.84 -58.72
N ASP D 294 -23.51 0.47 -58.43
CA ASP D 294 -24.67 1.12 -59.02
C ASP D 294 -25.50 1.89 -58.00
N ILE D 295 -25.31 1.63 -56.70
CA ILE D 295 -26.01 2.40 -55.69
C ILE D 295 -25.57 3.86 -55.74
N HIS D 296 -24.37 4.11 -56.25
CA HIS D 296 -23.84 5.47 -56.29
C HIS D 296 -24.67 6.36 -57.23
N ALA D 297 -25.10 5.83 -58.36
CA ALA D 297 -25.82 6.65 -59.32
C ALA D 297 -27.27 6.89 -58.90
N LEU D 298 -27.94 5.85 -58.40
CA LEU D 298 -29.33 6.01 -57.98
C LEU D 298 -29.43 6.93 -56.76
N TYR D 299 -28.71 6.58 -55.69
CA TYR D 299 -28.55 7.44 -54.52
C TYR D 299 -27.11 7.96 -54.54
N GLN D 300 -26.95 9.27 -54.67
CA GLN D 300 -25.59 9.80 -54.75
C GLN D 300 -24.90 9.68 -53.40
N GLY D 301 -24.37 8.50 -53.09
CA GLY D 301 -23.75 8.26 -51.81
C GLY D 301 -23.21 6.85 -51.73
N THR D 302 -22.82 6.46 -50.51
CA THR D 302 -22.23 5.17 -50.24
C THR D 302 -22.89 4.56 -49.00
N PHE D 303 -22.86 3.23 -48.92
CA PHE D 303 -23.53 2.50 -47.85
C PHE D 303 -22.60 1.43 -47.30
N MET D 304 -22.52 1.31 -45.97
CA MET D 304 -21.65 0.36 -45.30
C MET D 304 -22.45 -0.43 -44.28
N VAL D 305 -22.15 -1.74 -44.17
CA VAL D 305 -22.88 -2.64 -43.29
C VAL D 305 -21.88 -3.42 -42.45
N GLY D 306 -22.41 -4.02 -41.37
CA GLY D 306 -21.68 -4.97 -40.55
C GLY D 306 -22.66 -5.84 -39.80
N SER D 307 -22.50 -7.17 -39.85
CA SER D 307 -23.54 -8.05 -39.34
C SER D 307 -22.96 -9.37 -38.86
N MET D 308 -23.68 -10.02 -37.95
CA MET D 308 -23.29 -11.31 -37.42
C MET D 308 -24.51 -11.96 -36.77
N MET D 309 -24.45 -13.28 -36.62
CA MET D 309 -25.57 -14.08 -36.14
C MET D 309 -25.09 -15.06 -35.09
N HIS D 310 -25.83 -15.19 -33.99
CA HIS D 310 -25.47 -16.09 -32.90
C HIS D 310 -26.65 -16.18 -31.93
N GLY D 311 -26.47 -16.95 -30.87
CA GLY D 311 -27.46 -17.04 -29.81
C GLY D 311 -26.81 -17.49 -28.52
N SER D 312 -27.42 -17.12 -27.40
CA SER D 312 -26.90 -17.43 -26.07
C SER D 312 -28.01 -17.98 -25.19
N GLY D 313 -27.61 -18.74 -24.17
CA GLY D 313 -28.58 -19.37 -23.30
C GLY D 313 -27.95 -19.86 -22.01
N VAL D 314 -28.81 -20.40 -21.14
CA VAL D 314 -28.45 -20.83 -19.80
C VAL D 314 -28.21 -22.33 -19.80
N LEU D 315 -27.07 -22.75 -19.27
CA LEU D 315 -26.72 -24.18 -19.22
C LEU D 315 -26.84 -24.74 -17.81
N ARG D 316 -26.13 -24.17 -16.84
CA ARG D 316 -26.13 -24.69 -15.47
C ARG D 316 -26.49 -23.57 -14.50
N PRO D 317 -27.73 -23.55 -14.00
CA PRO D 317 -28.10 -22.51 -13.02
C PRO D 317 -27.33 -22.58 -11.72
N ASP D 318 -26.74 -23.73 -11.38
CA ASP D 318 -26.09 -23.88 -10.08
C ASP D 318 -24.70 -23.29 -10.03
N CYS D 319 -24.16 -22.80 -11.14
CA CYS D 319 -22.82 -22.23 -11.18
C CYS D 319 -22.84 -20.70 -11.25
N ALA D 320 -23.96 -20.08 -10.88
CA ALA D 320 -24.08 -18.63 -10.92
C ALA D 320 -24.74 -18.13 -9.64
N ILE D 321 -24.29 -16.97 -9.17
CA ILE D 321 -24.79 -16.36 -7.95
C ILE D 321 -25.00 -14.86 -8.19
N GLU D 322 -26.07 -14.31 -7.64
CA GLU D 322 -26.38 -12.89 -7.74
C GLU D 322 -26.29 -12.25 -6.36
N LEU D 323 -25.63 -11.10 -6.28
CA LEU D 323 -25.61 -10.27 -5.09
C LEU D 323 -26.48 -9.05 -5.33
N TYR D 324 -27.45 -8.83 -4.45
CA TYR D 324 -28.35 -7.70 -4.58
C TYR D 324 -28.60 -7.07 -3.22
N ALA D 325 -28.92 -5.79 -3.23
CA ALA D 325 -29.17 -5.02 -2.02
C ALA D 325 -30.62 -4.60 -1.98
N ALA D 326 -31.31 -4.95 -0.90
CA ALA D 326 -32.71 -4.58 -0.72
C ALA D 326 -32.99 -4.48 0.77
N ASN D 327 -34.24 -4.24 1.12
CA ASN D 327 -34.68 -4.09 2.49
C ASN D 327 -35.61 -5.26 2.86
N SER D 328 -36.13 -5.20 4.08
CA SER D 328 -36.99 -6.26 4.58
C SER D 328 -38.30 -6.34 3.81
N ALA E 2 -3.19 -63.20 59.53
CA ALA E 2 -2.21 -62.84 60.54
C ALA E 2 -1.13 -63.91 60.67
N ASN E 3 -1.19 -64.68 61.75
CA ASN E 3 -0.27 -65.78 62.01
C ASN E 3 1.18 -65.30 62.09
N PHE E 4 1.38 -64.06 62.55
CA PHE E 4 2.72 -63.51 62.69
C PHE E 4 2.68 -62.36 63.69
N THR E 5 3.63 -62.35 64.61
CA THR E 5 3.72 -61.33 65.65
C THR E 5 5.15 -60.79 65.69
N PRO E 6 5.51 -59.90 64.76
CA PRO E 6 6.86 -59.34 64.77
C PRO E 6 7.06 -58.42 65.96
N SER E 7 8.32 -58.37 66.43
CA SER E 7 8.68 -57.50 67.54
C SER E 7 8.97 -56.08 67.11
N ARG E 8 9.12 -55.83 65.81
CA ARG E 8 9.31 -54.51 65.21
C ARG E 8 10.70 -53.95 65.50
N LEU E 9 11.46 -54.63 66.36
CA LEU E 9 12.87 -54.32 66.61
C LEU E 9 13.10 -52.93 67.19
N GLY E 10 12.02 -52.20 67.48
CA GLY E 10 12.17 -50.83 67.94
C GLY E 10 11.37 -50.49 69.19
N LEU E 11 10.44 -51.37 69.57
CA LEU E 11 9.60 -51.11 70.72
C LEU E 11 10.35 -51.40 72.01
N VAL E 12 10.13 -50.54 73.01
CA VAL E 12 10.72 -50.71 74.34
C VAL E 12 9.68 -51.32 75.26
N ASN E 13 10.05 -52.42 75.91
CA ASN E 13 9.19 -53.17 76.83
C ASN E 13 7.92 -53.69 76.17
N ASN E 14 7.82 -53.61 74.85
CA ASN E 14 6.66 -54.08 74.09
C ASN E 14 5.37 -53.44 74.62
N THR E 15 5.44 -52.15 74.94
CA THR E 15 4.30 -51.42 75.49
C THR E 15 4.10 -50.14 74.69
N GLY E 16 2.85 -49.90 74.27
CA GLY E 16 2.53 -48.67 73.58
C GLY E 16 3.08 -48.61 72.17
N THR E 17 3.16 -47.39 71.66
CA THR E 17 3.65 -47.11 70.32
C THR E 17 5.10 -46.62 70.39
N GLY E 18 5.64 -46.20 69.26
CA GLY E 18 7.02 -45.75 69.19
C GLY E 18 7.97 -46.85 68.75
N VAL E 19 7.70 -47.43 67.58
CA VAL E 19 8.51 -48.52 67.04
C VAL E 19 9.80 -47.98 66.44
N LYS E 20 9.95 -46.66 66.43
CA LYS E 20 11.12 -46.01 65.86
C LYS E 20 11.87 -45.17 66.91
N ASP E 21 11.73 -45.53 68.18
CA ASP E 21 12.38 -44.78 69.24
C ASP E 21 13.87 -45.07 69.35
N LEU E 22 14.30 -46.28 68.96
CA LEU E 22 15.69 -46.71 69.12
C LEU E 22 16.46 -46.70 67.80
N PHE E 23 16.20 -45.70 66.95
CA PHE E 23 16.85 -45.62 65.65
C PHE E 23 17.50 -44.25 65.49
N LEU E 24 18.56 -44.21 64.68
CA LEU E 24 19.33 -42.99 64.45
C LEU E 24 19.43 -42.71 62.96
N LYS E 25 19.69 -41.45 62.63
CA LYS E 25 19.76 -40.98 61.26
C LYS E 25 21.17 -41.12 60.70
N THR E 26 21.27 -41.01 59.37
CA THR E 26 22.51 -41.22 58.64
C THR E 26 22.98 -39.92 58.01
N PHE E 27 24.21 -39.95 57.50
CA PHE E 27 24.82 -38.83 56.81
C PHE E 27 24.83 -39.12 55.32
N ALA E 28 24.09 -38.32 54.54
CA ALA E 28 23.97 -38.58 53.11
C ALA E 28 25.31 -38.44 52.40
N GLY E 29 26.10 -37.44 52.77
CA GLY E 29 27.40 -37.26 52.17
C GLY E 29 27.53 -36.05 51.27
N GLU E 30 26.84 -34.96 51.61
CA GLU E 30 26.94 -33.73 50.85
C GLU E 30 26.54 -32.56 51.74
N VAL E 31 27.35 -31.51 51.70
CA VAL E 31 27.09 -30.28 52.44
C VAL E 31 26.57 -29.23 51.46
N LEU E 32 25.51 -28.53 51.86
CA LEU E 32 24.76 -27.70 50.92
C LEU E 32 25.39 -26.34 50.72
N SER E 33 25.74 -25.66 51.82
CA SER E 33 26.33 -24.32 51.78
C SER E 33 25.36 -23.31 51.17
N ALA E 34 25.90 -22.22 50.63
CA ALA E 34 25.10 -21.11 50.11
C ALA E 34 25.61 -20.70 48.74
N PHE E 35 24.84 -19.84 48.07
CA PHE E 35 25.18 -19.34 46.74
C PHE E 35 26.15 -18.18 46.82
N ARG E 36 26.68 -17.80 45.66
CA ARG E 36 27.64 -16.71 45.55
C ARG E 36 27.02 -15.59 44.74
N LYS E 37 27.07 -14.37 45.29
CA LYS E 37 26.49 -13.22 44.62
C LYS E 37 27.32 -12.83 43.40
N ALA E 38 26.72 -11.99 42.56
CA ALA E 38 27.42 -11.48 41.38
C ALA E 38 28.18 -10.21 41.74
N THR E 39 29.47 -10.19 41.40
CA THR E 39 30.33 -9.04 41.65
C THR E 39 30.76 -8.45 40.31
N ILE E 40 30.12 -7.36 39.92
CA ILE E 40 30.38 -6.74 38.62
C ILE E 40 31.25 -5.49 38.72
N PHE E 41 31.40 -4.91 39.91
CA PHE E 41 32.16 -3.68 40.08
C PHE E 41 33.64 -3.92 40.33
N GLU E 42 34.10 -5.18 40.36
CA GLU E 42 35.53 -5.44 40.46
C GLU E 42 36.27 -4.84 39.28
N ASP E 43 35.82 -5.16 38.07
CA ASP E 43 36.22 -4.45 36.87
C ASP E 43 35.38 -3.18 36.75
N LEU E 44 35.37 -2.55 35.57
CA LEU E 44 34.68 -1.29 35.30
C LEU E 44 35.31 -0.11 36.01
N HIS E 45 36.48 -0.30 36.62
CA HIS E 45 37.28 0.80 37.15
C HIS E 45 38.72 0.34 37.23
N THR E 46 39.64 1.29 37.29
CA THR E 46 41.05 0.99 37.20
C THR E 46 41.66 0.83 38.59
N VAL E 47 42.51 -0.18 38.73
CA VAL E 47 43.19 -0.49 39.98
C VAL E 47 44.68 -0.21 39.81
N ARG E 48 45.21 0.67 40.65
CA ARG E 48 46.63 0.99 40.69
C ARG E 48 47.24 0.45 41.98
N THR E 49 48.57 0.50 42.04
CA THR E 49 49.30 0.06 43.22
C THR E 49 50.50 0.96 43.46
N ILE E 50 50.77 1.23 44.74
CA ILE E 50 51.92 2.01 45.15
C ILE E 50 52.67 1.24 46.23
N SER E 51 53.97 1.53 46.35
CA SER E 51 54.82 0.82 47.29
C SER E 51 54.87 1.48 48.66
N SER E 52 54.93 2.82 48.70
CA SER E 52 55.01 3.54 49.97
C SER E 52 54.19 4.81 49.85
N GLY E 53 53.97 5.45 50.98
CA GLY E 53 53.24 6.70 51.02
C GLY E 53 51.84 6.53 51.58
N LYS E 54 51.25 7.65 51.98
CA LYS E 54 49.92 7.66 52.57
C LYS E 54 48.81 7.95 51.56
N SER E 55 49.14 8.55 50.40
CA SER E 55 48.13 8.89 49.42
C SER E 55 48.81 9.03 48.06
N ALA E 56 47.99 9.09 47.01
CA ALA E 56 48.45 9.26 45.64
C ALA E 56 47.78 10.48 45.03
N GLN E 57 48.51 11.15 44.13
CA GLN E 57 48.05 12.40 43.53
C GLN E 57 47.95 12.26 42.02
N PHE E 58 46.86 12.76 41.46
CA PHE E 58 46.60 12.73 40.02
C PHE E 58 46.46 14.15 39.50
N PRO E 59 47.49 14.72 38.88
CA PRO E 59 47.39 16.11 38.41
C PRO E 59 46.48 16.25 37.21
N ILE E 60 45.67 17.30 37.22
CA ILE E 60 44.74 17.62 36.15
C ILE E 60 45.18 18.91 35.48
N VAL E 61 45.05 18.97 34.16
CA VAL E 61 45.61 20.05 33.34
C VAL E 61 44.53 20.55 32.37
N GLY E 62 44.74 21.76 31.86
CA GLY E 62 44.06 22.21 30.67
C GLY E 62 43.20 23.47 30.73
N LEU E 63 43.75 24.54 30.16
CA LEU E 63 43.03 25.74 29.70
C LEU E 63 43.73 26.23 28.45
N SER E 64 42.99 27.02 27.66
CA SER E 64 43.58 27.71 26.51
C SER E 64 42.60 28.78 26.06
N SER E 65 43.13 29.74 25.31
CA SER E 65 42.32 30.86 24.86
C SER E 65 42.93 31.41 23.57
N THR E 66 42.20 32.33 22.96
CA THR E 66 42.62 32.97 21.71
C THR E 66 42.31 34.46 21.79
N SER E 67 43.03 35.23 20.97
CA SER E 67 42.85 36.67 20.93
C SER E 67 43.43 37.19 19.62
N TYR E 68 43.38 38.51 19.44
CA TYR E 68 43.90 39.15 18.24
C TYR E 68 45.13 39.98 18.57
N HIS E 69 45.91 40.28 17.52
CA HIS E 69 47.19 40.94 17.67
C HIS E 69 47.18 42.27 16.90
N SER E 70 47.68 43.32 17.55
CA SER E 70 47.85 44.62 16.92
C SER E 70 49.29 44.77 16.47
N PRO E 71 49.55 45.05 15.19
CA PRO E 71 50.92 44.98 14.68
C PRO E 71 51.86 45.95 15.39
N GLY E 72 53.09 45.48 15.63
CA GLY E 72 54.10 46.27 16.28
C GLY E 72 54.21 46.09 17.78
N THR E 73 53.26 45.42 18.41
CA THR E 73 53.26 45.23 19.86
C THR E 73 53.87 43.89 20.22
N GLN E 74 54.15 43.71 21.51
CA GLN E 74 54.80 42.52 22.02
C GLN E 74 53.79 41.64 22.74
N LEU E 75 53.78 40.35 22.40
CA LEU E 75 52.97 39.37 23.10
C LEU E 75 53.56 39.07 24.47
N THR E 76 52.68 38.74 25.41
CA THR E 76 53.10 38.47 26.79
C THR E 76 52.84 37.04 27.23
N GLY E 77 51.61 36.55 27.08
CA GLY E 77 51.27 35.19 27.46
C GLY E 77 49.96 35.13 28.21
N ASN E 78 49.38 33.93 28.25
CA ASN E 78 48.12 33.68 28.94
C ASN E 78 48.32 32.56 29.95
N ALA E 79 47.77 32.73 31.15
CA ALA E 79 48.06 31.83 32.26
C ALA E 79 47.14 30.62 32.21
N ILE E 80 47.73 29.43 32.39
CA ILE E 80 47.01 28.18 32.49
C ILE E 80 47.28 27.60 33.87
N LYS E 81 46.22 27.29 34.61
CA LYS E 81 46.35 26.80 35.98
C LYS E 81 45.86 25.35 36.08
N HIS E 82 46.37 24.66 37.08
CA HIS E 82 46.17 23.22 37.21
C HIS E 82 45.43 22.88 38.51
N ALA E 83 45.28 21.58 38.75
CA ALA E 83 44.65 21.05 39.96
C ALA E 83 45.04 19.59 40.07
N GLU E 84 44.56 18.94 41.13
CA GLU E 84 44.91 17.55 41.36
C GLU E 84 43.81 16.84 42.13
N ALA E 85 43.83 15.51 42.06
CA ALA E 85 42.91 14.65 42.80
C ALA E 85 43.72 13.66 43.64
N VAL E 86 43.34 13.50 44.89
CA VAL E 86 44.09 12.71 45.86
C VAL E 86 43.23 11.56 46.35
N ILE E 87 43.79 10.35 46.34
CA ILE E 87 43.12 9.15 46.82
C ILE E 87 43.90 8.62 48.01
N ASN E 88 43.28 8.62 49.18
CA ASN E 88 43.95 8.17 50.39
C ASN E 88 43.90 6.64 50.51
N ILE E 89 44.45 6.15 51.61
CA ILE E 89 44.49 4.72 51.90
C ILE E 89 43.77 4.47 53.21
N ASP E 90 42.79 3.56 53.18
CA ASP E 90 41.95 3.27 54.34
C ASP E 90 42.72 2.36 55.30
N ASP E 91 42.03 1.86 56.32
CA ASP E 91 42.63 0.94 57.28
C ASP E 91 42.64 -0.46 56.69
N LYS E 92 42.92 -1.47 57.52
CA LYS E 92 43.05 -2.85 57.06
C LYS E 92 41.79 -3.63 57.42
N LEU E 93 41.18 -4.26 56.43
CA LEU E 93 40.03 -5.12 56.64
C LEU E 93 40.45 -6.46 57.20
N VAL E 94 39.60 -7.05 58.04
CA VAL E 94 39.85 -8.34 58.64
C VAL E 94 38.59 -9.18 58.61
N SER E 95 38.76 -10.46 58.27
CA SER E 95 37.63 -11.41 58.26
C SER E 95 38.15 -12.70 58.89
N ASN E 96 37.77 -12.93 60.14
CA ASN E 96 38.34 -14.01 60.95
C ASN E 96 37.23 -14.87 61.52
N VAL E 97 37.57 -16.14 61.75
CA VAL E 97 36.62 -17.12 62.26
C VAL E 97 37.32 -17.98 63.31
N PHE E 98 36.59 -18.33 64.36
CA PHE E 98 37.10 -19.18 65.44
C PHE E 98 36.45 -20.56 65.33
N ILE E 99 37.27 -21.60 65.35
CA ILE E 99 36.79 -22.98 65.25
C ILE E 99 37.23 -23.71 66.51
N ALA E 100 36.27 -24.23 67.26
CA ALA E 100 36.56 -24.99 68.46
C ALA E 100 36.92 -26.44 68.11
N ASP E 101 37.91 -26.97 68.82
CA ASP E 101 38.34 -28.35 68.58
C ASP E 101 37.28 -29.36 69.01
N VAL E 102 36.51 -29.05 70.05
CA VAL E 102 35.46 -29.97 70.50
C VAL E 102 34.38 -30.09 69.43
N ASP E 103 33.99 -28.96 68.83
CA ASP E 103 32.98 -28.99 67.77
C ASP E 103 33.48 -29.81 66.58
N GLU E 104 34.76 -29.68 66.25
CA GLU E 104 35.34 -30.52 65.22
C GLU E 104 35.32 -32.00 65.61
N ALA E 105 35.54 -32.27 66.90
CA ALA E 105 35.51 -33.66 67.37
C ALA E 105 34.12 -34.27 67.22
N MET E 106 33.08 -33.51 67.54
CA MET E 106 31.71 -34.00 67.38
C MET E 106 31.17 -33.79 65.97
N ASN E 107 31.96 -33.26 65.05
CA ASN E 107 31.51 -33.07 63.68
C ASN E 107 31.77 -34.32 62.84
N HIS E 108 30.90 -34.55 61.85
CA HIS E 108 31.05 -35.65 60.92
C HIS E 108 31.47 -35.17 59.53
N TYR E 109 32.01 -33.96 59.42
CA TYR E 109 32.54 -33.46 58.16
C TYR E 109 33.56 -32.37 58.49
N ASP E 110 34.42 -32.10 57.52
CA ASP E 110 35.49 -31.11 57.68
C ASP E 110 35.00 -29.75 57.20
N VAL E 111 35.23 -28.73 58.02
CA VAL E 111 34.68 -27.39 57.77
C VAL E 111 35.73 -26.37 57.36
N ARG E 112 37.01 -26.66 57.52
CA ARG E 112 38.05 -25.67 57.26
C ARG E 112 38.16 -25.29 55.78
N SER E 113 37.59 -26.10 54.88
CA SER E 113 37.62 -25.73 53.47
C SER E 113 36.60 -24.65 53.14
N GLN E 114 35.42 -24.69 53.78
CA GLN E 114 34.36 -23.74 53.44
C GLN E 114 34.58 -22.36 54.05
N TYR E 115 35.21 -22.30 55.23
CA TYR E 115 35.36 -21.01 55.91
C TYR E 115 36.21 -20.04 55.09
N SER E 116 37.23 -20.56 54.39
CA SER E 116 38.08 -19.71 53.57
C SER E 116 37.29 -19.06 52.44
N VAL E 117 36.45 -19.85 51.75
CA VAL E 117 35.66 -19.28 50.67
C VAL E 117 34.62 -18.30 51.22
N GLN E 118 34.08 -18.57 52.41
CA GLN E 118 33.17 -17.61 53.03
C GLN E 118 33.85 -16.27 53.28
N MET E 119 35.07 -16.32 53.84
CA MET E 119 35.80 -15.08 54.15
C MET E 119 36.17 -14.34 52.88
N GLY E 120 36.64 -15.05 51.85
CA GLY E 120 36.95 -14.40 50.59
C GLY E 120 35.74 -13.76 49.95
N ASN E 121 34.60 -14.45 49.99
CA ASN E 121 33.37 -13.88 49.43
C ASN E 121 32.97 -12.62 50.17
N ALA E 122 33.07 -12.63 51.51
CA ALA E 122 32.72 -11.44 52.27
C ALA E 122 33.62 -10.27 51.92
N LEU E 123 34.93 -10.52 51.80
CA LEU E 123 35.84 -9.44 51.43
C LEU E 123 35.51 -8.87 50.05
N ALA E 124 35.23 -9.75 49.08
CA ALA E 124 34.86 -9.28 47.75
C ALA E 124 33.59 -8.45 47.78
N TYR E 125 32.60 -8.89 48.56
CA TYR E 125 31.35 -8.15 48.65
C TYR E 125 31.56 -6.76 49.23
N THR E 126 32.38 -6.66 50.29
CA THR E 126 32.67 -5.36 50.88
C THR E 126 33.38 -4.45 49.88
N PHE E 127 34.33 -5.00 49.12
CA PHE E 127 35.03 -4.19 48.13
C PHE E 127 34.07 -3.65 47.08
N ASP E 128 33.18 -4.50 46.57
CA ASP E 128 32.23 -4.05 45.56
C ASP E 128 31.28 -2.99 46.11
N GLN E 129 30.80 -3.18 47.35
CA GLN E 129 29.91 -2.19 47.95
C GLN E 129 30.60 -0.84 48.07
N ASN E 130 31.87 -0.84 48.50
CA ASN E 130 32.60 0.41 48.63
C ASN E 130 32.79 1.09 47.28
N VAL E 131 33.09 0.31 46.24
CA VAL E 131 33.26 0.89 44.91
C VAL E 131 31.96 1.53 44.43
N ALA E 132 30.83 0.85 44.63
CA ALA E 132 29.55 1.42 44.21
C ALA E 132 29.24 2.70 44.99
N ALA E 133 29.54 2.70 46.29
CA ALA E 133 29.32 3.90 47.08
C ALA E 133 30.17 5.07 46.57
N MET E 134 31.42 4.80 46.20
CA MET E 134 32.26 5.86 45.65
C MET E 134 31.74 6.34 44.30
N ILE E 135 31.18 5.46 43.49
CA ILE E 135 30.61 5.91 42.21
C ILE E 135 29.44 6.85 42.47
N ALA E 136 28.58 6.50 43.43
CA ALA E 136 27.48 7.39 43.77
C ALA E 136 27.99 8.73 44.31
N GLN E 137 29.01 8.69 45.17
CA GLN E 137 29.56 9.92 45.72
C GLN E 137 30.17 10.80 44.64
N ALA E 138 30.84 10.19 43.67
CA ALA E 138 31.35 10.95 42.53
C ALA E 138 30.22 11.58 41.75
N ALA E 139 29.11 10.84 41.57
CA ALA E 139 27.94 11.42 40.90
C ALA E 139 27.38 12.60 41.70
N ARG E 140 27.55 12.60 43.02
CA ARG E 140 27.00 13.63 43.89
C ARG E 140 27.94 14.80 44.13
N THR E 141 28.85 15.08 43.19
CA THR E 141 29.81 16.19 43.34
C THR E 141 29.47 17.28 42.33
N SER E 142 29.22 18.49 42.83
CA SER E 142 28.76 19.57 41.97
C SER E 142 29.92 20.22 41.21
N THR E 143 31.01 20.54 41.91
CA THR E 143 32.10 21.32 41.34
C THR E 143 33.35 20.46 41.19
N ASN E 144 34.03 20.61 40.07
CA ASN E 144 35.23 19.86 39.75
C ASN E 144 36.45 20.45 40.45
N PRO E 145 37.48 19.63 40.70
CA PRO E 145 38.75 20.17 41.14
C PRO E 145 39.25 21.32 40.27
N ASN E 146 39.04 21.26 38.96
CA ASN E 146 39.45 22.30 38.04
C ASN E 146 38.24 23.12 37.62
N THR E 147 38.41 24.44 37.54
CA THR E 147 37.29 25.33 37.25
C THR E 147 36.69 25.05 35.88
N ASP E 148 37.54 24.80 34.88
CA ASP E 148 37.04 24.60 33.51
C ASP E 148 36.15 23.36 33.41
N LEU E 149 36.64 22.23 33.90
CA LEU E 149 35.94 20.97 33.69
C LEU E 149 34.64 20.93 34.48
N PRO E 150 33.62 20.27 33.93
CA PRO E 150 32.32 20.22 34.61
C PRO E 150 32.31 19.19 35.72
N GLY E 151 31.24 19.23 36.52
CA GLY E 151 31.10 18.34 37.64
C GLY E 151 30.00 17.31 37.47
N GLY E 152 29.64 16.62 38.55
CA GLY E 152 28.62 15.61 38.48
C GLY E 152 27.23 16.21 38.31
N THR E 153 26.28 15.33 38.02
CA THR E 153 24.91 15.74 37.76
C THR E 153 23.96 14.66 38.24
N ARG E 154 22.70 15.06 38.47
CA ARG E 154 21.67 14.16 38.95
C ARG E 154 20.39 14.42 38.18
N ILE E 155 19.62 13.35 37.95
CA ILE E 155 18.38 13.41 37.19
C ILE E 155 17.23 13.03 38.12
N LYS E 156 16.19 13.85 38.12
CA LYS E 156 15.06 13.71 39.03
C LYS E 156 13.87 13.08 38.31
N ILE E 157 13.07 12.31 39.05
CA ILE E 157 11.86 11.70 38.54
C ILE E 157 10.71 12.22 39.39
N LEU E 158 10.04 13.26 38.91
CA LEU E 158 8.90 13.83 39.64
C LEU E 158 7.73 12.86 39.63
N LYS E 159 7.14 12.63 40.81
CA LYS E 159 6.07 11.64 40.94
C LYS E 159 4.72 12.25 41.28
N SER E 160 4.62 12.96 42.41
CA SER E 160 3.34 13.49 42.85
C SER E 160 3.60 14.60 43.87
N GLY E 161 2.54 14.99 44.58
CA GLY E 161 2.62 15.96 45.66
C GLY E 161 2.93 15.40 47.01
N THR E 162 3.20 14.10 47.11
CA THR E 162 3.57 13.48 48.38
C THR E 162 4.92 14.02 48.86
N ALA E 163 5.13 13.95 50.17
CA ALA E 163 6.39 14.38 50.74
C ALA E 163 7.49 13.36 50.43
N ASN E 164 8.69 13.62 50.96
CA ASN E 164 9.80 12.71 50.75
C ASN E 164 9.54 11.38 51.43
N THR E 165 9.22 10.36 50.64
CA THR E 165 8.82 9.06 51.19
C THR E 165 9.26 7.98 50.22
N ALA E 166 9.31 6.73 50.72
CA ALA E 166 9.58 5.58 49.87
C ALA E 166 8.44 5.30 48.91
N ALA E 167 7.26 5.87 49.13
CA ALA E 167 6.16 5.70 48.19
C ALA E 167 6.48 6.30 46.84
N ALA E 168 7.30 7.37 46.81
CA ALA E 168 7.73 7.93 45.53
C ALA E 168 8.60 6.94 44.77
N VAL E 169 9.49 6.25 45.47
CA VAL E 169 10.34 5.24 44.82
C VAL E 169 9.50 4.05 44.37
N ALA E 170 8.51 3.67 45.17
CA ALA E 170 7.71 2.49 44.83
C ALA E 170 6.80 2.70 43.62
N ALA E 171 6.57 3.96 43.21
CA ALA E 171 5.61 4.25 42.16
C ALA E 171 6.23 4.33 40.76
N VAL E 172 7.56 4.20 40.65
CA VAL E 172 8.21 4.38 39.35
C VAL E 172 7.73 3.32 38.35
N THR E 173 7.66 3.71 37.08
CA THR E 173 7.23 2.86 35.99
C THR E 173 8.38 2.68 34.98
N GLY E 174 8.07 2.03 33.86
CA GLY E 174 9.09 1.77 32.86
C GLY E 174 9.33 2.93 31.92
N THR E 175 8.28 3.67 31.55
CA THR E 175 8.46 4.84 30.71
C THR E 175 9.32 5.88 31.40
N ASP E 176 9.16 6.02 32.72
CA ASP E 176 10.01 6.92 33.48
C ASP E 176 11.47 6.50 33.39
N LEU E 177 11.74 5.19 33.49
CA LEU E 177 13.11 4.70 33.38
C LEU E 177 13.68 4.97 31.99
N ALA E 178 12.87 4.76 30.94
CA ALA E 178 13.34 5.04 29.59
C ALA E 178 13.66 6.51 29.39
N THR E 179 12.79 7.39 29.88
CA THR E 179 13.03 8.82 29.78
C THR E 179 14.29 9.22 30.55
N ALA E 180 14.48 8.66 31.74
CA ALA E 180 15.69 8.97 32.51
C ALA E 180 16.94 8.48 31.81
N LEU E 181 16.88 7.30 31.18
CA LEU E 181 18.04 6.81 30.44
C LEU E 181 18.36 7.71 29.26
N PHE E 182 17.35 8.19 28.55
CA PHE E 182 17.59 9.09 27.43
C PHE E 182 18.15 10.42 27.91
N SER E 183 17.67 10.92 29.06
CA SER E 183 18.23 12.15 29.62
C SER E 183 19.69 11.96 30.00
N ALA E 184 20.02 10.80 30.58
CA ALA E 184 21.41 10.51 30.94
C ALA E 184 22.30 10.43 29.70
N ALA E 185 21.79 9.83 28.62
CA ALA E 185 22.54 9.81 27.37
C ALA E 185 22.76 11.22 26.84
N GLU E 186 21.74 12.07 26.92
CA GLU E 186 21.88 13.47 26.52
C GLU E 186 22.98 14.15 27.32
N GLN E 187 22.95 13.98 28.63
CA GLN E 187 23.95 14.63 29.49
C GLN E 187 25.36 14.13 29.17
N MET E 188 25.51 12.82 28.96
CA MET E 188 26.81 12.28 28.57
C MET E 188 27.28 12.85 27.24
N ASP E 189 26.34 13.06 26.32
CA ASP E 189 26.70 13.65 25.03
C ASP E 189 27.13 15.10 25.17
N ILE E 190 26.54 15.83 26.12
CA ILE E 190 26.91 17.23 26.33
C ILE E 190 28.35 17.34 26.82
N ASN E 191 28.79 16.41 27.65
CA ASN E 191 30.11 16.46 28.28
C ASN E 191 31.23 15.96 27.38
N ASN E 192 30.94 15.63 26.12
CA ASN E 192 31.95 15.18 25.15
C ASN E 192 32.64 13.90 25.60
N LEU E 193 31.86 12.97 26.17
CA LEU E 193 32.39 11.67 26.54
C LEU E 193 32.52 10.77 25.31
N PRO E 194 33.40 9.78 25.35
CA PRO E 194 33.49 8.84 24.23
C PRO E 194 32.23 8.01 24.09
N GLU E 195 31.98 7.54 22.87
CA GLU E 195 30.77 6.80 22.55
C GLU E 195 30.89 5.32 22.84
N GLU E 196 31.96 4.87 23.51
CA GLU E 196 32.15 3.47 23.83
C GLU E 196 32.23 3.31 25.35
N ASP E 197 31.82 2.14 25.83
CA ASP E 197 31.92 1.76 27.23
C ASP E 197 31.08 2.68 28.11
N ARG E 198 29.78 2.76 27.82
CA ARG E 198 28.82 3.39 28.70
C ARG E 198 27.97 2.32 29.36
N TYR E 199 27.75 2.45 30.67
CA TYR E 199 27.10 1.41 31.44
C TYR E 199 26.02 2.01 32.33
N CYS E 200 25.03 1.17 32.65
CA CYS E 200 23.98 1.51 33.60
C CYS E 200 23.82 0.33 34.56
N ALA E 201 23.80 0.62 35.85
CA ALA E 201 23.65 -0.39 36.88
C ALA E 201 22.31 -0.21 37.58
N ILE E 202 21.53 -1.30 37.65
CA ILE E 202 20.17 -1.24 38.17
C ILE E 202 19.86 -2.53 38.92
N ASP E 203 18.88 -2.45 39.81
CA ASP E 203 18.44 -3.57 40.63
C ASP E 203 17.35 -4.37 39.92
N PRO E 204 17.12 -5.62 40.34
CA PRO E 204 16.15 -6.47 39.62
C PRO E 204 14.74 -5.89 39.56
N THR E 205 14.28 -5.19 40.60
CA THR E 205 12.92 -4.67 40.60
C THR E 205 12.70 -3.68 39.47
N ASN E 206 13.56 -2.68 39.37
CA ASN E 206 13.43 -1.70 38.30
C ASN E 206 13.78 -2.31 36.95
N TYR E 207 14.69 -3.28 36.91
CA TYR E 207 15.01 -3.96 35.66
C TYR E 207 13.78 -4.66 35.10
N TYR E 208 13.05 -5.37 35.94
CA TYR E 208 11.86 -6.08 35.48
C TYR E 208 10.64 -5.18 35.37
N LYS E 209 10.68 -3.98 35.95
CA LYS E 209 9.68 -2.98 35.58
C LYS E 209 9.97 -2.40 34.20
N LEU E 210 11.25 -2.28 33.83
CA LEU E 210 11.62 -1.75 32.53
C LEU E 210 11.37 -2.75 31.41
N VAL E 211 11.67 -4.03 31.64
CA VAL E 211 11.58 -5.01 30.55
C VAL E 211 10.13 -5.22 30.11
N GLN E 212 9.16 -5.07 31.01
CA GLN E 212 7.77 -5.24 30.63
C GLN E 212 7.31 -4.14 29.67
N ASN E 213 7.90 -2.93 29.79
CA ASN E 213 7.62 -1.86 28.84
C ASN E 213 8.13 -2.29 27.46
N THR E 214 7.20 -2.59 26.56
CA THR E 214 7.55 -3.29 25.31
C THR E 214 8.09 -2.37 24.23
N THR E 215 8.16 -1.07 24.47
CA THR E 215 8.69 -0.17 23.44
C THR E 215 10.18 -0.38 23.22
N VAL E 216 10.91 -0.71 24.29
CA VAL E 216 12.36 -0.93 24.16
C VAL E 216 12.68 -2.29 23.57
N ILE E 217 11.72 -3.21 23.55
CA ILE E 217 11.95 -4.57 23.06
C ILE E 217 11.42 -4.66 21.64
N ASN E 218 10.42 -3.85 21.31
CA ASN E 218 9.76 -3.88 20.02
C ASN E 218 10.78 -3.82 18.88
N ARG E 219 10.80 -4.87 18.07
CA ARG E 219 11.74 -4.96 16.96
C ARG E 219 11.44 -3.91 15.88
N ASP E 220 10.26 -3.31 15.92
CA ASP E 220 9.91 -2.30 14.92
C ASP E 220 10.86 -1.11 14.99
N PHE E 221 11.23 -0.67 16.20
CA PHE E 221 12.04 0.54 16.32
C PHE E 221 13.53 0.23 16.42
N GLY E 222 13.95 -0.46 17.49
CA GLY E 222 15.36 -0.72 17.67
C GLY E 222 15.73 -2.12 18.10
N GLY E 223 14.75 -2.91 18.51
CA GLY E 223 15.03 -4.27 18.94
C GLY E 223 15.87 -4.30 20.20
N ARG E 224 16.87 -5.20 20.20
CA ARG E 224 17.78 -5.40 21.33
C ARG E 224 17.02 -5.78 22.60
N GLY E 225 16.36 -6.94 22.52
CA GLY E 225 15.66 -7.48 23.67
C GLY E 225 14.93 -8.75 23.26
N ALA E 226 14.31 -9.38 24.27
CA ALA E 226 13.54 -10.60 24.02
C ALA E 226 12.58 -10.80 25.18
N TYR E 227 11.29 -10.90 24.87
CA TYR E 227 10.28 -11.12 25.91
C TYR E 227 10.44 -12.48 26.57
N ALA E 228 10.74 -13.52 25.78
CA ALA E 228 10.85 -14.87 26.32
C ALA E 228 12.02 -14.97 27.29
N GLU E 229 13.20 -14.52 26.87
CA GLU E 229 14.38 -14.58 27.74
C GLU E 229 14.32 -13.58 28.88
N GLY E 230 13.42 -12.61 28.83
CA GLY E 230 13.31 -11.62 29.89
C GLY E 230 14.54 -10.76 30.05
N GLU E 231 15.12 -10.30 28.95
CA GLU E 231 16.33 -9.50 28.99
C GLU E 231 16.20 -8.29 28.08
N VAL E 232 16.82 -7.20 28.51
CA VAL E 232 17.00 -5.99 27.69
C VAL E 232 18.48 -5.65 27.70
N LEU E 233 19.03 -5.40 26.51
CA LEU E 233 20.47 -5.28 26.34
C LEU E 233 20.99 -3.85 26.26
N LYS E 234 20.30 -2.98 25.53
CA LYS E 234 20.86 -1.65 25.25
C LYS E 234 19.73 -0.68 24.94
N VAL E 235 19.64 0.40 25.72
CA VAL E 235 18.73 1.49 25.46
C VAL E 235 19.54 2.78 25.36
N ALA E 236 19.34 3.52 24.27
CA ALA E 236 19.99 4.81 24.02
C ALA E 236 21.51 4.70 23.93
N GLY E 237 22.03 3.52 23.61
CA GLY E 237 23.46 3.33 23.52
C GLY E 237 24.17 3.04 24.82
N ILE E 238 23.42 2.80 25.90
CA ILE E 238 24.00 2.53 27.21
C ILE E 238 23.73 1.07 27.56
N HIS E 239 24.80 0.29 27.71
CA HIS E 239 24.64 -1.10 28.10
C HIS E 239 24.04 -1.19 29.50
N ILE E 240 23.19 -2.19 29.71
CA ILE E 240 22.44 -2.34 30.96
C ILE E 240 22.90 -3.61 31.65
N VAL E 241 23.27 -3.49 32.92
CA VAL E 241 23.67 -4.62 33.75
C VAL E 241 22.84 -4.61 35.02
N LYS E 242 22.98 -5.67 35.81
CA LYS E 242 22.23 -5.83 37.05
C LYS E 242 23.19 -6.06 38.21
N SER E 243 22.76 -5.64 39.39
CA SER E 243 23.54 -5.86 40.60
C SER E 243 22.62 -5.75 41.81
N ASN E 244 23.09 -6.29 42.93
CA ASN E 244 22.38 -6.19 44.20
C ASN E 244 23.11 -5.32 45.22
N HIS E 245 24.34 -4.89 44.92
CA HIS E 245 25.16 -4.15 45.87
C HIS E 245 25.10 -2.63 45.64
N LEU E 246 23.98 -2.13 45.14
CA LEU E 246 23.83 -0.70 45.00
C LEU E 246 23.62 -0.05 46.37
N PRO E 247 24.03 1.21 46.54
CA PRO E 247 23.79 1.90 47.82
C PRO E 247 22.33 2.31 47.92
N LYS E 248 21.65 1.83 48.96
CA LYS E 248 20.21 2.00 49.08
C LYS E 248 19.75 2.36 50.49
N THR E 249 20.66 2.68 51.40
CA THR E 249 20.30 2.89 52.80
C THR E 249 21.00 4.12 53.35
N ASN E 250 20.41 4.68 54.41
CA ASN E 250 21.06 5.77 55.12
C ASN E 250 22.30 5.24 55.82
N ARG E 251 23.46 5.80 55.48
CA ARG E 251 24.74 5.28 55.90
C ARG E 251 25.41 6.25 56.88
N SER E 252 26.00 5.69 57.93
CA SER E 252 26.74 6.46 58.91
C SER E 252 28.22 6.15 58.81
N ALA E 253 29.04 7.11 59.22
CA ALA E 253 30.49 6.94 59.15
C ALA E 253 30.95 5.88 60.14
N ALA E 254 31.97 5.12 59.76
CA ALA E 254 32.58 4.11 60.60
C ALA E 254 34.04 4.47 60.86
N THR E 255 34.53 4.12 62.04
CA THR E 255 35.90 4.42 62.40
C THR E 255 36.87 3.64 61.52
N GLY E 256 37.95 4.30 61.12
CA GLY E 256 38.92 3.72 60.23
C GLY E 256 38.70 3.99 58.75
N GLU E 257 37.64 4.70 58.41
CA GLU E 257 37.30 5.01 57.02
C GLU E 257 37.86 6.39 56.71
N ASN E 258 38.95 6.43 55.94
CA ASN E 258 39.65 7.67 55.63
C ASN E 258 39.09 8.38 54.40
N ASN E 259 38.14 7.77 53.71
CA ASN E 259 37.46 8.40 52.58
C ASN E 259 35.98 8.55 52.91
N THR E 260 35.35 9.54 52.31
CA THR E 260 33.94 9.81 52.57
C THR E 260 33.08 8.80 51.83
N TYR E 261 32.19 8.14 52.56
CA TYR E 261 31.27 7.15 52.01
C TYR E 261 29.83 7.35 52.45
N HIS E 262 29.61 7.88 53.65
CA HIS E 262 28.26 7.98 54.19
C HIS E 262 27.47 9.10 53.52
N ALA E 263 26.20 8.83 53.29
CA ALA E 263 25.27 9.78 52.67
C ALA E 263 23.87 9.23 52.89
N ASN E 264 22.88 9.85 52.25
CA ASN E 264 21.49 9.40 52.31
C ASN E 264 21.13 8.86 50.93
N TYR E 265 21.21 7.53 50.78
CA TYR E 265 20.93 6.86 49.51
C TYR E 265 19.52 6.30 49.45
N THR E 266 18.61 6.82 50.28
CA THR E 266 17.27 6.24 50.36
C THR E 266 16.50 6.41 49.06
N ASP E 267 16.76 7.48 48.31
CA ASP E 267 16.03 7.78 47.09
C ASP E 267 16.77 7.35 45.83
N ASN E 268 17.87 6.62 45.96
CA ASN E 268 18.64 6.19 44.80
C ASN E 268 17.87 5.13 44.02
N ILE E 269 18.04 5.15 42.70
CA ILE E 269 17.39 4.19 41.80
C ILE E 269 18.41 3.46 40.94
N GLY E 270 19.28 4.19 40.25
CA GLY E 270 20.28 3.57 39.39
C GLY E 270 21.45 4.51 39.18
N LEU E 271 22.46 3.99 38.49
CA LEU E 271 23.69 4.72 38.23
C LEU E 271 24.11 4.56 36.79
N VAL E 272 24.50 5.67 36.16
CA VAL E 272 25.09 5.67 34.83
C VAL E 272 26.47 6.29 34.94
N PHE E 273 27.49 5.58 34.48
CA PHE E 273 28.86 5.99 34.72
C PHE E 273 29.75 5.54 33.56
N ASN E 274 31.04 5.81 33.69
CA ASN E 274 32.06 5.44 32.74
C ASN E 274 33.17 4.71 33.48
N LYS E 275 34.14 4.18 32.74
CA LYS E 275 35.22 3.40 33.34
C LYS E 275 36.27 4.26 34.04
N GLN E 276 36.21 5.59 33.90
CA GLN E 276 37.20 6.48 34.49
C GLN E 276 36.62 7.35 35.61
N ALA E 277 35.43 7.01 36.11
CA ALA E 277 34.80 7.86 37.13
C ALA E 277 35.41 7.67 38.50
N VAL E 278 35.95 6.48 38.80
CA VAL E 278 36.45 6.15 40.13
C VAL E 278 37.71 5.30 39.97
N GLY E 279 38.66 5.50 40.88
CA GLY E 279 39.89 4.73 40.87
C GLY E 279 40.15 4.09 42.23
N THR E 280 41.11 3.17 42.24
CA THR E 280 41.45 2.41 43.43
C THR E 280 42.96 2.23 43.50
N VAL E 281 43.53 2.45 44.69
CA VAL E 281 44.95 2.26 44.94
C VAL E 281 45.12 1.02 45.80
N LYS E 282 46.26 0.36 45.67
CA LYS E 282 46.53 -0.89 46.37
C LYS E 282 47.87 -0.81 47.09
N LEU E 283 47.90 -1.29 48.33
CA LEU E 283 49.13 -1.36 49.10
C LEU E 283 49.57 -2.80 49.37
N MET E 284 48.69 -3.61 49.97
CA MET E 284 48.98 -5.01 50.23
C MET E 284 47.85 -5.87 49.66
N ASP E 285 48.23 -7.00 49.06
CA ASP E 285 47.25 -7.91 48.50
C ASP E 285 46.68 -8.81 49.58
N LEU E 286 45.68 -9.60 49.21
CA LEU E 286 45.05 -10.52 50.16
C LEU E 286 46.06 -11.55 50.65
N LYS E 287 46.13 -11.73 51.97
CA LYS E 287 47.10 -12.61 52.59
C LYS E 287 46.39 -13.45 53.63
N MET E 288 46.46 -14.78 53.48
CA MET E 288 45.71 -15.70 54.31
C MET E 288 46.64 -16.33 55.35
N GLU E 289 46.23 -16.29 56.61
CA GLU E 289 47.02 -16.84 57.71
C GLU E 289 46.13 -17.68 58.62
N GLN E 290 46.75 -18.66 59.27
CA GLN E 290 46.07 -19.51 60.23
C GLN E 290 46.99 -19.74 61.42
N THR E 291 46.44 -19.67 62.63
CA THR E 291 47.20 -19.83 63.86
C THR E 291 47.00 -21.25 64.39
N GLY E 292 47.99 -22.10 64.19
CA GLY E 292 47.92 -23.47 64.65
C GLY E 292 49.23 -24.05 65.15
N ALA E 293 50.25 -23.20 65.28
CA ALA E 293 51.56 -23.68 65.71
C ALA E 293 51.64 -23.84 67.22
N ASP E 294 51.50 -22.74 67.96
CA ASP E 294 51.52 -22.75 69.41
C ASP E 294 50.26 -22.17 70.04
N ILE E 295 49.33 -21.64 69.24
CA ILE E 295 48.09 -21.10 69.78
C ILE E 295 47.26 -22.20 70.42
N HIS E 296 47.27 -23.39 69.83
CA HIS E 296 46.47 -24.50 70.38
C HIS E 296 46.96 -24.89 71.76
N ALA E 297 48.27 -24.76 72.02
CA ALA E 297 48.80 -25.11 73.32
C ALA E 297 48.23 -24.22 74.42
N LEU E 298 48.14 -22.92 74.17
CA LEU E 298 47.58 -22.01 75.16
C LEU E 298 46.09 -22.27 75.37
N TYR E 299 45.33 -22.33 74.28
CA TYR E 299 43.91 -22.65 74.34
C TYR E 299 43.52 -23.39 73.07
N GLN E 300 42.63 -24.37 73.21
CA GLN E 300 42.27 -25.25 72.10
C GLN E 300 41.31 -24.51 71.17
N GLY E 301 41.76 -24.26 69.94
CA GLY E 301 40.93 -23.59 68.96
C GLY E 301 41.69 -23.39 67.67
N THR E 302 40.97 -22.84 66.69
CA THR E 302 41.54 -22.51 65.40
C THR E 302 41.18 -21.08 65.04
N PHE E 303 42.09 -20.40 64.34
CA PHE E 303 41.91 -18.99 63.99
C PHE E 303 42.54 -18.74 62.64
N MET E 304 41.74 -18.27 61.68
CA MET E 304 42.20 -17.95 60.34
C MET E 304 41.89 -16.49 60.06
N VAL E 305 42.87 -15.77 59.53
CA VAL E 305 42.77 -14.33 59.32
C VAL E 305 42.89 -14.04 57.82
N GLY E 306 41.96 -13.24 57.30
CA GLY E 306 42.06 -12.73 55.96
C GLY E 306 42.08 -11.22 55.96
N SER E 307 43.10 -10.62 55.35
CA SER E 307 43.30 -9.19 55.45
C SER E 307 43.68 -8.62 54.08
N MET E 308 43.43 -7.31 53.94
CA MET E 308 43.75 -6.58 52.72
C MET E 308 43.67 -5.10 53.03
N MET E 309 44.52 -4.31 52.35
CA MET E 309 44.60 -2.88 52.57
C MET E 309 44.60 -2.16 51.22
N HIS E 310 43.72 -1.18 51.08
CA HIS E 310 43.58 -0.44 49.83
C HIS E 310 42.79 0.84 50.11
N GLY E 311 42.42 1.54 49.04
CA GLY E 311 41.63 2.76 49.17
C GLY E 311 41.00 3.11 47.85
N SER E 312 39.98 3.96 47.92
CA SER E 312 39.24 4.38 46.73
C SER E 312 38.98 5.88 46.80
N GLY E 313 38.71 6.46 45.64
CA GLY E 313 38.49 7.88 45.55
C GLY E 313 37.76 8.25 44.27
N VAL E 314 37.71 9.56 44.02
CA VAL E 314 37.01 10.12 42.87
C VAL E 314 38.03 10.77 41.95
N LEU E 315 37.97 10.42 40.67
CA LEU E 315 38.94 10.92 39.69
C LEU E 315 38.33 12.01 38.80
N ARG E 316 37.22 11.71 38.12
CA ARG E 316 36.58 12.65 37.21
C ARG E 316 35.08 12.64 37.45
N PRO E 317 34.56 13.63 38.19
CA PRO E 317 33.12 13.65 38.47
C PRO E 317 32.25 13.93 37.25
N ASP E 318 32.84 14.32 36.12
CA ASP E 318 32.09 14.59 34.90
C ASP E 318 31.79 13.34 34.09
N CYS E 319 31.89 12.16 34.70
CA CYS E 319 31.58 10.90 34.04
C CYS E 319 30.60 10.04 34.83
N ALA E 320 29.94 10.61 35.83
CA ALA E 320 28.99 9.87 36.66
C ALA E 320 27.67 10.60 36.72
N ILE E 321 26.57 9.86 36.50
CA ILE E 321 25.23 10.40 36.55
C ILE E 321 24.37 9.47 37.40
N GLU E 322 23.57 10.06 38.29
CA GLU E 322 22.75 9.30 39.22
C GLU E 322 21.28 9.62 39.00
N LEU E 323 20.45 8.57 39.01
CA LEU E 323 19.00 8.70 38.87
C LEU E 323 18.34 8.48 40.22
N TYR E 324 17.45 9.40 40.59
CA TYR E 324 16.76 9.32 41.87
C TYR E 324 15.31 9.77 41.70
N ALA E 325 14.43 9.20 42.51
CA ALA E 325 13.02 9.55 42.50
C ALA E 325 12.73 10.41 43.73
N ALA E 326 12.04 11.53 43.51
CA ALA E 326 11.74 12.46 44.58
C ALA E 326 10.42 13.15 44.26
N ASN E 327 10.13 14.24 44.97
CA ASN E 327 8.89 14.98 44.77
C ASN E 327 9.15 16.48 44.68
N SER E 328 8.09 17.28 44.70
CA SER E 328 8.19 18.72 44.58
C SER E 328 9.07 19.32 45.68
N ALA F 2 -40.08 -63.89 -5.84
CA ALA F 2 -40.52 -64.89 -6.80
C ALA F 2 -39.38 -65.82 -7.20
N ASN F 3 -39.72 -67.05 -7.55
CA ASN F 3 -38.77 -68.08 -7.97
C ASN F 3 -37.71 -68.38 -6.92
N PHE F 4 -38.01 -68.08 -5.65
CA PHE F 4 -37.23 -68.56 -4.52
C PHE F 4 -37.91 -68.29 -3.20
N THR F 5 -37.94 -69.31 -2.33
CA THR F 5 -38.35 -69.16 -0.93
C THR F 5 -37.19 -69.61 -0.06
N PRO F 6 -36.47 -68.69 0.58
CA PRO F 6 -35.21 -69.07 1.23
C PRO F 6 -35.43 -69.87 2.50
N SER F 7 -34.38 -70.60 2.88
CA SER F 7 -34.34 -71.33 4.15
C SER F 7 -33.75 -70.51 5.28
N ARG F 8 -32.81 -69.61 4.95
CA ARG F 8 -32.17 -68.60 5.78
C ARG F 8 -31.10 -69.18 6.72
N LEU F 9 -31.00 -70.50 6.88
CA LEU F 9 -29.85 -71.15 7.50
C LEU F 9 -29.57 -70.70 8.93
N GLY F 10 -30.40 -69.81 9.47
CA GLY F 10 -30.12 -69.26 10.79
C GLY F 10 -31.33 -69.19 11.69
N LEU F 11 -32.51 -69.50 11.15
CA LEU F 11 -33.72 -69.52 11.93
C LEU F 11 -33.76 -70.76 12.82
N VAL F 12 -34.76 -70.81 13.69
CA VAL F 12 -35.03 -71.99 14.51
C VAL F 12 -36.43 -72.47 14.17
N ASN F 13 -36.50 -73.64 13.54
CA ASN F 13 -37.76 -74.29 13.15
C ASN F 13 -38.61 -73.43 12.21
N ASN F 14 -37.99 -72.48 11.52
CA ASN F 14 -38.66 -71.67 10.51
C ASN F 14 -39.88 -70.94 11.08
N THR F 15 -39.69 -70.29 12.23
CA THR F 15 -40.76 -69.59 12.91
C THR F 15 -40.29 -68.21 13.35
N GLY F 16 -41.10 -67.19 13.06
CA GLY F 16 -40.84 -65.85 13.54
C GLY F 16 -39.65 -65.19 12.87
N THR F 17 -39.22 -64.08 13.48
CA THR F 17 -38.06 -63.35 13.04
C THR F 17 -36.82 -63.87 13.76
N GLY F 18 -35.70 -63.16 13.62
CA GLY F 18 -34.46 -63.61 14.24
C GLY F 18 -33.70 -64.55 13.34
N VAL F 19 -33.47 -64.14 12.09
CA VAL F 19 -32.78 -64.98 11.12
C VAL F 19 -31.30 -65.09 11.37
N LYS F 20 -30.77 -64.41 12.38
CA LYS F 20 -29.36 -64.50 12.76
C LYS F 20 -29.18 -65.08 14.15
N ASP F 21 -30.20 -65.79 14.66
CA ASP F 21 -30.18 -66.27 16.03
C ASP F 21 -29.17 -67.39 16.25
N LEU F 22 -28.89 -68.18 15.21
CA LEU F 22 -28.09 -69.40 15.37
C LEU F 22 -26.65 -69.21 14.92
N PHE F 23 -26.24 -68.00 14.59
CA PHE F 23 -24.85 -67.73 14.23
C PHE F 23 -24.03 -67.39 15.48
N LEU F 24 -22.72 -67.45 15.33
CA LEU F 24 -21.79 -67.20 16.42
C LEU F 24 -20.99 -65.94 16.16
N LYS F 25 -20.77 -65.15 17.22
CA LYS F 25 -19.91 -63.99 17.13
C LYS F 25 -18.44 -64.42 17.28
N THR F 26 -17.56 -63.69 16.61
CA THR F 26 -16.15 -64.05 16.53
C THR F 26 -15.28 -63.01 17.21
N PHE F 27 -14.24 -63.48 17.88
CA PHE F 27 -13.25 -62.60 18.49
C PHE F 27 -12.54 -61.80 17.42
N ALA F 28 -12.60 -60.47 17.53
CA ALA F 28 -12.01 -59.61 16.51
C ALA F 28 -10.49 -59.77 16.45
N GLY F 29 -9.84 -59.80 17.60
CA GLY F 29 -8.41 -60.05 17.63
C GLY F 29 -7.55 -58.90 18.12
N GLU F 30 -8.10 -58.08 19.02
CA GLU F 30 -7.37 -56.92 19.52
C GLU F 30 -7.93 -56.51 20.86
N VAL F 31 -7.03 -56.13 21.78
CA VAL F 31 -7.38 -55.65 23.11
C VAL F 31 -7.08 -54.16 23.18
N LEU F 32 -8.05 -53.37 23.66
CA LEU F 32 -7.94 -51.92 23.57
C LEU F 32 -7.04 -51.33 24.64
N SER F 33 -7.25 -51.72 25.90
CA SER F 33 -6.50 -51.20 27.04
C SER F 33 -6.68 -49.70 27.20
N ALA F 34 -5.81 -49.05 27.97
CA ALA F 34 -5.98 -47.65 28.34
C ALA F 34 -4.70 -46.87 28.09
N PHE F 35 -4.85 -45.56 27.94
CA PHE F 35 -3.75 -44.67 27.65
C PHE F 35 -2.88 -44.46 28.88
N ARG F 36 -1.66 -43.99 28.65
CA ARG F 36 -0.66 -43.81 29.70
C ARG F 36 -0.50 -42.33 30.02
N LYS F 37 -0.56 -41.99 31.30
CA LYS F 37 -0.34 -40.62 31.73
C LYS F 37 1.15 -40.27 31.66
N ALA F 38 1.43 -38.98 31.54
CA ALA F 38 2.80 -38.51 31.39
C ALA F 38 3.37 -38.10 32.75
N THR F 39 4.58 -38.56 33.05
CA THR F 39 5.26 -38.26 34.30
C THR F 39 6.49 -37.44 34.01
N ILE F 40 6.64 -36.31 34.70
CA ILE F 40 7.80 -35.44 34.54
C ILE F 40 8.53 -35.16 35.85
N PHE F 41 7.92 -35.42 37.00
CA PHE F 41 8.55 -35.15 38.27
C PHE F 41 9.45 -36.28 38.75
N GLU F 42 9.48 -37.41 38.05
CA GLU F 42 10.43 -38.46 38.37
C GLU F 42 11.86 -37.96 38.24
N ASP F 43 12.15 -37.24 37.16
CA ASP F 43 13.37 -36.46 37.02
C ASP F 43 13.09 -35.04 37.52
N LEU F 44 13.96 -34.09 37.21
CA LEU F 44 13.89 -32.71 37.68
C LEU F 44 14.07 -32.61 39.19
N HIS F 45 14.68 -33.63 39.80
CA HIS F 45 15.03 -33.62 41.21
C HIS F 45 16.00 -34.76 41.44
N THR F 46 17.05 -34.50 42.22
CA THR F 46 18.12 -35.46 42.41
C THR F 46 17.68 -36.58 43.34
N VAL F 47 18.10 -37.81 43.03
CA VAL F 47 17.73 -39.00 43.78
C VAL F 47 19.00 -39.63 44.33
N ARG F 48 18.97 -39.97 45.61
CA ARG F 48 20.11 -40.58 46.28
C ARG F 48 19.73 -41.94 46.85
N THR F 49 20.75 -42.73 47.17
CA THR F 49 20.55 -44.07 47.71
C THR F 49 21.48 -44.28 48.89
N ILE F 50 21.01 -45.02 49.88
CA ILE F 50 21.82 -45.42 51.03
C ILE F 50 21.78 -46.93 51.14
N SER F 51 22.96 -47.55 51.30
CA SER F 51 23.01 -48.99 51.47
C SER F 51 22.34 -49.45 52.75
N SER F 52 22.23 -48.56 53.75
CA SER F 52 21.52 -48.86 54.99
C SER F 52 21.17 -47.54 55.66
N GLY F 53 20.14 -47.59 56.49
CA GLY F 53 19.71 -46.44 57.25
C GLY F 53 18.21 -46.21 57.17
N LYS F 54 17.77 -45.19 57.91
CA LYS F 54 16.37 -44.82 57.98
C LYS F 54 16.08 -43.39 57.59
N SER F 55 17.06 -42.49 57.67
CA SER F 55 16.87 -41.09 57.28
C SER F 55 18.22 -40.43 57.16
N ALA F 56 18.42 -39.69 56.06
CA ALA F 56 19.66 -39.00 55.80
C ALA F 56 19.65 -37.61 56.42
N GLN F 57 20.84 -37.04 56.60
CA GLN F 57 21.01 -35.72 57.18
C GLN F 57 21.88 -34.88 56.26
N PHE F 58 21.43 -33.65 55.98
CA PHE F 58 22.14 -32.74 55.10
C PHE F 58 22.53 -31.48 55.87
N PRO F 59 23.79 -31.33 56.26
CA PRO F 59 24.19 -30.13 57.00
C PRO F 59 24.18 -28.89 56.12
N ILE F 60 23.85 -27.76 56.74
CA ILE F 60 23.77 -26.48 56.04
C ILE F 60 24.75 -25.51 56.69
N VAL F 61 25.57 -24.85 55.87
CA VAL F 61 26.56 -23.90 56.33
C VAL F 61 26.39 -22.62 55.52
N GLY F 62 27.27 -21.65 55.76
CA GLY F 62 27.31 -20.42 55.01
C GLY F 62 27.05 -19.17 55.83
N LEU F 63 28.14 -18.53 56.26
CA LEU F 63 28.15 -17.28 57.00
C LEU F 63 29.46 -16.57 56.72
N SER F 64 29.49 -15.26 56.98
CA SER F 64 30.72 -14.49 57.00
C SER F 64 30.40 -13.07 57.44
N SER F 65 31.42 -12.37 57.90
CA SER F 65 31.29 -10.98 58.32
C SER F 65 32.67 -10.34 58.42
N THR F 66 32.78 -9.08 58.02
CA THR F 66 34.01 -8.31 58.14
C THR F 66 33.73 -7.01 58.89
N SER F 67 34.79 -6.47 59.49
CA SER F 67 34.67 -5.24 60.25
C SER F 67 36.00 -4.49 60.18
N TYR F 68 36.04 -3.32 60.82
CA TYR F 68 37.25 -2.52 60.93
C TYR F 68 37.84 -2.68 62.33
N HIS F 69 39.10 -3.08 62.37
CA HIS F 69 39.78 -3.38 63.62
C HIS F 69 40.56 -2.18 64.12
N SER F 70 40.30 -1.80 65.36
CA SER F 70 41.04 -0.73 66.03
C SER F 70 42.19 -1.33 66.81
N PRO F 71 43.44 -0.99 66.48
CA PRO F 71 44.58 -1.59 67.18
C PRO F 71 44.55 -1.26 68.67
N GLY F 72 45.01 -2.22 69.46
CA GLY F 72 45.00 -2.11 70.91
C GLY F 72 44.08 -3.08 71.62
N THR F 73 43.19 -3.75 70.88
CA THR F 73 42.27 -4.73 71.45
C THR F 73 42.50 -6.09 70.81
N GLN F 74 42.00 -7.13 71.47
CA GLN F 74 42.18 -8.50 71.03
C GLN F 74 41.00 -8.96 70.19
N LEU F 75 41.30 -9.62 69.07
CA LEU F 75 40.25 -10.13 68.20
C LEU F 75 39.64 -11.39 68.81
N THR F 76 38.31 -11.38 68.95
CA THR F 76 37.58 -12.53 69.48
C THR F 76 37.02 -13.43 68.40
N GLY F 77 36.87 -12.94 67.18
CA GLY F 77 36.36 -13.72 66.07
C GLY F 77 34.93 -13.37 65.71
N ASN F 78 34.25 -14.36 65.13
CA ASN F 78 32.86 -14.22 64.75
C ASN F 78 32.14 -15.53 65.04
N ALA F 79 30.82 -15.46 65.18
CA ALA F 79 30.01 -16.62 65.54
C ALA F 79 29.37 -17.20 64.29
N ILE F 80 29.66 -18.47 64.01
CA ILE F 80 29.09 -19.20 62.89
C ILE F 80 28.41 -20.45 63.44
N LYS F 81 27.17 -20.68 63.03
CA LYS F 81 26.42 -21.87 63.43
C LYS F 81 25.73 -22.47 62.20
N HIS F 82 25.45 -23.76 62.29
CA HIS F 82 24.94 -24.55 61.18
C HIS F 82 23.51 -25.01 61.46
N ALA F 83 22.91 -25.60 60.43
CA ALA F 83 21.58 -26.19 60.52
C ALA F 83 21.58 -27.49 59.72
N GLU F 84 20.46 -28.21 59.76
CA GLU F 84 20.40 -29.52 59.13
C GLU F 84 19.06 -29.71 58.45
N ALA F 85 19.04 -30.61 57.46
CA ALA F 85 17.82 -31.09 56.84
C ALA F 85 17.80 -32.60 56.91
N VAL F 86 16.63 -33.16 57.25
CA VAL F 86 16.47 -34.61 57.39
C VAL F 86 15.31 -35.04 56.51
N ILE F 87 15.43 -36.24 55.93
CA ILE F 87 14.41 -36.84 55.08
C ILE F 87 14.19 -38.27 55.55
N ASN F 88 12.97 -38.56 55.98
CA ASN F 88 12.63 -39.89 56.48
C ASN F 88 12.15 -40.80 55.35
N ILE F 89 12.19 -42.10 55.62
CA ILE F 89 11.80 -43.12 54.65
C ILE F 89 10.48 -43.73 55.09
N ASP F 90 9.51 -43.77 54.18
CA ASP F 90 8.16 -44.21 54.48
C ASP F 90 8.08 -45.74 54.48
N ASP F 91 6.86 -46.27 54.47
CA ASP F 91 6.65 -47.72 54.41
C ASP F 91 6.84 -48.20 52.97
N LYS F 92 6.44 -49.44 52.70
CA LYS F 92 6.63 -50.06 51.39
C LYS F 92 5.31 -50.05 50.62
N LEU F 93 5.34 -49.50 49.41
CA LEU F 93 4.18 -49.52 48.52
C LEU F 93 4.02 -50.90 47.90
N VAL F 94 2.76 -51.31 47.72
CA VAL F 94 2.46 -52.63 47.19
C VAL F 94 1.33 -52.52 46.17
N SER F 95 1.45 -53.29 45.09
CA SER F 95 0.38 -53.46 44.11
C SER F 95 0.28 -54.95 43.80
N ASN F 96 -0.92 -55.50 43.91
CA ASN F 96 -1.08 -56.95 43.83
C ASN F 96 -2.44 -57.29 43.23
N VAL F 97 -2.54 -58.51 42.71
CA VAL F 97 -3.75 -59.00 42.05
C VAL F 97 -3.67 -60.51 41.99
N PHE F 98 -4.80 -61.17 42.21
CA PHE F 98 -4.91 -62.63 42.15
C PHE F 98 -5.87 -63.02 41.04
N ILE F 99 -5.42 -63.92 40.16
CA ILE F 99 -6.19 -64.38 39.02
C ILE F 99 -6.35 -65.89 39.11
N ALA F 100 -7.59 -66.37 38.99
CA ALA F 100 -7.89 -67.79 39.17
C ALA F 100 -7.38 -68.60 37.97
N ASP F 101 -7.70 -69.90 38.00
CA ASP F 101 -7.25 -70.84 36.98
C ASP F 101 -8.36 -71.22 35.99
N VAL F 102 -9.59 -71.39 36.48
CA VAL F 102 -10.70 -71.71 35.58
C VAL F 102 -10.93 -70.58 34.59
N ASP F 103 -10.85 -69.33 35.07
CA ASP F 103 -11.00 -68.18 34.18
C ASP F 103 -9.89 -68.16 33.13
N GLU F 104 -8.65 -68.46 33.53
CA GLU F 104 -7.56 -68.51 32.57
C GLU F 104 -7.75 -69.62 31.55
N ALA F 105 -8.33 -70.75 31.96
CA ALA F 105 -8.60 -71.84 31.02
C ALA F 105 -9.71 -71.47 30.03
N MET F 106 -10.78 -70.85 30.53
CA MET F 106 -11.92 -70.54 29.67
C MET F 106 -11.60 -69.40 28.69
N ASN F 107 -10.88 -68.38 29.16
CA ASN F 107 -10.70 -67.16 28.39
C ASN F 107 -9.94 -67.44 27.09
N HIS F 108 -10.12 -66.53 26.13
CA HIS F 108 -9.58 -66.70 24.78
C HIS F 108 -8.48 -65.70 24.44
N TYR F 109 -7.92 -65.01 25.42
CA TYR F 109 -6.77 -64.14 25.17
C TYR F 109 -5.95 -64.02 26.44
N ASP F 110 -4.68 -63.65 26.28
CA ASP F 110 -3.76 -63.57 27.39
C ASP F 110 -3.91 -62.24 28.13
N VAL F 111 -3.75 -62.29 29.46
CA VAL F 111 -3.94 -61.12 30.31
C VAL F 111 -2.72 -60.83 31.18
N ARG F 112 -1.77 -61.75 31.30
CA ARG F 112 -0.65 -61.54 32.22
C ARG F 112 0.33 -60.49 31.71
N SER F 113 0.39 -60.23 30.41
CA SER F 113 1.35 -59.28 29.88
C SER F 113 0.93 -57.83 30.08
N GLN F 114 -0.28 -57.58 30.59
CA GLN F 114 -0.75 -56.23 30.84
C GLN F 114 -0.80 -55.86 32.31
N TYR F 115 -0.99 -56.86 33.19
CA TYR F 115 -1.16 -56.57 34.61
C TYR F 115 0.10 -55.97 35.22
N SER F 116 1.27 -56.51 34.87
CA SER F 116 2.52 -55.97 35.41
C SER F 116 2.74 -54.54 34.92
N VAL F 117 2.42 -54.27 33.66
CA VAL F 117 2.51 -52.91 33.13
C VAL F 117 1.63 -51.98 33.94
N GLN F 118 0.39 -52.40 34.22
CA GLN F 118 -0.52 -51.54 34.99
C GLN F 118 0.00 -51.30 36.40
N MET F 119 0.56 -52.33 37.04
CA MET F 119 1.09 -52.17 38.39
C MET F 119 2.26 -51.19 38.41
N GLY F 120 3.19 -51.34 37.47
CA GLY F 120 4.30 -50.42 37.38
C GLY F 120 3.85 -48.99 37.13
N ASN F 121 2.85 -48.83 36.25
CA ASN F 121 2.32 -47.50 35.98
C ASN F 121 1.71 -46.88 37.23
N ALA F 122 0.94 -47.67 38.00
CA ALA F 122 0.34 -47.14 39.22
C ALA F 122 1.39 -46.70 40.22
N LEU F 123 2.43 -47.51 40.41
CA LEU F 123 3.48 -47.12 41.35
C LEU F 123 4.20 -45.86 40.90
N ALA F 124 4.49 -45.75 39.59
CA ALA F 124 5.14 -44.55 39.07
C ALA F 124 4.26 -43.31 39.28
N TYR F 125 2.96 -43.45 39.03
CA TYR F 125 2.06 -42.31 39.20
C TYR F 125 2.02 -41.87 40.66
N THR F 126 1.99 -42.82 41.58
CA THR F 126 2.00 -42.47 43.01
C THR F 126 3.28 -41.73 43.38
N PHE F 127 4.43 -42.22 42.90
CA PHE F 127 5.69 -41.53 43.16
C PHE F 127 5.66 -40.10 42.63
N ASP F 128 5.15 -39.92 41.41
CA ASP F 128 5.06 -38.59 40.80
C ASP F 128 4.18 -37.67 41.65
N GLN F 129 3.02 -38.16 42.07
CA GLN F 129 2.11 -37.34 42.87
C GLN F 129 2.77 -36.90 44.18
N ASN F 130 3.45 -37.84 44.85
CA ASN F 130 4.10 -37.50 46.10
C ASN F 130 5.22 -36.48 45.90
N VAL F 131 5.98 -36.60 44.81
CA VAL F 131 7.05 -35.65 44.56
C VAL F 131 6.49 -34.25 44.31
N ALA F 132 5.40 -34.16 43.54
CA ALA F 132 4.78 -32.86 43.29
C ALA F 132 4.25 -32.24 44.57
N ALA F 133 3.61 -33.05 45.42
CA ALA F 133 3.11 -32.53 46.69
C ALA F 133 4.26 -32.05 47.57
N MET F 134 5.39 -32.76 47.56
CA MET F 134 6.55 -32.33 48.33
C MET F 134 7.10 -31.01 47.80
N ILE F 135 7.11 -30.84 46.48
CA ILE F 135 7.57 -29.58 45.91
C ILE F 135 6.69 -28.42 46.37
N ALA F 136 5.36 -28.63 46.36
CA ALA F 136 4.46 -27.59 46.84
C ALA F 136 4.70 -27.29 48.32
N GLN F 137 4.87 -28.33 49.13
CA GLN F 137 5.11 -28.12 50.56
C GLN F 137 6.42 -27.38 50.80
N ALA F 138 7.44 -27.65 50.00
CA ALA F 138 8.69 -26.89 50.08
C ALA F 138 8.46 -25.44 49.70
N ALA F 139 7.62 -25.20 48.70
CA ALA F 139 7.26 -23.83 48.34
C ALA F 139 6.47 -23.13 49.45
N ARG F 140 5.85 -23.89 50.36
CA ARG F 140 5.08 -23.32 51.46
C ARG F 140 5.91 -23.08 52.73
N THR F 141 7.21 -23.30 52.69
CA THR F 141 8.04 -23.16 53.90
C THR F 141 8.38 -21.69 54.11
N SER F 142 7.96 -21.15 55.25
CA SER F 142 8.13 -19.72 55.52
C SER F 142 9.57 -19.37 55.90
N THR F 143 10.20 -20.17 56.74
CA THR F 143 11.52 -19.86 57.28
C THR F 143 12.52 -20.94 56.87
N ASN F 144 13.66 -20.51 56.32
CA ASN F 144 14.72 -21.44 56.01
C ASN F 144 15.29 -22.03 57.30
N PRO F 145 15.66 -23.31 57.30
CA PRO F 145 16.27 -23.90 58.52
C PRO F 145 17.51 -23.15 58.98
N ASN F 146 18.30 -22.62 58.05
CA ASN F 146 19.38 -21.71 58.39
C ASN F 146 18.84 -20.28 58.31
N THR F 147 18.79 -19.60 59.47
CA THR F 147 18.04 -18.35 59.58
C THR F 147 18.55 -17.28 58.62
N ASP F 148 19.84 -17.29 58.30
CA ASP F 148 20.41 -16.23 57.48
C ASP F 148 20.15 -16.46 56.00
N LEU F 149 19.94 -17.71 55.60
CA LEU F 149 19.53 -17.98 54.23
C LEU F 149 18.07 -17.59 54.02
N PRO F 150 17.69 -17.19 52.81
CA PRO F 150 16.29 -16.83 52.56
C PRO F 150 15.41 -18.06 52.50
N GLY F 151 14.10 -17.83 52.71
CA GLY F 151 13.12 -18.88 52.74
C GLY F 151 12.21 -18.87 51.52
N GLY F 152 11.10 -19.59 51.64
CA GLY F 152 10.15 -19.69 50.55
C GLY F 152 9.21 -18.49 50.48
N THR F 153 8.46 -18.43 49.39
CA THR F 153 7.56 -17.31 49.17
C THR F 153 6.39 -17.76 48.29
N ARG F 154 5.30 -16.99 48.36
CA ARG F 154 4.11 -17.24 47.57
C ARG F 154 3.64 -15.93 46.94
N ILE F 155 3.04 -16.03 45.75
CA ILE F 155 2.57 -14.88 45.00
C ILE F 155 1.05 -14.95 44.93
N LYS F 156 0.38 -13.89 45.37
CA LYS F 156 -1.08 -13.85 45.43
C LYS F 156 -1.62 -13.01 44.28
N ILE F 157 -2.61 -13.55 43.58
CA ILE F 157 -3.29 -12.86 42.48
C ILE F 157 -4.66 -12.44 42.99
N LEU F 158 -4.77 -11.20 43.47
CA LEU F 158 -6.05 -10.69 43.94
C LEU F 158 -6.99 -10.50 42.75
N LYS F 159 -8.23 -10.94 42.92
CA LYS F 159 -9.20 -10.92 41.84
C LYS F 159 -10.36 -9.97 42.08
N SER F 160 -11.11 -10.16 43.15
CA SER F 160 -12.32 -9.36 43.38
C SER F 160 -12.66 -9.43 44.87
N GLY F 161 -13.86 -8.96 45.21
CA GLY F 161 -14.35 -8.96 46.57
C GLY F 161 -15.10 -10.20 46.99
N THR F 162 -15.07 -11.26 46.17
CA THR F 162 -15.77 -12.49 46.52
C THR F 162 -15.08 -13.18 47.69
N ALA F 163 -15.80 -14.13 48.29
CA ALA F 163 -15.24 -14.93 49.36
C ALA F 163 -14.21 -15.91 48.81
N ASN F 164 -13.38 -16.44 49.71
CA ASN F 164 -12.36 -17.41 49.31
C ASN F 164 -13.01 -18.68 48.80
N THR F 165 -12.99 -18.87 47.48
CA THR F 165 -13.71 -19.96 46.84
C THR F 165 -12.93 -20.41 45.61
N ALA F 166 -13.51 -21.36 44.89
CA ALA F 166 -12.98 -21.75 43.59
C ALA F 166 -13.37 -20.75 42.50
N ALA F 167 -14.31 -19.84 42.80
CA ALA F 167 -14.67 -18.81 41.83
C ALA F 167 -13.50 -17.89 41.54
N ALA F 168 -12.70 -17.57 42.57
CA ALA F 168 -11.51 -16.76 42.36
C ALA F 168 -10.51 -17.49 41.47
N VAL F 169 -10.37 -18.80 41.66
CA VAL F 169 -9.48 -19.59 40.80
C VAL F 169 -9.99 -19.60 39.37
N ALA F 170 -11.31 -19.67 39.19
CA ALA F 170 -11.90 -19.71 37.86
C ALA F 170 -11.87 -18.37 37.14
N ALA F 171 -11.49 -17.29 37.83
CA ALA F 171 -11.48 -15.96 37.24
C ALA F 171 -10.11 -15.52 36.76
N VAL F 172 -9.12 -16.40 36.77
CA VAL F 172 -7.76 -16.02 36.37
C VAL F 172 -7.68 -15.87 34.86
N THR F 173 -6.86 -14.92 34.41
CA THR F 173 -6.69 -14.62 33.00
C THR F 173 -5.21 -14.74 32.64
N GLY F 174 -4.93 -14.73 31.33
CA GLY F 174 -3.56 -14.91 30.86
C GLY F 174 -2.64 -13.77 31.27
N THR F 175 -3.15 -12.54 31.28
CA THR F 175 -2.32 -11.40 31.67
C THR F 175 -1.89 -11.51 33.13
N ASP F 176 -2.81 -11.94 34.00
CA ASP F 176 -2.45 -12.15 35.40
C ASP F 176 -1.39 -13.23 35.54
N LEU F 177 -1.50 -14.30 34.76
CA LEU F 177 -0.49 -15.36 34.81
C LEU F 177 0.87 -14.86 34.35
N ALA F 178 0.89 -14.06 33.27
CA ALA F 178 2.16 -13.51 32.80
C ALA F 178 2.78 -12.58 33.84
N THR F 179 1.96 -11.74 34.47
CA THR F 179 2.47 -10.85 35.51
C THR F 179 3.01 -11.63 36.70
N ALA F 180 2.31 -12.70 37.10
CA ALA F 180 2.79 -13.54 38.19
C ALA F 180 4.10 -14.23 37.82
N LEU F 181 4.22 -14.68 36.56
CA LEU F 181 5.45 -15.29 36.12
C LEU F 181 6.62 -14.32 36.17
N PHE F 182 6.39 -13.07 35.74
CA PHE F 182 7.45 -12.07 35.81
C PHE F 182 7.81 -11.74 37.25
N SER F 183 6.82 -11.66 38.13
CA SER F 183 7.10 -11.43 39.55
C SER F 183 7.93 -12.56 40.14
N ALA F 184 7.59 -13.81 39.80
CA ALA F 184 8.37 -14.95 40.28
C ALA F 184 9.78 -14.93 39.72
N ALA F 185 9.94 -14.54 38.46
CA ALA F 185 11.27 -14.43 37.88
C ALA F 185 12.10 -13.39 38.61
N GLU F 186 11.51 -12.23 38.92
CA GLU F 186 12.25 -11.21 39.66
C GLU F 186 12.60 -11.68 41.05
N GLN F 187 11.68 -12.37 41.73
CA GLN F 187 11.95 -12.86 43.08
C GLN F 187 13.07 -13.89 43.07
N MET F 188 13.07 -14.79 42.08
CA MET F 188 14.14 -15.78 41.98
C MET F 188 15.45 -15.16 41.54
N ASP F 189 15.38 -14.01 40.85
CA ASP F 189 16.59 -13.27 40.51
C ASP F 189 17.19 -12.59 41.73
N ILE F 190 16.35 -12.10 42.64
CA ILE F 190 16.86 -11.46 43.86
C ILE F 190 17.60 -12.47 44.72
N ASN F 191 17.09 -13.70 44.83
CA ASN F 191 17.67 -14.76 45.66
C ASN F 191 18.96 -15.35 45.09
N ASN F 192 19.54 -14.75 44.05
CA ASN F 192 20.88 -15.10 43.55
C ASN F 192 20.90 -16.48 42.91
N LEU F 193 19.76 -16.94 42.40
CA LEU F 193 19.69 -18.25 41.75
C LEU F 193 20.34 -18.21 40.36
N PRO F 194 20.87 -19.34 39.90
CA PRO F 194 21.45 -19.39 38.56
C PRO F 194 20.40 -19.14 37.48
N GLU F 195 20.86 -18.63 36.34
CA GLU F 195 19.98 -18.25 35.25
C GLU F 195 19.42 -19.44 34.47
N GLU F 196 19.99 -20.62 34.64
CA GLU F 196 19.58 -21.80 33.89
C GLU F 196 18.75 -22.74 34.76
N ASP F 197 18.04 -23.65 34.08
CA ASP F 197 17.22 -24.67 34.72
C ASP F 197 16.14 -24.05 35.62
N ARG F 198 15.26 -23.29 34.99
CA ARG F 198 14.07 -22.74 35.64
C ARG F 198 12.84 -23.33 34.97
N TYR F 199 11.91 -23.85 35.77
CA TYR F 199 10.76 -24.57 35.25
C TYR F 199 9.48 -24.09 35.93
N CYS F 200 8.39 -24.13 35.18
CA CYS F 200 7.07 -23.80 35.69
C CYS F 200 6.07 -24.86 35.23
N ALA F 201 5.37 -25.48 36.17
CA ALA F 201 4.41 -26.53 35.90
C ALA F 201 3.00 -26.02 36.17
N ILE F 202 2.13 -26.10 35.17
CA ILE F 202 0.74 -25.66 35.29
C ILE F 202 -0.16 -26.66 34.58
N ASP F 203 -1.38 -26.76 35.09
CA ASP F 203 -2.38 -27.66 34.51
C ASP F 203 -2.86 -27.13 33.16
N PRO F 204 -3.45 -27.99 32.33
CA PRO F 204 -3.80 -27.55 30.96
C PRO F 204 -4.75 -26.37 30.88
N THR F 205 -5.65 -26.20 31.84
CA THR F 205 -6.57 -25.05 31.80
C THR F 205 -5.79 -23.74 31.84
N ASN F 206 -4.90 -23.59 32.83
CA ASN F 206 -4.09 -22.38 32.91
C ASN F 206 -3.14 -22.27 31.73
N TYR F 207 -2.63 -23.40 31.25
CA TYR F 207 -1.72 -23.38 30.10
C TYR F 207 -2.40 -22.79 28.87
N TYR F 208 -3.61 -23.27 28.55
CA TYR F 208 -4.31 -22.80 27.38
C TYR F 208 -4.96 -21.44 27.59
N LYS F 209 -5.13 -21.01 28.84
CA LYS F 209 -5.48 -19.60 29.06
C LYS F 209 -4.27 -18.70 28.82
N LEU F 210 -3.07 -19.19 29.16
CA LEU F 210 -1.85 -18.43 28.90
C LEU F 210 -1.55 -18.33 27.42
N VAL F 211 -1.82 -19.41 26.67
CA VAL F 211 -1.47 -19.43 25.25
C VAL F 211 -2.24 -18.37 24.48
N GLN F 212 -3.53 -18.22 24.77
CA GLN F 212 -4.37 -17.29 24.02
C GLN F 212 -3.96 -15.84 24.23
N ASN F 213 -3.20 -15.53 25.28
CA ASN F 213 -2.67 -14.19 25.49
C ASN F 213 -1.54 -13.94 24.50
N THR F 214 -1.86 -13.37 23.35
CA THR F 214 -0.94 -13.34 22.21
C THR F 214 0.22 -12.37 22.39
N THR F 215 0.44 -11.77 23.57
CA THR F 215 1.65 -10.98 23.76
C THR F 215 2.87 -11.87 23.93
N VAL F 216 2.71 -13.00 24.63
CA VAL F 216 3.83 -13.89 24.91
C VAL F 216 4.30 -14.64 23.67
N ILE F 217 3.48 -14.71 22.62
CA ILE F 217 3.83 -15.42 21.39
C ILE F 217 4.02 -14.47 20.22
N ASN F 218 4.03 -13.17 20.47
CA ASN F 218 4.23 -12.19 19.41
C ASN F 218 5.70 -12.17 18.99
N ARG F 219 5.96 -12.42 17.71
CA ARG F 219 7.34 -12.45 17.24
C ARG F 219 7.98 -11.07 17.21
N ASP F 220 7.17 -10.00 17.29
CA ASP F 220 7.74 -8.66 17.30
C ASP F 220 8.61 -8.43 18.53
N PHE F 221 8.19 -8.95 19.68
CA PHE F 221 8.92 -8.72 20.93
C PHE F 221 9.91 -9.83 21.24
N GLY F 222 9.44 -11.06 21.42
CA GLY F 222 10.34 -12.11 21.84
C GLY F 222 10.15 -13.47 21.20
N GLY F 223 9.09 -13.64 20.41
CA GLY F 223 8.87 -14.92 19.76
C GLY F 223 8.65 -16.05 20.75
N ARG F 224 9.11 -17.24 20.36
CA ARG F 224 8.99 -18.46 21.16
C ARG F 224 7.52 -18.78 21.46
N GLY F 225 6.79 -19.06 20.39
CA GLY F 225 5.40 -19.48 20.52
C GLY F 225 4.81 -19.75 19.16
N ALA F 226 3.57 -20.23 19.18
CA ALA F 226 2.85 -20.54 17.94
C ALA F 226 1.37 -20.62 18.25
N TYR F 227 0.55 -19.83 17.54
CA TYR F 227 -0.89 -19.88 17.75
C TYR F 227 -1.51 -21.12 17.15
N ALA F 228 -1.08 -21.50 15.94
CA ALA F 228 -1.65 -22.67 15.27
C ALA F 228 -1.29 -23.95 16.01
N GLU F 229 -0.01 -24.11 16.37
CA GLU F 229 0.43 -25.30 17.09
C GLU F 229 -0.11 -25.33 18.50
N GLY F 230 -0.56 -24.20 19.04
CA GLY F 230 -1.09 -24.16 20.39
C GLY F 230 -0.07 -24.44 21.47
N GLU F 231 1.12 -23.83 21.36
CA GLU F 231 2.19 -24.08 22.31
C GLU F 231 2.86 -22.78 22.69
N VAL F 232 3.26 -22.68 23.96
CA VAL F 232 4.13 -21.63 24.45
C VAL F 232 5.32 -22.31 25.14
N LEU F 233 6.51 -21.78 24.94
CA LEU F 233 7.73 -22.47 25.35
C LEU F 233 8.47 -21.79 26.49
N LYS F 234 8.62 -20.47 26.46
CA LYS F 234 9.43 -19.78 27.46
C LYS F 234 8.82 -18.42 27.77
N VAL F 235 8.68 -18.12 29.05
CA VAL F 235 8.22 -16.81 29.52
C VAL F 235 9.17 -16.33 30.59
N ALA F 236 9.81 -15.18 30.36
CA ALA F 236 10.70 -14.55 31.33
C ALA F 236 11.86 -15.45 31.73
N GLY F 237 12.35 -16.26 30.79
CA GLY F 237 13.46 -17.16 31.08
C GLY F 237 13.10 -18.43 31.80
N ILE F 238 11.81 -18.76 31.89
CA ILE F 238 11.34 -19.95 32.60
C ILE F 238 10.69 -20.89 31.60
N HIS F 239 11.02 -22.17 31.68
CA HIS F 239 10.41 -23.17 30.83
C HIS F 239 9.00 -23.49 31.33
N ILE F 240 8.12 -23.82 30.39
CA ILE F 240 6.72 -24.10 30.69
C ILE F 240 6.43 -25.55 30.32
N VAL F 241 5.85 -26.30 31.26
CA VAL F 241 5.55 -27.71 31.08
C VAL F 241 4.16 -28.00 31.62
N LYS F 242 3.39 -28.80 30.88
CA LYS F 242 2.07 -29.20 31.29
C LYS F 242 2.14 -30.45 32.16
N SER F 243 1.21 -30.57 33.10
CA SER F 243 1.19 -31.72 33.99
C SER F 243 -0.24 -31.99 34.44
N ASN F 244 -0.46 -33.19 34.97
CA ASN F 244 -1.75 -33.61 35.47
C ASN F 244 -1.72 -34.02 36.94
N HIS F 245 -0.58 -33.87 37.62
CA HIS F 245 -0.43 -34.37 38.98
C HIS F 245 -0.18 -33.25 39.99
N LEU F 246 -0.49 -32.01 39.62
CA LEU F 246 -0.32 -30.91 40.56
C LEU F 246 -1.32 -31.04 41.71
N PRO F 247 -0.94 -30.63 42.92
CA PRO F 247 -1.87 -30.74 44.06
C PRO F 247 -2.98 -29.71 43.99
N LYS F 248 -4.21 -30.17 43.76
CA LYS F 248 -5.37 -29.29 43.65
C LYS F 248 -6.46 -29.60 44.66
N THR F 249 -6.25 -30.55 45.57
CA THR F 249 -7.28 -30.97 46.50
C THR F 249 -6.73 -30.98 47.93
N ASN F 250 -7.64 -30.86 48.88
CA ASN F 250 -7.27 -31.01 50.28
C ASN F 250 -6.85 -32.45 50.56
N ARG F 251 -5.76 -32.61 51.30
CA ARG F 251 -5.18 -33.91 51.58
C ARG F 251 -5.14 -34.15 53.09
N SER F 252 -5.50 -35.35 53.50
CA SER F 252 -5.53 -35.73 54.90
C SER F 252 -4.40 -36.71 55.20
N ALA F 253 -3.85 -36.60 56.41
CA ALA F 253 -2.78 -37.50 56.82
C ALA F 253 -3.28 -38.94 56.85
N ALA F 254 -2.52 -39.83 56.21
CA ALA F 254 -2.88 -41.23 56.07
C ALA F 254 -1.86 -42.10 56.80
N THR F 255 -2.04 -43.41 56.67
CA THR F 255 -1.16 -44.38 57.30
C THR F 255 -0.05 -44.80 56.34
N GLY F 256 1.19 -44.82 56.84
CA GLY F 256 2.33 -45.21 56.06
C GLY F 256 3.24 -44.06 55.66
N GLU F 257 2.81 -42.81 55.84
CA GLU F 257 3.60 -41.65 55.49
C GLU F 257 4.20 -41.05 56.76
N ASN F 258 5.51 -40.79 56.72
CA ASN F 258 6.20 -40.14 57.82
C ASN F 258 6.47 -38.66 57.58
N ASN F 259 6.50 -38.24 56.32
CA ASN F 259 6.67 -36.84 55.95
C ASN F 259 5.33 -36.13 55.90
N THR F 260 5.38 -34.81 56.00
CA THR F 260 4.16 -33.99 56.02
C THR F 260 3.75 -33.69 54.58
N TYR F 261 3.00 -34.63 53.99
CA TYR F 261 2.47 -34.45 52.64
C TYR F 261 1.13 -33.76 52.61
N HIS F 262 0.50 -33.53 53.77
CA HIS F 262 -0.89 -33.10 53.82
C HIS F 262 -0.99 -31.61 54.12
N ALA F 263 -1.81 -30.92 53.33
CA ALA F 263 -2.09 -29.49 53.48
C ALA F 263 -3.34 -29.20 52.66
N ASN F 264 -3.68 -27.91 52.55
CA ASN F 264 -4.83 -27.47 51.75
C ASN F 264 -4.32 -26.88 50.45
N TYR F 265 -4.54 -27.59 49.34
CA TYR F 265 -4.09 -27.17 48.03
C TYR F 265 -5.25 -26.72 47.15
N THR F 266 -6.30 -26.16 47.74
CA THR F 266 -7.48 -25.79 46.98
C THR F 266 -7.19 -24.66 46.00
N ASP F 267 -6.39 -23.69 46.41
CA ASP F 267 -6.18 -22.47 45.64
C ASP F 267 -4.92 -22.49 44.78
N ASN F 268 -4.20 -23.62 44.75
CA ASN F 268 -2.96 -23.69 44.00
C ASN F 268 -3.21 -23.54 42.50
N ILE F 269 -2.32 -22.83 41.83
CA ILE F 269 -2.37 -22.61 40.39
C ILE F 269 -1.19 -23.27 39.68
N GLY F 270 0.02 -22.95 40.10
CA GLY F 270 1.21 -23.51 39.48
C GLY F 270 2.37 -23.45 40.43
N LEU F 271 3.52 -23.96 39.95
CA LEU F 271 4.74 -24.00 40.73
C LEU F 271 5.91 -23.58 39.87
N VAL F 272 6.75 -22.68 40.40
CA VAL F 272 8.03 -22.34 39.81
C VAL F 272 9.11 -22.83 40.76
N PHE F 273 9.98 -23.71 40.26
CA PHE F 273 10.92 -24.42 41.11
C PHE F 273 12.24 -24.62 40.37
N ASN F 274 13.19 -25.24 41.06
CA ASN F 274 14.51 -25.56 40.53
C ASN F 274 14.82 -27.02 40.81
N LYS F 275 15.89 -27.52 40.20
CA LYS F 275 16.22 -28.94 40.25
C LYS F 275 16.70 -29.40 41.63
N GLN F 276 16.97 -28.48 42.55
CA GLN F 276 17.50 -28.85 43.87
C GLN F 276 16.53 -28.52 44.99
N ALA F 277 15.24 -28.36 44.68
CA ALA F 277 14.28 -28.00 45.72
C ALA F 277 13.93 -29.19 46.61
N VAL F 278 13.72 -30.36 46.02
CA VAL F 278 13.23 -31.54 46.74
C VAL F 278 14.10 -32.73 46.39
N GLY F 279 14.48 -33.50 47.42
CA GLY F 279 15.28 -34.69 47.21
C GLY F 279 14.53 -35.98 47.54
N THR F 280 15.03 -37.11 47.04
CA THR F 280 14.41 -38.41 47.26
C THR F 280 15.45 -39.42 47.69
N VAL F 281 15.14 -40.19 48.73
CA VAL F 281 16.02 -41.21 49.28
C VAL F 281 15.48 -42.58 48.87
N LYS F 282 16.38 -43.44 48.38
CA LYS F 282 16.01 -44.77 47.89
C LYS F 282 16.71 -45.84 48.73
N LEU F 283 15.99 -46.92 49.02
CA LEU F 283 16.55 -48.07 49.70
C LEU F 283 16.58 -49.30 48.79
N MET F 284 15.43 -49.71 48.25
CA MET F 284 15.38 -50.71 47.20
C MET F 284 14.46 -50.22 46.10
N ASP F 285 14.78 -50.61 44.86
CA ASP F 285 14.05 -50.12 43.70
C ASP F 285 12.82 -51.00 43.45
N LEU F 286 12.18 -50.80 42.30
CA LEU F 286 11.00 -51.57 41.93
C LEU F 286 11.39 -53.02 41.66
N LYS F 287 10.54 -53.94 42.12
CA LYS F 287 10.74 -55.36 41.88
C LYS F 287 9.39 -56.05 41.80
N MET F 288 9.32 -57.09 40.98
CA MET F 288 8.12 -57.88 40.80
C MET F 288 8.36 -59.30 41.28
N GLU F 289 7.35 -59.86 41.95
CA GLU F 289 7.37 -61.25 42.37
C GLU F 289 6.13 -61.95 41.86
N GLN F 290 6.27 -63.24 41.57
CA GLN F 290 5.17 -64.04 41.05
C GLN F 290 5.27 -65.44 41.66
N THR F 291 4.29 -65.77 42.50
CA THR F 291 4.28 -67.02 43.24
C THR F 291 3.35 -68.02 42.55
N GLY F 292 3.92 -69.12 42.07
CA GLY F 292 3.12 -70.14 41.41
C GLY F 292 3.58 -71.55 41.70
N ALA F 293 4.52 -71.70 42.65
CA ALA F 293 5.05 -73.02 42.96
C ALA F 293 4.07 -73.83 43.81
N ASP F 294 3.78 -73.34 45.02
CA ASP F 294 2.82 -74.00 45.90
C ASP F 294 1.59 -73.15 46.18
N ILE F 295 1.61 -71.86 45.86
CA ILE F 295 0.43 -71.02 46.05
C ILE F 295 -0.68 -71.43 45.10
N HIS F 296 -0.32 -71.79 43.86
CA HIS F 296 -1.31 -72.28 42.91
C HIS F 296 -1.93 -73.60 43.35
N ALA F 297 -1.17 -74.43 44.08
CA ALA F 297 -1.70 -75.70 44.56
C ALA F 297 -2.66 -75.50 45.72
N LEU F 298 -2.35 -74.58 46.63
CA LEU F 298 -3.20 -74.36 47.81
C LEU F 298 -4.59 -73.90 47.39
N TYR F 299 -4.65 -72.90 46.50
CA TYR F 299 -5.90 -72.48 45.90
C TYR F 299 -5.67 -72.20 44.43
N GLN F 300 -6.65 -72.56 43.60
CA GLN F 300 -6.50 -72.45 42.15
C GLN F 300 -6.33 -70.98 41.76
N GLY F 301 -5.22 -70.68 41.11
CA GLY F 301 -4.93 -69.33 40.68
C GLY F 301 -3.46 -69.01 40.86
N THR F 302 -3.13 -67.74 40.61
CA THR F 302 -1.76 -67.26 40.70
C THR F 302 -1.76 -65.86 41.28
N PHE F 303 -0.69 -65.52 42.00
CA PHE F 303 -0.57 -64.24 42.69
C PHE F 303 0.65 -63.49 42.17
N MET F 304 0.45 -62.21 41.84
CA MET F 304 1.51 -61.35 41.33
C MET F 304 1.64 -60.13 42.24
N VAL F 305 2.88 -59.79 42.60
CA VAL F 305 3.16 -58.71 43.53
C VAL F 305 4.20 -57.77 42.93
N GLY F 306 4.14 -56.51 43.34
CA GLY F 306 5.17 -55.53 43.05
C GLY F 306 5.32 -54.58 44.21
N SER F 307 6.53 -54.09 44.47
CA SER F 307 6.75 -53.28 45.65
C SER F 307 7.87 -52.28 45.39
N MET F 308 7.86 -51.21 46.17
CA MET F 308 8.89 -50.18 46.14
C MET F 308 8.74 -49.33 47.40
N MET F 309 9.85 -48.75 47.85
CA MET F 309 9.87 -47.97 49.08
C MET F 309 10.90 -46.86 48.94
N HIS F 310 10.59 -45.70 49.51
CA HIS F 310 11.37 -44.47 49.33
C HIS F 310 10.86 -43.42 50.29
N GLY F 311 11.38 -42.20 50.15
CA GLY F 311 10.90 -41.06 50.91
C GLY F 311 11.36 -39.77 50.28
N SER F 312 10.58 -38.71 50.51
CA SER F 312 10.86 -37.39 49.96
C SER F 312 10.89 -36.36 51.08
N GLY F 313 11.59 -35.25 50.81
CA GLY F 313 11.75 -34.23 51.83
C GLY F 313 12.02 -32.87 51.21
N VAL F 314 12.30 -31.91 52.08
CA VAL F 314 12.54 -30.52 51.70
C VAL F 314 13.99 -30.17 52.01
N LEU F 315 14.70 -29.65 51.02
CA LEU F 315 16.11 -29.34 51.16
C LEU F 315 16.39 -27.85 51.13
N ARG F 316 15.97 -27.16 50.06
CA ARG F 316 16.23 -25.73 49.90
C ARG F 316 14.92 -25.01 49.62
N PRO F 317 14.27 -24.48 50.66
CA PRO F 317 13.01 -23.75 50.43
C PRO F 317 13.17 -22.50 49.58
N ASP F 318 14.38 -21.99 49.42
CA ASP F 318 14.61 -20.79 48.63
C ASP F 318 14.74 -21.07 47.13
N CYS F 319 14.30 -22.24 46.69
CA CYS F 319 14.31 -22.60 45.27
C CYS F 319 12.92 -22.88 44.73
N ALA F 320 11.88 -22.76 45.54
CA ALA F 320 10.52 -23.09 45.14
C ALA F 320 9.60 -21.90 45.40
N ILE F 321 8.70 -21.64 44.46
CA ILE F 321 7.73 -20.55 44.56
C ILE F 321 6.37 -21.11 44.16
N GLU F 322 5.34 -20.76 44.92
CA GLU F 322 3.98 -21.19 44.65
C GLU F 322 3.12 -20.01 44.24
N LEU F 323 2.31 -20.22 43.20
CA LEU F 323 1.36 -19.21 42.72
C LEU F 323 -0.05 -19.62 43.16
N TYR F 324 -0.74 -18.70 43.82
CA TYR F 324 -2.09 -18.96 44.30
C TYR F 324 -2.94 -17.71 44.16
N ALA F 325 -4.23 -17.90 44.01
CA ALA F 325 -5.19 -16.81 43.87
C ALA F 325 -6.14 -16.81 45.05
N ALA F 326 -6.47 -15.62 45.53
CA ALA F 326 -7.32 -15.47 46.71
C ALA F 326 -7.98 -14.11 46.66
N ASN F 327 -8.57 -13.69 47.77
CA ASN F 327 -9.24 -12.40 47.86
C ASN F 327 -8.81 -11.66 49.13
N SER F 328 -9.47 -10.56 49.44
CA SER F 328 -9.13 -9.76 50.61
C SER F 328 -9.31 -10.56 51.90
N ALA G 2 -44.60 1.77 -125.22
CA ALA G 2 -45.31 0.81 -124.39
C ALA G 2 -45.50 -0.51 -125.11
N ASN G 3 -44.49 -1.37 -125.04
CA ASN G 3 -44.50 -2.64 -125.74
C ASN G 3 -44.29 -3.84 -124.82
N PHE G 4 -44.23 -3.62 -123.51
CA PHE G 4 -43.96 -4.69 -122.56
C PHE G 4 -45.04 -4.71 -121.48
N THR G 5 -45.19 -5.87 -120.86
CA THR G 5 -46.05 -6.03 -119.70
C THR G 5 -45.17 -6.40 -118.52
N PRO G 6 -44.79 -5.45 -117.67
CA PRO G 6 -43.82 -5.75 -116.60
C PRO G 6 -44.43 -6.62 -115.52
N SER G 7 -43.56 -7.28 -114.77
CA SER G 7 -43.95 -8.08 -113.61
C SER G 7 -43.74 -7.19 -112.38
N ARG G 8 -44.80 -6.51 -111.96
CA ARG G 8 -44.72 -5.61 -110.82
C ARG G 8 -44.52 -6.42 -109.54
N LEU G 9 -43.32 -6.38 -108.98
CA LEU G 9 -42.99 -7.18 -107.80
C LEU G 9 -43.20 -6.43 -106.49
N GLY G 10 -43.91 -5.31 -106.51
CA GLY G 10 -44.30 -4.63 -105.28
C GLY G 10 -45.79 -4.73 -105.04
N LEU G 11 -46.52 -5.21 -106.04
CA LEU G 11 -47.95 -5.43 -105.92
C LEU G 11 -48.22 -6.66 -105.06
N VAL G 12 -49.29 -6.61 -104.26
CA VAL G 12 -49.65 -7.75 -103.44
C VAL G 12 -50.13 -8.91 -104.30
N ASN G 13 -50.92 -8.63 -105.33
CA ASN G 13 -51.28 -9.61 -106.34
C ASN G 13 -51.33 -8.88 -107.68
N ASN G 14 -51.86 -9.55 -108.69
CA ASN G 14 -52.01 -8.95 -110.01
C ASN G 14 -53.28 -8.13 -110.14
N THR G 15 -53.91 -7.77 -109.02
CA THR G 15 -55.23 -7.15 -109.00
C THR G 15 -55.26 -5.97 -108.05
N GLY G 16 -54.27 -5.08 -108.14
CA GLY G 16 -54.22 -3.93 -107.27
C GLY G 16 -53.88 -2.65 -108.04
N THR G 17 -53.91 -1.55 -107.30
CA THR G 17 -53.54 -0.23 -107.81
C THR G 17 -52.19 0.23 -107.30
N GLY G 18 -51.91 0.01 -106.01
CA GLY G 18 -50.64 0.44 -105.45
C GLY G 18 -49.50 -0.50 -105.80
N VAL G 19 -48.61 -0.05 -106.69
CA VAL G 19 -47.51 -0.88 -107.13
C VAL G 19 -46.42 -0.97 -106.06
N LYS G 20 -46.43 -0.05 -105.10
CA LYS G 20 -45.59 -0.14 -103.91
C LYS G 20 -46.35 -0.94 -102.86
N ASP G 21 -45.89 -0.84 -101.60
CA ASP G 21 -46.42 -1.38 -100.34
C ASP G 21 -46.02 -2.83 -100.07
N LEU G 22 -45.23 -3.46 -100.94
CA LEU G 22 -44.49 -4.66 -100.55
C LEU G 22 -43.04 -4.35 -100.28
N PHE G 23 -42.63 -3.09 -100.45
CA PHE G 23 -41.29 -2.61 -100.12
C PHE G 23 -41.29 -2.05 -98.71
N LEU G 24 -40.08 -1.81 -98.19
CA LEU G 24 -39.91 -1.42 -96.80
C LEU G 24 -39.41 0.02 -96.70
N LYS G 25 -39.77 0.67 -95.60
CA LYS G 25 -39.25 1.98 -95.25
C LYS G 25 -37.99 1.81 -94.42
N THR G 26 -36.94 2.55 -94.77
CA THR G 26 -35.61 2.32 -94.22
C THR G 26 -35.11 3.54 -93.46
N PHE G 27 -34.17 3.28 -92.56
CA PHE G 27 -33.48 4.35 -91.85
C PHE G 27 -32.68 5.19 -92.83
N ALA G 28 -32.80 6.52 -92.71
CA ALA G 28 -32.11 7.41 -93.63
C ALA G 28 -30.61 7.44 -93.38
N GLY G 29 -30.20 7.37 -92.12
CA GLY G 29 -28.80 7.41 -91.75
C GLY G 29 -28.40 8.60 -90.92
N GLU G 30 -29.27 9.59 -90.75
CA GLU G 30 -28.96 10.79 -89.97
C GLU G 30 -30.15 11.08 -89.06
N VAL G 31 -29.87 11.31 -87.77
CA VAL G 31 -30.89 11.57 -86.78
C VAL G 31 -30.83 13.05 -86.40
N LEU G 32 -31.98 13.72 -86.48
CA LEU G 32 -32.07 15.13 -86.14
C LEU G 32 -32.32 15.31 -84.63
N SER G 33 -32.00 16.50 -84.14
CA SER G 33 -32.13 16.80 -82.73
C SER G 33 -32.27 18.31 -82.55
N ALA G 34 -32.72 18.70 -81.36
CA ALA G 34 -32.91 20.11 -81.07
C ALA G 34 -31.58 20.85 -81.07
N PHE G 35 -31.61 22.11 -81.51
CA PHE G 35 -30.39 22.90 -81.61
C PHE G 35 -29.87 23.27 -80.23
N ARG G 36 -28.58 23.56 -80.16
CA ARG G 36 -27.94 24.04 -78.95
C ARG G 36 -27.98 25.55 -78.91
N LYS G 37 -28.60 26.11 -77.88
CA LYS G 37 -28.71 27.56 -77.76
C LYS G 37 -27.33 28.16 -77.51
N ALA G 38 -27.17 29.42 -77.91
CA ALA G 38 -25.90 30.10 -77.76
C ALA G 38 -25.62 30.39 -76.30
N THR G 39 -24.56 29.79 -75.76
CA THR G 39 -24.17 29.98 -74.37
C THR G 39 -22.97 30.92 -74.35
N ILE G 40 -23.22 32.22 -74.21
CA ILE G 40 -22.17 33.21 -74.21
C ILE G 40 -21.73 33.63 -72.82
N PHE G 41 -22.43 33.19 -71.77
CA PHE G 41 -22.05 33.52 -70.40
C PHE G 41 -21.21 32.44 -69.74
N GLU G 42 -21.13 31.23 -70.30
CA GLU G 42 -20.19 30.24 -69.80
C GLU G 42 -18.75 30.75 -69.91
N ASP G 43 -18.41 31.34 -71.05
CA ASP G 43 -17.18 32.09 -71.18
C ASP G 43 -17.44 33.51 -70.69
N LEU G 44 -16.45 34.39 -70.84
CA LEU G 44 -16.56 35.79 -70.44
C LEU G 44 -16.91 35.94 -68.96
N HIS G 45 -16.27 35.12 -68.12
CA HIS G 45 -16.25 35.36 -66.69
C HIS G 45 -15.14 34.51 -66.07
N THR G 46 -14.84 34.80 -64.80
CA THR G 46 -13.70 34.19 -64.13
C THR G 46 -14.09 32.86 -63.50
N VAL G 47 -13.33 31.80 -63.80
CA VAL G 47 -13.62 30.45 -63.33
C VAL G 47 -12.45 29.96 -62.49
N ARG G 48 -12.75 29.41 -61.32
CA ARG G 48 -11.75 28.83 -60.44
C ARG G 48 -12.23 27.46 -59.97
N THR G 49 -11.29 26.66 -59.48
CA THR G 49 -11.58 25.32 -58.98
C THR G 49 -10.95 25.14 -57.61
N ILE G 50 -11.70 24.56 -56.68
CA ILE G 50 -11.21 24.26 -55.35
C ILE G 50 -11.34 22.76 -55.12
N SER G 51 -10.70 22.28 -54.04
CA SER G 51 -10.67 20.86 -53.73
C SER G 51 -11.48 20.49 -52.49
N SER G 52 -11.76 21.44 -51.60
CA SER G 52 -12.57 21.18 -50.42
C SER G 52 -13.04 22.50 -49.84
N GLY G 53 -14.08 22.43 -49.02
CA GLY G 53 -14.64 23.60 -48.36
C GLY G 53 -16.02 23.93 -48.86
N LYS G 54 -16.68 24.81 -48.12
CA LYS G 54 -18.04 25.24 -48.45
C LYS G 54 -18.11 26.63 -49.07
N SER G 55 -17.02 27.38 -49.09
CA SER G 55 -17.00 28.72 -49.67
C SER G 55 -15.59 29.03 -50.14
N ALA G 56 -15.46 30.15 -50.85
CA ALA G 56 -14.18 30.64 -51.32
C ALA G 56 -14.07 32.14 -51.03
N GLN G 57 -12.84 32.61 -50.84
CA GLN G 57 -12.58 34.00 -50.51
C GLN G 57 -11.66 34.61 -51.56
N PHE G 58 -12.01 35.80 -52.03
CA PHE G 58 -11.18 36.56 -52.98
C PHE G 58 -10.72 37.84 -52.31
N PRO G 59 -9.46 37.93 -51.89
CA PRO G 59 -8.98 39.19 -51.29
C PRO G 59 -8.83 40.30 -52.33
N ILE G 60 -9.01 41.53 -51.87
CA ILE G 60 -8.89 42.72 -52.70
C ILE G 60 -7.89 43.67 -52.06
N VAL G 61 -6.91 44.12 -52.84
CA VAL G 61 -5.85 45.01 -52.37
C VAL G 61 -6.06 46.39 -52.95
N GLY G 62 -5.90 47.42 -52.12
CA GLY G 62 -6.08 48.80 -52.53
C GLY G 62 -4.90 49.35 -53.30
N LEU G 63 -4.67 50.65 -53.15
CA LEU G 63 -3.64 51.37 -53.90
C LEU G 63 -2.82 52.25 -52.97
N SER G 64 -1.64 52.62 -53.43
CA SER G 64 -0.64 53.32 -52.63
C SER G 64 -0.58 54.80 -53.00
N SER G 65 0.40 55.50 -52.42
CA SER G 65 0.59 56.92 -52.62
C SER G 65 2.07 57.25 -52.62
N THR G 66 2.41 58.46 -53.04
CA THR G 66 3.79 58.88 -53.20
C THR G 66 3.98 60.30 -52.68
N SER G 67 5.22 60.66 -52.39
CA SER G 67 5.55 61.99 -51.87
C SER G 67 7.04 62.24 -52.11
N TYR G 68 7.51 63.40 -51.66
CA TYR G 68 8.89 63.81 -51.80
C TYR G 68 9.64 63.63 -50.48
N HIS G 69 10.94 63.33 -50.59
CA HIS G 69 11.77 63.01 -49.44
C HIS G 69 12.70 64.17 -49.13
N SER G 70 12.79 64.53 -47.85
CA SER G 70 13.73 65.52 -47.33
C SER G 70 14.93 64.82 -46.70
N PRO G 71 16.15 65.10 -47.17
CA PRO G 71 17.29 64.27 -46.78
C PRO G 71 17.53 64.23 -45.28
N GLY G 72 17.89 63.04 -44.80
CA GLY G 72 18.26 62.88 -43.40
C GLY G 72 17.14 62.53 -42.45
N THR G 73 15.95 62.20 -42.96
CA THR G 73 14.79 61.92 -42.12
C THR G 73 14.34 60.48 -42.32
N GLN G 74 13.84 59.88 -41.24
CA GLN G 74 13.40 58.49 -41.28
C GLN G 74 12.08 58.36 -42.02
N LEU G 75 11.93 57.24 -42.73
CA LEU G 75 10.70 56.91 -43.43
C LEU G 75 9.83 56.07 -42.52
N THR G 76 8.52 56.32 -42.54
CA THR G 76 7.59 55.64 -41.64
C THR G 76 6.68 54.66 -42.39
N GLY G 77 6.03 55.11 -43.46
CA GLY G 77 5.20 54.23 -44.23
C GLY G 77 3.72 54.54 -44.15
N ASN G 78 2.96 54.15 -45.16
CA ASN G 78 1.52 54.35 -45.21
C ASN G 78 0.81 53.00 -45.18
N ALA G 79 -0.50 53.05 -45.05
CA ALA G 79 -1.33 51.86 -44.95
C ALA G 79 -2.13 51.65 -46.24
N ILE G 80 -2.44 50.39 -46.51
CA ILE G 80 -3.17 49.99 -47.71
C ILE G 80 -4.44 49.27 -47.27
N LYS G 81 -5.57 49.63 -47.90
CA LYS G 81 -6.86 49.06 -47.54
C LYS G 81 -7.00 47.63 -48.06
N HIS G 82 -7.82 46.85 -47.37
CA HIS G 82 -8.06 45.46 -47.73
C HIS G 82 -9.55 45.15 -47.62
N ALA G 83 -9.98 44.12 -48.34
CA ALA G 83 -11.36 43.64 -48.31
C ALA G 83 -11.39 42.22 -48.87
N GLU G 84 -12.59 41.66 -48.97
CA GLU G 84 -12.75 40.28 -49.43
C GLU G 84 -14.11 40.10 -50.08
N ALA G 85 -14.20 39.07 -50.93
CA ALA G 85 -15.45 38.67 -51.56
C ALA G 85 -15.62 37.16 -51.40
N VAL G 86 -16.79 36.75 -50.90
CA VAL G 86 -17.05 35.36 -50.53
C VAL G 86 -18.15 34.81 -51.42
N ILE G 87 -17.91 33.62 -51.99
CA ILE G 87 -18.84 32.94 -52.87
C ILE G 87 -19.15 31.57 -52.28
N ASN G 88 -20.42 31.29 -52.06
CA ASN G 88 -20.86 30.00 -51.52
C ASN G 88 -21.00 28.98 -52.64
N ILE G 89 -21.31 27.74 -52.25
CA ILE G 89 -21.46 26.63 -53.18
C ILE G 89 -22.89 26.09 -53.06
N ASP G 90 -23.56 25.95 -54.20
CA ASP G 90 -24.96 25.53 -54.23
C ASP G 90 -25.06 24.01 -54.11
N ASP G 91 -26.29 23.50 -54.24
CA ASP G 91 -26.54 22.07 -54.15
C ASP G 91 -26.15 21.37 -55.44
N LYS G 92 -26.40 20.06 -55.50
CA LYS G 92 -26.05 19.27 -56.66
C LYS G 92 -27.15 19.33 -57.71
N LEU G 93 -26.75 19.54 -58.96
CA LEU G 93 -27.66 19.68 -60.08
C LEU G 93 -27.59 18.41 -60.92
N VAL G 94 -28.72 17.74 -61.13
CA VAL G 94 -28.76 16.42 -61.74
C VAL G 94 -29.74 16.42 -62.91
N SER G 95 -29.44 15.60 -63.91
CA SER G 95 -30.33 15.30 -65.03
C SER G 95 -30.26 13.81 -65.31
N ASN G 96 -31.42 13.15 -65.40
CA ASN G 96 -31.47 11.70 -65.46
C ASN G 96 -32.53 11.23 -66.44
N VAL G 97 -32.40 9.97 -66.88
CA VAL G 97 -33.37 9.35 -67.78
C VAL G 97 -33.23 7.83 -67.64
N PHE G 98 -34.28 7.11 -68.04
CA PHE G 98 -34.32 5.65 -67.97
C PHE G 98 -34.82 5.07 -69.29
N ILE G 99 -34.13 4.05 -69.79
CA ILE G 99 -34.48 3.40 -71.03
C ILE G 99 -34.72 1.91 -70.77
N ALA G 100 -35.86 1.40 -71.22
CA ALA G 100 -36.20 0.00 -71.04
C ALA G 100 -35.38 -0.88 -71.97
N ASP G 101 -35.55 -2.20 -71.82
CA ASP G 101 -34.79 -3.14 -72.62
C ASP G 101 -35.46 -3.46 -73.95
N VAL G 102 -36.79 -3.50 -73.98
CA VAL G 102 -37.51 -3.79 -75.22
C VAL G 102 -37.27 -2.70 -76.25
N ASP G 103 -37.33 -1.43 -75.83
CA ASP G 103 -37.14 -0.34 -76.76
C ASP G 103 -35.73 -0.33 -77.33
N GLU G 104 -34.74 -0.65 -76.50
CA GLU G 104 -33.36 -0.70 -77.00
C GLU G 104 -33.16 -1.91 -77.91
N ALA G 105 -33.87 -3.01 -77.65
CA ALA G 105 -33.79 -4.16 -78.54
C ALA G 105 -34.41 -3.83 -79.91
N MET G 106 -35.50 -3.07 -79.93
CA MET G 106 -36.25 -2.81 -81.15
C MET G 106 -35.79 -1.57 -81.90
N ASN G 107 -34.77 -0.86 -81.42
CA ASN G 107 -34.40 0.42 -82.01
C ASN G 107 -33.39 0.23 -83.14
N HIS G 108 -33.18 1.31 -83.90
CA HIS G 108 -32.29 1.33 -85.05
C HIS G 108 -30.93 1.93 -84.71
N TYR G 109 -30.94 3.16 -84.20
CA TYR G 109 -29.76 3.97 -83.96
C TYR G 109 -29.36 3.88 -82.48
N ASP G 110 -28.35 4.67 -82.10
CA ASP G 110 -27.84 4.71 -80.74
C ASP G 110 -28.43 5.91 -80.02
N VAL G 111 -29.06 5.67 -78.86
CA VAL G 111 -29.69 6.74 -78.10
C VAL G 111 -28.85 7.23 -76.93
N ARG G 112 -27.76 6.53 -76.61
CA ARG G 112 -26.94 6.94 -75.47
C ARG G 112 -26.31 8.31 -75.70
N SER G 113 -25.67 8.49 -76.87
CA SER G 113 -24.94 9.73 -77.14
C SER G 113 -25.88 10.93 -77.24
N GLN G 114 -27.04 10.75 -77.90
CA GLN G 114 -27.99 11.84 -78.02
C GLN G 114 -28.47 12.31 -76.65
N TYR G 115 -28.80 11.37 -75.78
CA TYR G 115 -29.25 11.71 -74.44
C TYR G 115 -28.15 12.40 -73.63
N SER G 116 -26.91 11.93 -73.76
CA SER G 116 -25.81 12.59 -73.06
C SER G 116 -25.66 14.04 -73.52
N VAL G 117 -25.73 14.27 -74.84
CA VAL G 117 -25.60 15.63 -75.36
C VAL G 117 -26.73 16.51 -74.82
N GLN G 118 -27.96 15.98 -74.80
CA GLN G 118 -29.09 16.78 -74.34
C GLN G 118 -28.95 17.14 -72.86
N MET G 119 -28.48 16.19 -72.04
CA MET G 119 -28.26 16.48 -70.63
C MET G 119 -27.21 17.58 -70.44
N GLY G 120 -26.09 17.46 -71.16
CA GLY G 120 -25.07 18.50 -71.06
C GLY G 120 -25.60 19.87 -71.45
N ASN G 121 -26.41 19.92 -72.52
CA ASN G 121 -26.99 21.19 -72.95
C ASN G 121 -27.89 21.78 -71.87
N ALA G 122 -28.73 20.96 -71.24
CA ALA G 122 -29.63 21.48 -70.21
C ALA G 122 -28.86 22.06 -69.03
N LEU G 123 -27.82 21.35 -68.58
CA LEU G 123 -27.00 21.85 -67.47
C LEU G 123 -26.33 23.18 -67.86
N ALA G 124 -25.83 23.28 -69.09
CA ALA G 124 -25.21 24.52 -69.53
C ALA G 124 -26.20 25.67 -69.54
N TYR G 125 -27.44 25.42 -69.96
CA TYR G 125 -28.44 26.48 -69.98
C TYR G 125 -28.71 27.00 -68.58
N THR G 126 -28.86 26.10 -67.61
CA THR G 126 -29.09 26.55 -66.23
C THR G 126 -27.91 27.39 -65.72
N PHE G 127 -26.68 26.94 -66.01
CA PHE G 127 -25.50 27.69 -65.58
C PHE G 127 -25.50 29.10 -66.17
N ASP G 128 -25.83 29.22 -67.46
CA ASP G 128 -25.88 30.54 -68.09
C ASP G 128 -26.91 31.45 -67.43
N GLN G 129 -28.11 30.94 -67.16
CA GLN G 129 -29.12 31.78 -66.55
C GLN G 129 -28.65 32.30 -65.19
N ASN G 130 -28.03 31.42 -64.40
CA ASN G 130 -27.54 31.86 -63.09
C ASN G 130 -26.45 32.93 -63.23
N VAL G 131 -25.55 32.75 -64.19
CA VAL G 131 -24.46 33.72 -64.35
C VAL G 131 -25.01 35.08 -64.78
N ALA G 132 -25.98 35.10 -65.68
CA ALA G 132 -26.57 36.37 -66.10
C ALA G 132 -27.27 37.09 -64.94
N ALA G 133 -28.02 36.34 -64.13
CA ALA G 133 -28.64 36.95 -62.96
C ALA G 133 -27.60 37.53 -62.02
N MET G 134 -26.47 36.83 -61.87
CA MET G 134 -25.40 37.34 -61.01
C MET G 134 -24.79 38.61 -61.57
N ILE G 135 -24.66 38.71 -62.90
CA ILE G 135 -24.13 39.94 -63.50
C ILE G 135 -25.06 41.11 -63.23
N ALA G 136 -26.37 40.90 -63.34
CA ALA G 136 -27.31 41.97 -63.02
C ALA G 136 -27.21 42.38 -61.56
N GLN G 137 -27.13 41.40 -60.65
CA GLN G 137 -27.01 41.72 -59.22
C GLN G 137 -25.72 42.48 -58.94
N ALA G 138 -24.63 42.14 -59.64
CA ALA G 138 -23.39 42.90 -59.51
C ALA G 138 -23.57 44.33 -59.97
N ALA G 139 -24.30 44.52 -61.07
CA ALA G 139 -24.53 45.88 -61.56
C ALA G 139 -25.37 46.71 -60.59
N ARG G 140 -26.22 46.06 -59.79
CA ARG G 140 -27.09 46.79 -58.89
C ARG G 140 -26.49 47.07 -57.50
N THR G 141 -25.17 46.92 -57.34
CA THR G 141 -24.54 47.13 -56.03
C THR G 141 -23.95 48.54 -55.95
N SER G 142 -24.40 49.32 -54.96
CA SER G 142 -24.02 50.72 -54.89
C SER G 142 -22.61 50.93 -54.35
N THR G 143 -22.18 50.12 -53.37
CA THR G 143 -20.93 50.35 -52.66
C THR G 143 -20.00 49.16 -52.84
N ASN G 144 -18.78 49.43 -53.30
CA ASN G 144 -17.76 48.40 -53.42
C ASN G 144 -17.32 47.93 -52.04
N PRO G 145 -17.02 46.63 -51.87
CA PRO G 145 -16.50 46.18 -50.57
C PRO G 145 -15.21 46.87 -50.15
N ASN G 146 -14.34 47.21 -51.09
CA ASN G 146 -13.16 48.01 -50.80
C ASN G 146 -13.48 49.47 -51.08
N THR G 147 -13.33 50.31 -50.06
CA THR G 147 -13.77 51.71 -50.17
C THR G 147 -13.00 52.46 -51.25
N ASP G 148 -11.75 52.06 -51.51
CA ASP G 148 -10.91 52.75 -52.48
C ASP G 148 -11.44 52.66 -53.90
N LEU G 149 -12.38 51.75 -54.20
CA LEU G 149 -12.84 51.53 -55.55
C LEU G 149 -14.30 51.95 -55.71
N PRO G 150 -14.71 52.32 -56.93
CA PRO G 150 -16.10 52.77 -57.14
C PRO G 150 -17.07 51.59 -57.22
N GLY G 151 -18.36 51.93 -57.23
CA GLY G 151 -19.42 50.95 -57.25
C GLY G 151 -20.14 50.86 -58.58
N GLY G 152 -21.29 50.16 -58.55
CA GLY G 152 -22.05 49.92 -59.76
C GLY G 152 -22.89 51.12 -60.20
N THR G 153 -23.33 51.06 -61.46
CA THR G 153 -24.07 52.15 -62.06
C THR G 153 -25.25 51.60 -62.86
N ARG G 154 -26.32 52.39 -62.93
CA ARG G 154 -27.49 52.09 -63.74
C ARG G 154 -27.84 53.31 -64.59
N ILE G 155 -28.14 53.09 -65.86
CA ILE G 155 -28.44 54.15 -66.81
C ILE G 155 -29.91 54.08 -67.17
N LYS G 156 -30.61 55.20 -66.99
CA LYS G 156 -32.06 55.26 -67.12
C LYS G 156 -32.46 55.84 -68.47
N ILE G 157 -33.53 55.30 -69.04
CA ILE G 157 -34.13 55.81 -70.27
C ILE G 157 -35.58 56.17 -69.98
N LEU G 158 -35.90 57.46 -70.05
CA LEU G 158 -37.27 57.93 -69.85
C LEU G 158 -38.05 57.74 -71.15
N LYS G 159 -39.15 56.97 -71.09
CA LYS G 159 -39.85 56.61 -72.31
C LYS G 159 -41.37 56.61 -72.24
N SER G 160 -41.99 57.07 -71.15
CA SER G 160 -43.44 57.00 -71.10
C SER G 160 -43.97 57.94 -70.02
N GLY G 161 -45.31 58.01 -69.95
CA GLY G 161 -46.00 58.74 -68.91
C GLY G 161 -46.73 57.89 -67.88
N THR G 162 -46.65 56.57 -67.99
CA THR G 162 -47.31 55.65 -67.07
C THR G 162 -46.34 55.29 -65.95
N ALA G 163 -46.82 54.49 -64.99
CA ALA G 163 -45.94 53.96 -63.97
C ALA G 163 -44.94 52.98 -64.58
N ASN G 164 -44.10 52.39 -63.73
CA ASN G 164 -43.11 51.43 -64.23
C ASN G 164 -43.84 50.24 -64.83
N THR G 165 -43.84 50.14 -66.16
CA THR G 165 -44.68 49.21 -66.88
C THR G 165 -43.91 48.67 -68.08
N ALA G 166 -44.59 47.83 -68.87
CA ALA G 166 -44.01 47.26 -70.08
C ALA G 166 -44.14 48.17 -71.30
N ALA G 167 -44.99 49.19 -71.23
CA ALA G 167 -45.10 50.12 -72.35
C ALA G 167 -43.80 50.87 -72.57
N ALA G 168 -43.13 51.26 -71.49
CA ALA G 168 -41.84 51.93 -71.60
C ALA G 168 -40.79 51.01 -72.22
N VAL G 169 -40.82 49.72 -71.87
CA VAL G 169 -39.86 48.78 -72.44
C VAL G 169 -40.14 48.56 -73.93
N ALA G 170 -41.42 48.50 -74.30
CA ALA G 170 -41.77 48.29 -75.70
C ALA G 170 -41.64 49.55 -76.55
N ALA G 171 -41.53 50.72 -75.93
CA ALA G 171 -41.50 51.98 -76.67
C ALA G 171 -40.08 52.49 -76.92
N VAL G 172 -39.05 51.70 -76.65
CA VAL G 172 -37.67 52.15 -76.82
C VAL G 172 -37.31 52.10 -78.30
N THR G 173 -36.71 53.16 -78.80
CA THR G 173 -36.25 53.27 -80.18
C THR G 173 -34.73 53.10 -80.25
N GLY G 174 -34.20 53.23 -81.46
CA GLY G 174 -32.77 52.99 -81.65
C GLY G 174 -31.90 54.14 -81.17
N THR G 175 -32.41 55.37 -81.27
CA THR G 175 -31.62 56.53 -80.85
C THR G 175 -31.32 56.50 -79.36
N ASP G 176 -32.32 56.14 -78.55
CA ASP G 176 -32.09 56.02 -77.12
C ASP G 176 -31.09 54.91 -76.82
N LEU G 177 -31.15 53.81 -77.57
CA LEU G 177 -30.20 52.73 -77.38
C LEU G 177 -28.78 53.18 -77.69
N ALA G 178 -28.59 53.93 -78.77
CA ALA G 178 -27.26 54.45 -79.10
C ALA G 178 -26.76 55.41 -78.05
N THR G 179 -27.64 56.30 -77.56
CA THR G 179 -27.24 57.23 -76.51
C THR G 179 -26.82 56.49 -75.24
N ALA G 180 -27.60 55.48 -74.84
CA ALA G 180 -27.25 54.72 -73.65
C ALA G 180 -25.95 53.95 -73.84
N LEU G 181 -25.73 53.41 -75.04
CA LEU G 181 -24.46 52.74 -75.33
C LEU G 181 -23.27 53.68 -75.14
N PHE G 182 -23.36 54.89 -75.69
CA PHE G 182 -22.22 55.80 -75.58
C PHE G 182 -22.05 56.31 -74.15
N SER G 183 -23.16 56.48 -73.42
CA SER G 183 -23.05 56.84 -72.01
C SER G 183 -22.36 55.74 -71.22
N ALA G 184 -22.71 54.49 -71.46
CA ALA G 184 -22.06 53.37 -70.79
C ALA G 184 -20.58 53.29 -71.14
N ALA G 185 -20.24 53.55 -72.40
CA ALA G 185 -18.83 53.55 -72.78
C ALA G 185 -18.06 54.64 -72.05
N GLU G 186 -18.64 55.84 -71.94
CA GLU G 186 -17.98 56.91 -71.20
C GLU G 186 -17.80 56.54 -69.74
N GLN G 187 -18.84 55.96 -69.12
CA GLN G 187 -18.73 55.56 -67.71
C GLN G 187 -17.68 54.48 -67.52
N MET G 188 -17.55 53.56 -68.48
CA MET G 188 -16.52 52.54 -68.38
C MET G 188 -15.13 53.15 -68.52
N ASP G 189 -15.00 54.18 -69.34
CA ASP G 189 -13.72 54.88 -69.45
C ASP G 189 -13.38 55.63 -68.18
N ILE G 190 -14.39 56.19 -67.51
CA ILE G 190 -14.16 56.91 -66.26
C ILE G 190 -13.61 55.98 -65.18
N ASN G 191 -14.13 54.75 -65.13
CA ASN G 191 -13.77 53.78 -64.09
C ASN G 191 -12.41 53.14 -64.29
N ASN G 192 -11.60 53.59 -65.25
CA ASN G 192 -10.23 53.10 -65.43
C ASN G 192 -10.20 51.62 -65.82
N LEU G 193 -11.23 51.17 -66.53
CA LEU G 193 -11.29 49.78 -66.96
C LEU G 193 -10.33 49.54 -68.13
N PRO G 194 -9.77 48.33 -68.23
CA PRO G 194 -8.89 48.02 -69.37
C PRO G 194 -9.66 48.08 -70.69
N GLU G 195 -8.90 48.31 -71.77
CA GLU G 195 -9.51 48.51 -73.08
C GLU G 195 -9.86 47.21 -73.79
N GLU G 196 -9.45 46.07 -73.26
CA GLU G 196 -9.74 44.78 -73.88
C GLU G 196 -10.88 44.08 -73.15
N ASP G 197 -11.62 43.26 -73.89
CA ASP G 197 -12.69 42.43 -73.35
C ASP G 197 -13.83 43.26 -72.78
N ARG G 198 -14.34 44.17 -73.59
CA ARG G 198 -15.54 44.95 -73.26
C ARG G 198 -16.71 44.42 -74.08
N TYR G 199 -17.82 44.14 -73.42
CA TYR G 199 -18.94 43.47 -74.05
C TYR G 199 -20.25 44.16 -73.69
N CYS G 200 -21.24 44.00 -74.57
CA CYS G 200 -22.60 44.42 -74.30
C CYS G 200 -23.54 43.30 -74.73
N ALA G 201 -24.46 42.93 -73.86
CA ALA G 201 -25.41 41.85 -74.13
C ALA G 201 -26.81 42.43 -74.24
N ILE G 202 -27.50 42.10 -75.33
CA ILE G 202 -28.81 42.66 -75.62
C ILE G 202 -29.63 41.62 -76.39
N ASP G 203 -30.94 41.67 -76.20
CA ASP G 203 -31.84 40.68 -76.77
C ASP G 203 -32.23 41.02 -78.20
N PRO G 204 -32.69 40.04 -78.99
CA PRO G 204 -32.83 40.26 -80.45
C PRO G 204 -33.69 41.44 -80.85
N THR G 205 -34.80 41.70 -80.17
CA THR G 205 -35.65 42.82 -80.57
C THR G 205 -34.89 44.14 -80.51
N ASN G 206 -34.28 44.43 -79.37
CA ASN G 206 -33.50 45.65 -79.25
C ASN G 206 -32.24 45.61 -80.10
N TYR G 207 -31.67 44.41 -80.31
CA TYR G 207 -30.50 44.28 -81.17
C TYR G 207 -30.80 44.78 -82.58
N TYR G 208 -31.90 44.29 -83.17
CA TYR G 208 -32.23 44.69 -84.53
C TYR G 208 -32.92 46.05 -84.59
N LYS G 209 -33.40 46.56 -83.46
CA LYS G 209 -33.76 47.98 -83.40
C LYS G 209 -32.53 48.86 -83.50
N LEU G 210 -31.44 48.46 -82.83
CA LEU G 210 -30.23 49.27 -82.76
C LEU G 210 -29.37 49.17 -84.02
N VAL G 211 -29.32 48.00 -84.66
CA VAL G 211 -28.43 47.83 -85.80
C VAL G 211 -28.82 48.76 -86.94
N GLN G 212 -30.11 49.03 -87.10
CA GLN G 212 -30.58 49.90 -88.18
C GLN G 212 -30.20 51.35 -87.97
N ASN G 213 -29.73 51.73 -86.79
CA ASN G 213 -29.36 53.12 -86.52
C ASN G 213 -28.09 53.47 -87.30
N THR G 214 -28.00 54.75 -87.70
CA THR G 214 -26.94 55.22 -88.58
C THR G 214 -25.71 55.72 -87.82
N THR G 215 -25.75 55.74 -86.50
CA THR G 215 -24.65 56.24 -85.69
C THR G 215 -23.63 55.16 -85.33
N VAL G 216 -24.08 53.91 -85.17
CA VAL G 216 -23.21 52.82 -84.75
C VAL G 216 -22.42 52.22 -85.89
N ILE G 217 -22.48 52.79 -87.09
CA ILE G 217 -21.84 52.26 -88.27
C ILE G 217 -20.49 52.95 -88.47
N ASN G 218 -19.50 52.18 -88.93
CA ASN G 218 -18.15 52.68 -89.25
C ASN G 218 -17.38 53.07 -87.97
N ARG G 219 -17.44 52.22 -86.96
CA ARG G 219 -16.77 52.46 -85.68
C ARG G 219 -15.96 51.24 -85.27
N ASP G 220 -15.17 50.69 -86.20
CA ASP G 220 -14.40 49.48 -85.94
C ASP G 220 -13.00 49.85 -85.44
N PHE G 221 -12.93 50.16 -84.15
CA PHE G 221 -11.64 50.35 -83.50
C PHE G 221 -11.80 50.12 -82.01
N GLY G 222 -10.72 49.72 -81.36
CA GLY G 222 -10.73 49.46 -79.94
C GLY G 222 -9.94 48.20 -79.63
N GLY G 223 -10.23 47.63 -78.46
CA GLY G 223 -9.51 46.45 -78.01
C GLY G 223 -9.83 45.21 -78.82
N ARG G 224 -9.12 44.13 -78.50
CA ARG G 224 -9.23 42.91 -79.29
C ARG G 224 -10.40 42.04 -78.82
N GLY G 225 -10.35 41.58 -77.57
CA GLY G 225 -11.42 40.75 -77.07
C GLY G 225 -11.49 39.40 -77.74
N ALA G 226 -12.52 38.65 -77.38
CA ALA G 226 -12.80 37.37 -78.02
C ALA G 226 -13.54 37.62 -79.33
N TYR G 227 -14.02 36.55 -79.98
CA TYR G 227 -14.67 36.65 -81.28
C TYR G 227 -13.78 37.36 -82.29
N ALA G 228 -12.49 37.05 -82.24
CA ALA G 228 -11.49 37.74 -83.05
C ALA G 228 -11.43 37.24 -84.48
N GLU G 229 -12.27 36.28 -84.87
CA GLU G 229 -12.23 35.73 -86.22
C GLU G 229 -12.76 36.76 -87.19
N GLY G 230 -11.83 37.53 -87.78
CA GLY G 230 -12.21 38.60 -88.68
C GLY G 230 -13.03 39.66 -87.98
N GLU G 231 -14.08 40.11 -88.66
CA GLU G 231 -15.01 41.10 -88.12
C GLU G 231 -16.39 40.46 -88.02
N VAL G 232 -16.98 40.52 -86.82
CA VAL G 232 -18.34 40.07 -86.59
C VAL G 232 -19.21 41.16 -85.98
N LEU G 233 -18.71 41.84 -84.95
CA LEU G 233 -19.54 42.70 -84.12
C LEU G 233 -18.67 43.62 -83.26
N LYS G 234 -18.79 44.94 -83.46
CA LYS G 234 -17.95 45.90 -82.76
C LYS G 234 -18.45 47.31 -82.95
N VAL G 235 -18.47 48.10 -81.86
CA VAL G 235 -18.79 49.52 -81.92
C VAL G 235 -17.83 50.28 -80.99
N ALA G 236 -16.82 50.92 -81.58
CA ALA G 236 -15.90 51.80 -80.86
C ALA G 236 -15.30 51.13 -79.62
N GLY G 237 -14.89 49.87 -79.76
CA GLY G 237 -14.28 49.13 -78.68
C GLY G 237 -15.20 48.19 -77.94
N ILE G 238 -16.51 48.35 -78.07
CA ILE G 238 -17.50 47.51 -77.40
C ILE G 238 -17.98 46.45 -78.38
N HIS G 239 -17.99 45.19 -77.95
CA HIS G 239 -18.50 44.10 -78.75
C HIS G 239 -19.94 43.81 -78.35
N ILE G 240 -20.83 43.76 -79.33
CA ILE G 240 -22.26 43.64 -79.08
C ILE G 240 -22.71 42.26 -79.51
N VAL G 241 -23.31 41.52 -78.58
CA VAL G 241 -23.70 40.13 -78.80
C VAL G 241 -25.17 39.95 -78.45
N LYS G 242 -25.73 38.85 -78.92
CA LYS G 242 -27.13 38.53 -78.69
C LYS G 242 -27.24 37.36 -77.70
N SER G 243 -28.28 37.38 -76.88
CA SER G 243 -28.51 36.32 -75.91
C SER G 243 -29.98 36.26 -75.57
N ASN G 244 -30.46 35.05 -75.28
CA ASN G 244 -31.85 34.83 -74.88
C ASN G 244 -32.01 34.60 -73.39
N HIS G 245 -30.92 34.65 -72.61
CA HIS G 245 -30.95 34.32 -71.19
C HIS G 245 -30.83 35.54 -70.29
N LEU G 246 -31.14 36.73 -70.80
CA LEU G 246 -31.12 37.90 -69.96
C LEU G 246 -32.28 37.84 -68.96
N PRO G 247 -32.10 38.43 -67.77
CA PRO G 247 -33.19 38.42 -66.78
C PRO G 247 -34.25 39.45 -67.13
N LYS G 248 -35.45 38.98 -67.43
CA LYS G 248 -36.55 39.85 -67.85
C LYS G 248 -37.81 39.70 -67.01
N THR G 249 -37.83 38.77 -66.06
CA THR G 249 -38.99 38.55 -65.21
C THR G 249 -38.55 38.58 -63.75
N ASN G 250 -39.44 39.07 -62.88
CA ASN G 250 -39.12 39.06 -61.46
C ASN G 250 -39.04 37.64 -60.96
N ARG G 251 -38.03 37.37 -60.14
CA ARG G 251 -37.59 36.02 -59.84
C ARG G 251 -37.71 35.76 -58.34
N SER G 252 -38.09 34.54 -57.98
CA SER G 252 -38.32 34.16 -56.60
C SER G 252 -37.28 33.17 -56.11
N ALA G 253 -37.22 32.99 -54.80
CA ALA G 253 -36.26 32.09 -54.20
C ALA G 253 -36.63 30.63 -54.46
N ALA G 254 -35.61 29.80 -54.67
CA ALA G 254 -35.80 28.38 -54.90
C ALA G 254 -34.89 27.60 -53.96
N THR G 255 -35.39 26.48 -53.45
CA THR G 255 -34.62 25.66 -52.54
C THR G 255 -33.44 25.02 -53.27
N GLY G 256 -32.28 24.99 -52.60
CA GLY G 256 -31.07 24.49 -53.18
C GLY G 256 -30.07 25.55 -53.60
N GLU G 257 -30.48 26.80 -53.65
CA GLU G 257 -29.61 27.92 -54.01
C GLU G 257 -29.12 28.59 -52.74
N ASN G 258 -27.80 28.68 -52.58
CA ASN G 258 -27.19 29.29 -51.41
C ASN G 258 -26.69 30.70 -51.66
N ASN G 259 -26.96 31.27 -52.83
CA ASN G 259 -26.65 32.65 -53.15
C ASN G 259 -27.95 33.42 -53.39
N THR G 260 -27.82 34.71 -53.61
CA THR G 260 -28.97 35.59 -53.80
C THR G 260 -29.13 35.87 -55.30
N TYR G 261 -30.06 35.15 -55.93
CA TYR G 261 -30.36 35.34 -57.35
C TYR G 261 -31.67 36.08 -57.59
N HIS G 262 -32.54 36.16 -56.60
CA HIS G 262 -33.89 36.68 -56.80
C HIS G 262 -33.92 38.19 -56.72
N ALA G 263 -34.67 38.81 -57.62
CA ALA G 263 -34.88 40.25 -57.67
C ALA G 263 -35.98 40.52 -58.69
N ASN G 264 -36.27 41.80 -58.92
CA ASN G 264 -37.28 42.23 -59.89
C ASN G 264 -36.54 42.78 -61.10
N TYR G 265 -36.53 42.01 -62.19
CA TYR G 265 -35.76 42.34 -63.39
C TYR G 265 -36.65 42.82 -64.54
N THR G 266 -37.89 43.19 -64.26
CA THR G 266 -38.84 43.47 -65.34
C THR G 266 -38.49 44.75 -66.12
N ASP G 267 -37.62 45.61 -65.57
CA ASP G 267 -37.22 46.83 -66.26
C ASP G 267 -35.90 46.70 -67.02
N ASN G 268 -35.30 45.51 -67.03
CA ASN G 268 -34.00 45.34 -67.65
C ASN G 268 -34.09 45.46 -69.17
N ILE G 269 -33.02 46.00 -69.77
CA ILE G 269 -32.92 46.10 -71.22
C ILE G 269 -31.62 45.44 -71.71
N GLY G 270 -30.49 45.84 -71.14
CA GLY G 270 -29.21 45.31 -71.56
C GLY G 270 -28.18 45.42 -70.46
N LEU G 271 -27.07 44.73 -70.65
CA LEU G 271 -25.98 44.70 -69.69
C LEU G 271 -24.66 45.01 -70.39
N VAL G 272 -23.91 45.96 -69.85
CA VAL G 272 -22.56 46.26 -70.30
C VAL G 272 -21.62 45.88 -69.17
N PHE G 273 -20.67 44.99 -69.45
CA PHE G 273 -19.88 44.37 -68.40
C PHE G 273 -18.48 44.05 -68.91
N ASN G 274 -17.68 43.46 -68.04
CA ASN G 274 -16.31 43.03 -68.31
C ASN G 274 -16.18 41.56 -67.91
N LYS G 275 -14.95 41.03 -68.02
CA LYS G 275 -14.74 39.63 -67.73
C LYS G 275 -14.56 39.34 -66.24
N GLN G 276 -14.48 40.36 -65.40
CA GLN G 276 -14.21 40.19 -63.98
C GLN G 276 -15.36 40.64 -63.10
N ALA G 277 -16.55 40.85 -63.67
CA ALA G 277 -17.67 41.28 -62.85
C ALA G 277 -18.20 40.16 -61.96
N VAL G 278 -18.16 38.92 -62.46
CA VAL G 278 -18.74 37.77 -61.78
C VAL G 278 -17.75 36.62 -61.86
N GLY G 279 -17.62 35.87 -60.75
CA GLY G 279 -16.77 34.70 -60.74
C GLY G 279 -17.50 33.45 -60.30
N THR G 280 -16.94 32.29 -60.62
CA THR G 280 -17.54 31.01 -60.27
C THR G 280 -16.48 30.12 -59.62
N VAL G 281 -16.95 29.23 -58.74
CA VAL G 281 -16.09 28.29 -58.02
C VAL G 281 -16.63 26.89 -58.24
N LYS G 282 -15.81 26.02 -58.83
CA LYS G 282 -16.20 24.66 -59.15
C LYS G 282 -15.65 23.71 -58.11
N LEU G 283 -16.51 22.87 -57.55
CA LEU G 283 -16.09 21.83 -56.63
C LEU G 283 -15.95 20.48 -57.32
N MET G 284 -16.97 20.08 -58.09
CA MET G 284 -16.89 18.90 -58.95
C MET G 284 -17.29 19.30 -60.36
N ASP G 285 -16.50 18.90 -61.35
CA ASP G 285 -16.76 19.23 -62.73
C ASP G 285 -17.90 18.37 -63.28
N LEU G 286 -18.21 18.57 -64.56
CA LEU G 286 -19.27 17.81 -65.19
C LEU G 286 -18.91 16.33 -65.26
N LYS G 287 -19.89 15.46 -65.02
CA LYS G 287 -19.64 14.03 -64.94
C LYS G 287 -20.88 13.28 -65.40
N MET G 288 -20.67 12.24 -66.20
CA MET G 288 -21.75 11.38 -66.70
C MET G 288 -21.58 9.99 -66.12
N GLU G 289 -22.69 9.39 -65.70
CA GLU G 289 -22.67 8.07 -65.08
C GLU G 289 -23.76 7.21 -65.71
N GLN G 290 -23.63 5.90 -65.52
CA GLN G 290 -24.54 4.93 -66.15
C GLN G 290 -24.41 3.60 -65.42
N THR G 291 -25.55 2.97 -65.13
CA THR G 291 -25.61 1.74 -64.34
C THR G 291 -26.00 0.59 -65.24
N GLY G 292 -25.25 -0.52 -65.15
CA GLY G 292 -25.56 -1.67 -65.97
C GLY G 292 -25.33 -3.03 -65.34
N ALA G 293 -25.07 -3.10 -64.03
CA ALA G 293 -24.68 -4.37 -63.42
C ALA G 293 -25.84 -5.04 -62.68
N ASP G 294 -26.38 -4.39 -61.65
CA ASP G 294 -27.46 -4.97 -60.86
C ASP G 294 -28.81 -4.33 -61.14
N ILE G 295 -28.82 -3.10 -61.63
CA ILE G 295 -30.07 -2.46 -62.04
C ILE G 295 -30.71 -3.26 -63.18
N HIS G 296 -29.89 -3.74 -64.11
CA HIS G 296 -30.40 -4.53 -65.22
C HIS G 296 -31.11 -5.78 -64.72
N ALA G 297 -30.56 -6.42 -63.69
CA ALA G 297 -31.19 -7.63 -63.16
C ALA G 297 -32.45 -7.28 -62.37
N LEU G 298 -32.41 -6.24 -61.55
CA LEU G 298 -33.56 -5.91 -60.71
C LEU G 298 -34.76 -5.47 -61.54
N TYR G 299 -34.55 -4.50 -62.43
CA TYR G 299 -35.57 -4.13 -63.41
C TYR G 299 -34.89 -3.81 -64.73
N GLN G 300 -35.24 -4.56 -65.77
CA GLN G 300 -34.46 -4.59 -67.00
C GLN G 300 -34.42 -3.22 -67.64
N GLY G 301 -33.24 -2.62 -67.67
CA GLY G 301 -33.07 -1.31 -68.27
C GLY G 301 -31.74 -0.70 -67.88
N THR G 302 -31.54 0.53 -68.34
CA THR G 302 -30.33 1.28 -68.07
C THR G 302 -30.69 2.66 -67.55
N PHE G 303 -29.86 3.17 -66.65
CA PHE G 303 -30.08 4.47 -66.02
C PHE G 303 -28.87 5.36 -66.29
N MET G 304 -29.12 6.64 -66.55
CA MET G 304 -28.07 7.62 -66.80
C MET G 304 -28.27 8.83 -65.91
N VAL G 305 -27.16 9.36 -65.37
CA VAL G 305 -27.17 10.56 -64.55
C VAL G 305 -26.10 11.51 -65.08
N GLY G 306 -26.31 12.81 -64.89
CA GLY G 306 -25.31 13.81 -65.17
C GLY G 306 -25.38 14.92 -64.15
N SER G 307 -24.27 15.19 -63.45
CA SER G 307 -24.30 16.10 -62.31
C SER G 307 -23.10 17.02 -62.34
N MET G 308 -23.21 18.13 -61.60
CA MET G 308 -22.17 19.13 -61.54
C MET G 308 -22.43 20.04 -60.35
N MET G 309 -21.34 20.49 -59.71
CA MET G 309 -21.41 21.32 -58.51
C MET G 309 -20.56 22.57 -58.66
N HIS G 310 -21.15 23.73 -58.37
CA HIS G 310 -20.44 25.00 -58.47
C HIS G 310 -21.23 26.06 -57.71
N GLY G 311 -20.77 27.30 -57.83
CA GLY G 311 -21.46 28.44 -57.26
C GLY G 311 -20.94 29.72 -57.87
N SER G 312 -21.80 30.74 -57.93
CA SER G 312 -21.47 32.00 -58.57
C SER G 312 -21.75 33.16 -57.63
N GLY G 313 -21.03 34.26 -57.84
CA GLY G 313 -21.16 35.42 -56.98
C GLY G 313 -20.60 36.66 -57.63
N VAL G 314 -20.69 37.76 -56.88
CA VAL G 314 -20.27 39.09 -57.35
C VAL G 314 -18.84 39.32 -56.89
N LEU G 315 -17.99 39.76 -57.82
CA LEU G 315 -16.59 40.04 -57.49
C LEU G 315 -16.30 41.54 -57.44
N ARG G 316 -16.55 42.25 -58.53
CA ARG G 316 -16.19 43.67 -58.64
C ARG G 316 -17.38 44.44 -59.21
N PRO G 317 -18.16 45.12 -58.36
CA PRO G 317 -19.31 45.87 -58.87
C PRO G 317 -18.95 47.03 -59.78
N ASP G 318 -17.69 47.45 -59.82
CA ASP G 318 -17.31 48.56 -60.69
C ASP G 318 -17.07 48.14 -62.13
N CYS G 319 -17.10 46.84 -62.43
CA CYS G 319 -16.93 46.34 -63.78
C CYS G 319 -18.25 45.98 -64.45
N ALA G 320 -19.37 46.44 -63.91
CA ALA G 320 -20.69 46.10 -64.43
C ALA G 320 -21.58 47.34 -64.51
N ILE G 321 -22.31 47.46 -65.60
CA ILE G 321 -23.25 48.57 -65.83
C ILE G 321 -24.52 47.99 -66.42
N GLU G 322 -25.66 48.56 -66.05
CA GLU G 322 -26.96 48.07 -66.50
C GLU G 322 -27.79 49.20 -67.09
N LEU G 323 -28.47 48.91 -68.19
CA LEU G 323 -29.40 49.84 -68.82
C LEU G 323 -30.82 49.39 -68.54
N TYR G 324 -31.67 50.32 -68.11
CA TYR G 324 -33.05 50.00 -67.78
C TYR G 324 -33.96 51.13 -68.23
N ALA G 325 -35.22 50.80 -68.46
CA ALA G 325 -36.20 51.74 -68.98
C ALA G 325 -37.29 51.97 -67.95
N ALA G 326 -37.53 53.23 -67.61
CA ALA G 326 -38.56 53.59 -66.64
C ALA G 326 -39.19 54.92 -67.06
N ASN G 327 -40.08 55.42 -66.21
CA ASN G 327 -40.78 56.68 -66.41
C ASN G 327 -40.57 57.58 -65.19
N SER G 328 -41.30 58.69 -65.16
CA SER G 328 -41.20 59.68 -64.09
C SER G 328 -41.19 59.06 -62.70
#